data_5LG5
#
_entry.id   5LG5
#
_cell.length_a   60.220
_cell.length_b   142.320
_cell.length_c   146.020
_cell.angle_alpha   90.00
_cell.angle_beta   90.00
_cell.angle_gamma   90.00
#
_symmetry.space_group_name_H-M   'P 21 21 21'
#
loop_
_entity.id
_entity.type
_entity.pdbx_description
1 polymer 'Allantoin racemase'
2 water water
#
_entity_poly.entity_id   1
_entity_poly.type   'polypeptide(L)'
_entity_poly.pdbx_seq_one_letter_code
;MRILVVNVNTTASITETIAEQARAVASPGTEIVGLTPYFGAESVEGNFESYLAAIAVMDRVMAYDQPFDAVIQAGYGEHG
REGLQELLNVPVVDITEAAASTAMFLGHAYSVVTTLDRTVPLIEDRLKLAGLYQRCASVRASGMAVLELEEDPVAAMEAI
VRQAELAIREDKAEVICLGCGGMAGLDEQIRQRTGVPVVDGVTAAVTIAESLVRLGLSTSKIRTYATPRPKKVIGWPGRL
GR
;
_entity_poly.pdbx_strand_id   A,B,C,D,F,G
#
# COMPACT_ATOMS: atom_id res chain seq x y z
N MET A 1 -23.47 -4.47 33.62
CA MET A 1 -22.02 -4.42 33.39
C MET A 1 -21.47 -3.05 33.78
N ARG A 2 -20.18 -3.00 34.12
CA ARG A 2 -19.51 -1.76 34.44
C ARG A 2 -18.38 -1.46 33.45
N ILE A 3 -18.38 -0.26 32.88
CA ILE A 3 -17.37 0.13 31.92
C ILE A 3 -16.58 1.30 32.48
N LEU A 4 -15.26 1.16 32.57
CA LEU A 4 -14.41 2.28 32.88
C LEU A 4 -14.23 3.12 31.64
N VAL A 5 -14.48 4.41 31.76
CA VAL A 5 -14.22 5.35 30.68
C VAL A 5 -13.15 6.28 31.21
N VAL A 6 -11.94 6.14 30.68
CA VAL A 6 -10.79 6.81 31.26
C VAL A 6 -10.36 7.99 30.42
N ASN A 7 -10.43 9.18 31.02
CA ASN A 7 -9.94 10.40 30.39
C ASN A 7 -8.44 10.23 30.21
N VAL A 8 -7.89 10.80 29.14
CA VAL A 8 -6.46 10.68 28.93
C VAL A 8 -5.74 11.86 29.58
N ASN A 9 -6.47 12.92 29.86
CA ASN A 9 -5.89 14.06 30.56
C ASN A 9 -6.32 14.11 32.02
N THR A 10 -5.72 15.03 32.78
CA THR A 10 -5.95 15.10 34.22
C THR A 10 -6.98 16.15 34.61
N THR A 11 -7.68 16.70 33.62
CA THR A 11 -8.74 17.67 33.85
C THR A 11 -10.04 16.96 34.19
N ALA A 12 -10.40 16.98 35.47
CA ALA A 12 -11.57 16.23 35.95
C ALA A 12 -12.91 16.67 35.35
N SER A 13 -13.04 17.93 34.99
CA SER A 13 -14.30 18.39 34.42
C SER A 13 -14.55 17.74 33.06
N ILE A 14 -13.48 17.49 32.33
CA ILE A 14 -13.58 16.80 31.06
C ILE A 14 -13.98 15.34 31.26
N THR A 15 -13.39 14.69 32.26
CA THR A 15 -13.77 13.32 32.60
C THR A 15 -15.27 13.21 32.83
N GLU A 16 -15.78 14.19 33.57
CA GLU A 16 -17.20 14.29 33.92
C GLU A 16 -18.05 14.46 32.67
N THR A 17 -17.62 15.35 31.79
CA THR A 17 -18.32 15.57 30.52
C THR A 17 -18.39 14.29 29.68
N ILE A 18 -17.25 13.61 29.56
CA ILE A 18 -17.17 12.40 28.77
C ILE A 18 -18.06 11.30 29.36
N ALA A 19 -18.00 11.14 30.67
CA ALA A 19 -18.80 10.11 31.34
C ALA A 19 -20.29 10.38 31.17
N GLU A 20 -20.66 11.66 31.24
CA GLU A 20 -22.03 12.08 31.07
C GLU A 20 -22.49 11.71 29.66
N GLN A 21 -21.66 12.00 28.66
CA GLN A 21 -21.99 11.59 27.29
C GLN A 21 -22.06 10.08 27.15
N ALA A 22 -21.14 9.39 27.82
CA ALA A 22 -21.13 7.93 27.79
C ALA A 22 -22.41 7.40 28.41
N ARG A 23 -22.81 7.98 29.52
CA ARG A 23 -24.02 7.54 30.20
C ARG A 23 -25.28 7.72 29.34
N ALA A 24 -25.29 8.74 28.50
CA ALA A 24 -26.44 9.06 27.67
C ALA A 24 -26.84 7.96 26.68
N VAL A 25 -25.87 7.18 26.22
CA VAL A 25 -26.16 6.13 25.25
C VAL A 25 -26.13 4.73 25.83
N ALA A 26 -25.59 4.61 27.03
CA ALA A 26 -25.39 3.31 27.67
C ALA A 26 -26.71 2.55 27.83
N SER A 27 -26.65 1.23 27.68
CA SER A 27 -27.82 0.36 27.86
C SER A 27 -28.23 0.32 29.33
N PRO A 28 -29.52 0.03 29.62
CA PRO A 28 -29.96 -0.08 31.01
C PRO A 28 -29.12 -1.13 31.77
N GLY A 29 -28.61 -0.78 32.94
CA GLY A 29 -27.79 -1.72 33.70
C GLY A 29 -26.29 -1.56 33.40
N THR A 30 -25.95 -0.69 32.46
CA THR A 30 -24.55 -0.46 32.17
C THR A 30 -24.12 0.71 33.04
N GLU A 31 -23.19 0.45 33.94
CA GLU A 31 -22.68 1.51 34.78
C GLU A 31 -21.43 2.09 34.13
N ILE A 32 -21.43 3.40 33.96
CA ILE A 32 -20.26 4.10 33.46
C ILE A 32 -19.52 4.68 34.64
N VAL A 33 -18.22 4.36 34.72
CA VAL A 33 -17.35 4.95 35.73
C VAL A 33 -16.27 5.80 35.08
N GLY A 34 -16.37 7.12 35.23
CA GLY A 34 -15.37 8.01 34.67
C GLY A 34 -14.16 8.15 35.57
N LEU A 35 -12.98 7.89 34.99
CA LEU A 35 -11.73 7.97 35.74
C LEU A 35 -10.81 9.04 35.18
N THR A 36 -10.15 9.76 36.08
CA THR A 36 -9.14 10.75 35.73
C THR A 36 -7.82 10.18 36.17
N PRO A 37 -6.81 10.17 35.29
CA PRO A 37 -5.49 9.62 35.66
C PRO A 37 -4.89 10.38 36.83
N TYR A 38 -4.03 9.73 37.60
CA TYR A 38 -3.49 10.36 38.80
C TYR A 38 -2.38 11.33 38.48
N PHE A 39 -1.82 11.24 37.27
CA PHE A 39 -0.79 12.16 36.83
C PHE A 39 -0.87 12.42 35.31
N GLY A 40 -0.09 13.38 34.82
CA GLY A 40 -0.13 13.72 33.40
C GLY A 40 -0.60 15.14 33.11
N ALA A 41 -0.73 15.45 31.81
CA ALA A 41 -1.09 16.79 31.40
C ALA A 41 -2.60 17.03 31.48
N GLU A 42 -2.98 18.30 31.66
CA GLU A 42 -4.37 18.71 31.72
C GLU A 42 -5.06 18.60 30.36
N SER A 43 -4.26 18.62 29.31
CA SER A 43 -4.72 18.35 27.96
C SER A 43 -3.59 17.67 27.20
N VAL A 44 -3.91 16.68 26.39
CA VAL A 44 -2.89 15.89 25.68
C VAL A 44 -2.73 16.39 24.26
N GLU A 45 -1.63 17.08 24.00
CA GLU A 45 -1.46 17.73 22.71
C GLU A 45 -0.08 17.46 22.14
N GLY A 46 0.22 16.20 21.83
CA GLY A 46 1.52 15.92 21.27
C GLY A 46 2.06 14.61 21.80
N ASN A 47 3.22 14.21 21.29
CA ASN A 47 3.79 12.90 21.56
C ASN A 47 4.16 12.65 23.01
N PHE A 48 4.88 13.59 23.60
CA PHE A 48 5.32 13.44 24.98
C PHE A 48 4.14 13.28 25.94
N GLU A 49 3.17 14.19 25.83
CA GLU A 49 1.98 14.13 26.67
C GLU A 49 1.18 12.86 26.38
N SER A 50 1.17 12.43 25.12
CA SER A 50 0.48 11.20 24.74
C SER A 50 1.14 9.97 25.36
N TYR A 51 2.46 9.91 25.32
CA TYR A 51 3.16 8.79 25.95
C TYR A 51 2.95 8.80 27.47
N LEU A 52 2.99 9.99 28.05
CA LEU A 52 2.73 10.15 29.48
C LEU A 52 1.30 9.74 29.77
N ALA A 53 0.37 10.17 28.93
CA ALA A 53 -1.03 9.80 29.12
C ALA A 53 -1.21 8.29 29.03
N ALA A 54 -0.43 7.64 28.17
CA ALA A 54 -0.54 6.19 28.03
C ALA A 54 -0.30 5.49 29.37
N ILE A 55 0.80 5.81 30.04
CA ILE A 55 1.10 5.18 31.33
C ILE A 55 0.13 5.62 32.41
N ALA A 56 -0.20 6.91 32.41
CA ALA A 56 -1.17 7.46 33.36
C ALA A 56 -2.48 6.68 33.30
N VAL A 57 -2.95 6.40 32.09
CA VAL A 57 -4.19 5.65 31.95
C VAL A 57 -4.05 4.21 32.48
N MET A 58 -2.96 3.55 32.12
CA MET A 58 -2.71 2.19 32.58
C MET A 58 -2.64 2.11 34.10
N ASP A 59 -1.88 3.03 34.68
CA ASP A 59 -1.79 3.15 36.13
C ASP A 59 -3.15 3.38 36.77
N ARG A 60 -3.92 4.29 36.18
CA ARG A 60 -5.22 4.64 36.72
C ARG A 60 -6.14 3.43 36.73
N VAL A 61 -6.12 2.68 35.63
CA VAL A 61 -6.97 1.51 35.49
C VAL A 61 -6.53 0.39 36.44
N MET A 62 -5.23 0.19 36.57
CA MET A 62 -4.72 -0.82 37.49
C MET A 62 -5.08 -0.50 38.94
N ALA A 63 -4.86 0.75 39.34
CA ALA A 63 -5.30 1.25 40.65
C ALA A 63 -6.79 1.01 40.95
N TYR A 64 -7.60 0.74 39.93
CA TYR A 64 -9.03 0.62 40.15
C TYR A 64 -9.42 -0.64 40.92
N ASP A 65 -9.92 -0.39 42.12
CA ASP A 65 -10.35 -1.40 43.10
C ASP A 65 -11.55 -2.29 42.75
N GLN A 66 -12.51 -1.75 42.00
CA GLN A 66 -13.77 -2.43 41.76
C GLN A 66 -13.75 -3.27 40.47
N PRO A 67 -14.58 -4.33 40.44
CA PRO A 67 -14.69 -5.13 39.21
C PRO A 67 -15.21 -4.31 38.04
N PHE A 68 -14.81 -4.67 36.83
CA PHE A 68 -15.30 -4.01 35.63
C PHE A 68 -15.24 -4.95 34.42
N ASP A 69 -16.05 -4.67 33.40
CA ASP A 69 -16.22 -5.59 32.29
C ASP A 69 -15.60 -5.12 30.99
N ALA A 70 -15.26 -3.84 30.93
CA ALA A 70 -14.63 -3.26 29.75
C ALA A 70 -14.02 -1.95 30.14
N VAL A 71 -13.11 -1.47 29.30
CA VAL A 71 -12.47 -0.20 29.50
C VAL A 71 -12.50 0.57 28.19
N ILE A 72 -12.88 1.84 28.29
CA ILE A 72 -12.82 2.73 27.15
C ILE A 72 -11.73 3.75 27.40
N GLN A 73 -10.79 3.86 26.46
CA GLN A 73 -9.78 4.92 26.57
C GLN A 73 -10.22 6.13 25.75
N ALA A 74 -10.46 7.23 26.44
CA ALA A 74 -11.14 8.38 25.86
C ALA A 74 -10.26 9.55 25.46
N GLY A 75 -9.44 9.36 24.45
CA GLY A 75 -8.70 10.46 23.84
C GLY A 75 -8.60 10.21 22.35
N TYR A 76 -8.45 11.26 21.54
CA TYR A 76 -8.27 11.05 20.10
C TYR A 76 -6.80 11.10 19.70
N GLY A 77 -6.26 9.94 19.32
CA GLY A 77 -4.91 9.87 18.80
C GLY A 77 -3.83 9.67 19.84
N GLU A 78 -4.24 9.27 21.05
CA GLU A 78 -3.30 9.02 22.16
C GLU A 78 -2.80 7.59 22.17
N HIS A 79 -1.64 7.39 22.80
CA HIS A 79 -1.06 6.08 22.92
C HIS A 79 -1.67 5.32 24.09
N GLY A 80 -1.45 4.01 24.13
CA GLY A 80 -1.73 3.24 25.33
C GLY A 80 -2.68 2.05 25.25
N ARG A 81 -3.58 2.03 24.26
CA ARG A 81 -4.55 0.93 24.12
C ARG A 81 -3.91 -0.43 24.26
N GLU A 82 -2.80 -0.62 23.55
CA GLU A 82 -2.09 -1.87 23.54
C GLU A 82 -1.59 -2.29 24.92
N GLY A 83 -1.26 -1.29 25.74
CA GLY A 83 -0.81 -1.55 27.10
C GLY A 83 -1.92 -2.11 27.96
N LEU A 84 -3.09 -1.47 27.89
CA LEU A 84 -4.25 -1.93 28.61
C LEU A 84 -4.63 -3.35 28.19
N GLN A 85 -4.61 -3.58 26.88
CA GLN A 85 -4.98 -4.88 26.34
C GLN A 85 -4.11 -6.01 26.90
N GLU A 86 -2.84 -5.72 27.13
CA GLU A 86 -1.95 -6.69 27.75
C GLU A 86 -2.30 -6.84 29.22
N LEU A 87 -2.52 -5.72 29.90
CA LEU A 87 -2.77 -5.74 31.34
C LEU A 87 -4.09 -6.40 31.73
N LEU A 88 -5.11 -6.26 30.87
CA LEU A 88 -6.49 -6.63 31.20
C LEU A 88 -6.94 -7.89 30.51
N ASN A 89 -7.92 -8.56 31.11
CA ASN A 89 -8.63 -9.66 30.47
C ASN A 89 -10.07 -9.30 30.19
N VAL A 90 -10.31 -8.01 29.95
CA VAL A 90 -11.60 -7.54 29.48
C VAL A 90 -11.32 -6.72 28.23
N PRO A 91 -12.31 -6.59 27.34
CA PRO A 91 -12.10 -5.82 26.12
C PRO A 91 -11.74 -4.36 26.42
N VAL A 92 -10.89 -3.80 25.58
CA VAL A 92 -10.49 -2.40 25.65
C VAL A 92 -10.89 -1.73 24.35
N VAL A 93 -11.55 -0.58 24.40
CA VAL A 93 -11.82 0.12 23.16
C VAL A 93 -11.40 1.58 23.22
N ASP A 94 -10.60 2.00 22.24
CA ASP A 94 -10.20 3.39 22.25
C ASP A 94 -11.20 4.17 21.38
N ILE A 95 -11.56 5.38 21.83
CA ILE A 95 -12.60 6.14 21.13
C ILE A 95 -12.20 6.53 19.70
N THR A 96 -10.90 6.56 19.44
CA THR A 96 -10.38 6.88 18.11
C THR A 96 -10.81 5.81 17.13
N GLU A 97 -10.51 4.57 17.48
CA GLU A 97 -10.85 3.44 16.64
C GLU A 97 -12.35 3.15 16.63
N ALA A 98 -13.00 3.37 17.76
CA ALA A 98 -14.45 3.20 17.81
C ALA A 98 -15.09 4.16 16.81
N ALA A 99 -14.66 5.40 16.81
CA ALA A 99 -15.25 6.37 15.89
C ALA A 99 -15.04 5.99 14.42
N ALA A 100 -13.79 5.72 14.04
CA ALA A 100 -13.51 5.40 12.64
C ALA A 100 -14.21 4.10 12.23
N SER A 101 -14.16 3.12 13.12
CA SER A 101 -14.77 1.82 12.82
C SER A 101 -16.28 1.91 12.58
N THR A 102 -17.00 2.67 13.41
CA THR A 102 -18.43 2.82 13.18
C THR A 102 -18.69 3.74 11.98
N ALA A 103 -17.84 4.73 11.79
CA ALA A 103 -17.98 5.59 10.61
C ALA A 103 -17.92 4.79 9.29
N MET A 104 -17.08 3.76 9.29
CA MET A 104 -16.88 2.96 8.09
C MET A 104 -18.13 2.21 7.66
N PHE A 105 -19.03 1.94 8.61
CA PHE A 105 -20.30 1.32 8.24
C PHE A 105 -21.26 2.29 7.56
N LEU A 106 -20.94 3.58 7.58
CA LEU A 106 -21.91 4.59 7.21
C LEU A 106 -21.68 5.27 5.88
N GLY A 107 -20.48 5.14 5.33
CA GLY A 107 -20.16 5.82 4.08
C GLY A 107 -18.91 5.29 3.43
N HIS A 108 -18.66 5.73 2.20
CA HIS A 108 -17.54 5.21 1.42
C HIS A 108 -16.19 5.65 2.02
N ALA A 109 -16.19 6.80 2.70
CA ALA A 109 -14.98 7.35 3.32
C ALA A 109 -15.34 8.23 4.50
N TYR A 110 -14.46 8.29 5.50
CA TYR A 110 -14.71 9.16 6.64
C TYR A 110 -13.56 10.12 6.83
N SER A 111 -13.83 11.26 7.46
CA SER A 111 -12.75 12.16 7.86
C SER A 111 -12.84 12.46 9.35
N VAL A 112 -11.69 12.67 9.97
CA VAL A 112 -11.66 13.06 11.37
C VAL A 112 -11.33 14.53 11.44
N VAL A 113 -12.11 15.28 12.20
CA VAL A 113 -11.85 16.70 12.42
C VAL A 113 -11.41 16.95 13.84
N THR A 114 -10.19 17.43 14.01
CA THR A 114 -9.70 17.67 15.36
C THR A 114 -9.35 19.13 15.62
N THR A 115 -8.66 19.34 16.74
CA THR A 115 -8.32 20.65 17.28
C THR A 115 -7.01 21.17 16.69
N LEU A 116 -5.89 20.70 17.25
CA LEU A 116 -4.58 21.18 16.84
C LEU A 116 -3.98 20.43 15.69
N ASP A 117 -3.34 21.18 14.80
CA ASP A 117 -2.66 20.64 13.64
C ASP A 117 -1.59 19.62 14.06
N ARG A 118 -0.96 19.85 15.21
CA ARG A 118 0.10 18.97 15.63
C ARG A 118 -0.40 17.59 16.11
N THR A 119 -1.71 17.46 16.37
CA THR A 119 -2.25 16.18 16.81
C THR A 119 -2.68 15.33 15.62
N VAL A 120 -2.79 15.98 14.47
CA VAL A 120 -3.22 15.32 13.24
C VAL A 120 -2.35 14.10 12.92
N PRO A 121 -1.00 14.28 12.91
CA PRO A 121 -0.21 13.09 12.59
C PRO A 121 -0.32 11.99 13.64
N LEU A 122 -0.59 12.36 14.89
CA LEU A 122 -0.81 11.39 15.95
C LEU A 122 -2.04 10.52 15.69
N ILE A 123 -3.13 11.18 15.29
CA ILE A 123 -4.36 10.47 14.94
C ILE A 123 -4.17 9.57 13.71
N GLU A 124 -3.52 10.09 12.69
CA GLU A 124 -3.22 9.34 11.48
C GLU A 124 -2.47 8.06 11.81
N ASP A 125 -1.44 8.21 12.65
CA ASP A 125 -0.62 7.09 13.05
C ASP A 125 -1.44 6.07 13.84
N ARG A 126 -2.30 6.55 14.74
CA ARG A 126 -3.15 5.62 15.48
C ARG A 126 -4.09 4.86 14.54
N LEU A 127 -4.66 5.57 13.56
CA LEU A 127 -5.57 4.93 12.61
C LEU A 127 -4.83 3.94 11.71
N LYS A 128 -3.63 4.31 11.27
CA LYS A 128 -2.84 3.41 10.45
C LYS A 128 -2.51 2.13 11.22
N LEU A 129 -2.07 2.32 12.46
CA LEU A 129 -1.68 1.18 13.30
C LEU A 129 -2.88 0.28 13.56
N ALA A 130 -4.06 0.88 13.70
CA ALA A 130 -5.27 0.12 13.96
C ALA A 130 -5.83 -0.53 12.68
N GLY A 131 -5.24 -0.19 11.53
CA GLY A 131 -5.70 -0.73 10.27
C GLY A 131 -7.06 -0.22 9.85
N LEU A 132 -7.32 1.04 10.22
CA LEU A 132 -8.59 1.69 9.90
C LEU A 132 -8.36 2.91 9.02
N TYR A 133 -7.13 3.11 8.54
CA TYR A 133 -6.84 4.34 7.79
C TYR A 133 -7.18 4.28 6.31
N GLN A 134 -7.31 3.08 5.73
CA GLN A 134 -7.57 3.00 4.29
C GLN A 134 -8.82 3.77 3.83
N ARG A 135 -9.87 3.79 4.65
CA ARG A 135 -11.07 4.52 4.26
C ARG A 135 -11.15 5.92 4.87
N CYS A 136 -10.06 6.35 5.47
CA CYS A 136 -10.01 7.71 6.01
C CYS A 136 -9.67 8.67 4.89
N ALA A 137 -10.59 9.56 4.56
CA ALA A 137 -10.37 10.57 3.52
C ALA A 137 -9.34 11.61 3.97
N SER A 138 -9.35 11.94 5.27
CA SER A 138 -8.42 12.91 5.84
C SER A 138 -8.59 13.05 7.35
N VAL A 139 -7.53 13.53 8.00
CA VAL A 139 -7.61 14.01 9.37
C VAL A 139 -7.32 15.51 9.29
N ARG A 140 -8.25 16.32 9.76
CA ARG A 140 -8.14 17.77 9.66
C ARG A 140 -8.21 18.48 11.02
N ALA A 141 -7.40 19.52 11.16
CA ALA A 141 -7.42 20.35 12.37
C ALA A 141 -8.11 21.69 12.10
N SER A 142 -8.90 22.15 13.04
CA SER A 142 -9.43 23.51 12.94
C SER A 142 -8.33 24.52 13.28
N GLY A 143 -7.44 24.13 14.19
CA GLY A 143 -6.37 25.00 14.67
C GLY A 143 -6.66 25.66 16.02
N MET A 144 -7.73 25.25 16.68
CA MET A 144 -8.10 25.84 17.97
C MET A 144 -7.97 24.77 19.07
N ALA A 145 -7.33 25.13 20.19
CA ALA A 145 -6.97 24.18 21.26
C ALA A 145 -8.08 23.44 22.03
N VAL A 146 -7.69 22.30 22.60
CA VAL A 146 -8.55 21.42 23.40
C VAL A 146 -9.27 22.15 24.54
N LEU A 147 -8.50 22.91 25.32
CA LEU A 147 -9.04 23.64 26.46
C LEU A 147 -9.85 24.84 26.00
N GLU A 148 -9.57 25.27 24.77
CA GLU A 148 -10.25 26.40 24.13
C GLU A 148 -11.69 26.05 23.71
N LEU A 149 -11.98 24.74 23.64
CA LEU A 149 -13.30 24.28 23.20
C LEU A 149 -14.36 24.69 24.22
N GLU A 150 -14.01 24.64 25.50
CA GLU A 150 -14.91 25.12 26.54
C GLU A 150 -14.70 26.59 26.89
N GLU A 151 -13.57 27.18 26.46
CA GLU A 151 -13.31 28.58 26.82
C GLU A 151 -13.74 29.56 25.74
N ASP A 152 -13.51 29.21 24.47
CA ASP A 152 -13.91 30.10 23.38
C ASP A 152 -14.45 29.26 22.20
N PRO A 153 -15.65 28.68 22.37
CA PRO A 153 -16.25 27.70 21.44
C PRO A 153 -16.91 28.17 20.12
N VAL A 154 -17.47 29.37 20.01
CA VAL A 154 -18.23 29.72 18.79
C VAL A 154 -17.35 29.88 17.55
N ALA A 155 -16.24 30.60 17.67
CA ALA A 155 -15.32 30.74 16.54
C ALA A 155 -14.73 29.36 16.28
N ALA A 156 -14.51 28.63 17.36
CA ALA A 156 -14.05 27.25 17.32
C ALA A 156 -15.10 26.38 16.62
N MET A 157 -16.36 26.64 16.98
CA MET A 157 -17.49 25.91 16.45
C MET A 157 -17.50 25.99 14.93
N GLU A 158 -17.39 27.21 14.44
CA GLU A 158 -17.33 27.49 13.02
C GLU A 158 -16.11 26.86 12.36
N ALA A 159 -14.97 26.93 13.04
CA ALA A 159 -13.74 26.41 12.48
C ALA A 159 -13.85 24.92 12.21
N ILE A 160 -14.49 24.20 13.11
CA ILE A 160 -14.69 22.76 12.98
C ILE A 160 -15.66 22.41 11.85
N VAL A 161 -16.78 23.12 11.80
CA VAL A 161 -17.74 22.93 10.72
C VAL A 161 -17.10 23.14 9.35
N ARG A 162 -16.27 24.17 9.25
CA ARG A 162 -15.57 24.46 8.01
C ARG A 162 -14.65 23.32 7.60
N GLN A 163 -13.91 22.78 8.56
CA GLN A 163 -13.02 21.66 8.27
C GLN A 163 -13.82 20.44 7.86
N ALA A 164 -14.97 20.25 8.51
CA ALA A 164 -15.87 19.18 8.11
C ALA A 164 -16.35 19.42 6.67
N GLU A 165 -16.72 20.67 6.36
CA GLU A 165 -17.18 20.99 5.02
C GLU A 165 -16.12 20.73 3.97
N LEU A 166 -14.88 21.08 4.29
CA LEU A 166 -13.76 20.89 3.37
C LEU A 166 -13.44 19.40 3.21
N ALA A 167 -13.53 18.65 4.30
CA ALA A 167 -13.32 17.20 4.24
C ALA A 167 -14.33 16.57 3.29
N ILE A 168 -15.57 17.04 3.33
CA ILE A 168 -16.58 16.54 2.40
C ILE A 168 -16.36 16.99 0.96
N ARG A 169 -16.22 18.30 0.79
CA ARG A 169 -16.14 18.89 -0.54
C ARG A 169 -14.81 18.54 -1.22
N GLU A 170 -13.69 18.71 -0.50
CA GLU A 170 -12.37 18.46 -1.06
C GLU A 170 -11.86 17.03 -0.89
N ASP A 171 -12.01 16.46 0.31
CA ASP A 171 -11.40 15.16 0.62
C ASP A 171 -12.35 13.99 0.32
N LYS A 172 -13.59 14.32 -0.01
CA LYS A 172 -14.65 13.35 -0.33
C LYS A 172 -15.08 12.47 0.84
N ALA A 173 -14.94 13.00 2.05
CA ALA A 173 -15.49 12.37 3.23
C ALA A 173 -17.00 12.29 3.07
N GLU A 174 -17.61 11.23 3.60
CA GLU A 174 -19.06 11.07 3.57
C GLU A 174 -19.59 10.98 5.00
N VAL A 175 -18.66 10.80 5.93
CA VAL A 175 -18.91 10.75 7.36
C VAL A 175 -17.86 11.56 8.11
N ILE A 176 -18.26 12.27 9.16
CA ILE A 176 -17.31 13.02 9.97
C ILE A 176 -17.13 12.38 11.36
N CYS A 177 -15.88 12.19 11.76
CA CYS A 177 -15.58 11.81 13.15
C CYS A 177 -15.06 13.02 13.91
N LEU A 178 -15.67 13.31 15.06
CA LEU A 178 -15.15 14.32 15.99
C LEU A 178 -13.79 13.93 16.56
N GLY A 179 -12.90 14.91 16.64
CA GLY A 179 -11.50 14.65 16.98
C GLY A 179 -10.95 15.27 18.25
N CYS A 180 -11.78 15.42 19.27
CA CYS A 180 -11.27 15.80 20.60
C CYS A 180 -12.14 15.15 21.66
N GLY A 181 -11.51 14.64 22.72
CA GLY A 181 -12.25 13.95 23.77
C GLY A 181 -13.33 14.87 24.29
N GLY A 182 -12.97 16.15 24.38
CA GLY A 182 -13.88 17.22 24.76
C GLY A 182 -14.87 17.63 23.68
N MET A 183 -14.81 16.98 22.52
CA MET A 183 -15.78 17.25 21.45
C MET A 183 -17.06 16.42 21.59
N ALA A 184 -17.10 15.53 22.59
CA ALA A 184 -18.29 14.70 22.81
C ALA A 184 -19.54 15.59 22.86
N GLY A 185 -20.55 15.25 22.06
CA GLY A 185 -21.80 16.00 22.05
C GLY A 185 -21.96 17.09 20.99
N LEU A 186 -20.99 17.26 20.10
CA LEU A 186 -20.98 18.39 19.16
C LEU A 186 -21.58 18.11 17.76
N ASP A 187 -22.06 16.89 17.56
CA ASP A 187 -22.41 16.43 16.23
C ASP A 187 -23.50 17.25 15.51
N GLU A 188 -24.37 17.90 16.28
CA GLU A 188 -25.62 18.43 15.72
C GLU A 188 -25.46 19.42 14.57
N GLN A 189 -24.63 20.44 14.74
CA GLN A 189 -24.49 21.45 13.70
C GLN A 189 -23.82 20.93 12.45
N ILE A 190 -22.78 20.13 12.66
CA ILE A 190 -22.06 19.57 11.54
C ILE A 190 -22.99 18.70 10.75
N ARG A 191 -23.78 17.89 11.44
CA ARG A 191 -24.70 16.98 10.76
C ARG A 191 -25.62 17.78 9.85
N GLN A 192 -26.24 18.81 10.41
CA GLN A 192 -27.17 19.65 9.67
C GLN A 192 -26.50 20.47 8.54
N ARG A 193 -25.32 21.01 8.80
CA ARG A 193 -24.72 21.86 7.78
C ARG A 193 -24.02 21.07 6.68
N THR A 194 -23.66 19.84 7.00
CA THR A 194 -22.92 19.02 6.05
C THR A 194 -23.87 18.07 5.39
N GLY A 195 -24.88 17.63 6.14
CA GLY A 195 -25.79 16.62 5.61
C GLY A 195 -25.15 15.25 5.65
N VAL A 196 -24.13 15.08 6.50
CA VAL A 196 -23.53 13.76 6.68
C VAL A 196 -23.61 13.30 8.12
N PRO A 197 -23.58 11.97 8.34
CA PRO A 197 -23.54 11.45 9.71
C PRO A 197 -22.29 11.93 10.39
N VAL A 198 -22.41 12.22 11.68
CA VAL A 198 -21.27 12.63 12.49
C VAL A 198 -21.11 11.62 13.62
N VAL A 199 -19.91 11.09 13.79
CA VAL A 199 -19.67 10.06 14.79
C VAL A 199 -18.90 10.59 15.99
N ASP A 200 -19.47 10.35 17.19
CA ASP A 200 -18.80 10.69 18.44
C ASP A 200 -18.11 9.41 18.97
N GLY A 201 -16.78 9.45 19.06
CA GLY A 201 -16.04 8.29 19.52
C GLY A 201 -16.45 7.83 20.90
N VAL A 202 -16.80 8.77 21.78
CA VAL A 202 -17.22 8.41 23.14
C VAL A 202 -18.44 7.51 23.13
N THR A 203 -19.48 7.94 22.41
CA THR A 203 -20.71 7.16 22.37
C THR A 203 -20.57 5.90 21.50
N ALA A 204 -19.82 6.03 20.41
CA ALA A 204 -19.48 4.86 19.62
C ALA A 204 -18.79 3.81 20.49
N ALA A 205 -17.79 4.25 21.25
CA ALA A 205 -17.01 3.33 22.09
C ALA A 205 -17.86 2.59 23.11
N VAL A 206 -18.80 3.32 23.72
CA VAL A 206 -19.73 2.71 24.65
C VAL A 206 -20.49 1.56 24.00
N THR A 207 -21.04 1.81 22.82
CA THR A 207 -21.81 0.78 22.16
C THR A 207 -20.96 -0.44 21.79
N ILE A 208 -19.71 -0.19 21.39
CA ILE A 208 -18.81 -1.28 21.01
C ILE A 208 -18.39 -2.09 22.24
N ALA A 209 -17.98 -1.40 23.30
CA ALA A 209 -17.60 -2.08 24.55
C ALA A 209 -18.74 -2.92 25.10
N GLU A 210 -19.94 -2.33 25.14
CA GLU A 210 -21.11 -3.08 25.58
C GLU A 210 -21.31 -4.30 24.71
N SER A 211 -21.18 -4.11 23.40
CA SER A 211 -21.39 -5.18 22.45
C SER A 211 -20.43 -6.32 22.65
N LEU A 212 -19.15 -5.98 22.85
CA LEU A 212 -18.12 -7.00 23.06
C LEU A 212 -18.48 -7.82 24.30
N VAL A 213 -18.85 -7.13 25.38
CA VAL A 213 -19.26 -7.83 26.60
C VAL A 213 -20.47 -8.72 26.33
N ARG A 214 -21.47 -8.19 25.64
CA ARG A 214 -22.66 -8.98 25.30
C ARG A 214 -22.33 -10.19 24.43
N LEU A 215 -21.31 -10.06 23.59
CA LEU A 215 -20.90 -11.12 22.67
C LEU A 215 -19.97 -12.15 23.32
N GLY A 216 -19.63 -11.93 24.59
CA GLY A 216 -18.74 -12.83 25.29
C GLY A 216 -17.34 -12.79 24.74
N LEU A 217 -16.94 -11.61 24.26
CA LEU A 217 -15.65 -11.45 23.61
C LEU A 217 -14.70 -10.65 24.47
N SER A 218 -13.44 -11.08 24.53
CA SER A 218 -12.41 -10.28 25.19
C SER A 218 -11.13 -10.36 24.41
N THR A 219 -10.17 -9.54 24.82
CA THR A 219 -8.87 -9.47 24.18
C THR A 219 -8.25 -10.84 24.03
N SER A 220 -7.76 -11.14 22.83
CA SER A 220 -7.00 -12.35 22.62
C SER A 220 -5.70 -12.30 23.43
N LYS A 221 -5.43 -13.34 24.21
CA LYS A 221 -4.23 -13.35 25.04
C LYS A 221 -3.17 -14.26 24.43
N ILE A 222 -3.33 -14.61 23.17
CA ILE A 222 -2.48 -15.63 22.53
C ILE A 222 -1.07 -15.15 22.17
N ARG A 223 -0.91 -13.86 21.86
CA ARG A 223 0.36 -13.40 21.35
C ARG A 223 0.67 -11.99 21.75
N THR A 224 0.30 -11.06 20.88
CA THR A 224 0.64 -9.67 21.07
C THR A 224 0.15 -9.13 22.41
N TYR A 225 -1.06 -9.51 22.80
CA TYR A 225 -1.62 -8.94 24.04
C TYR A 225 -1.67 -9.94 25.18
N ALA A 226 -0.81 -10.95 25.14
CA ALA A 226 -0.65 -11.88 26.25
C ALA A 226 -0.30 -11.12 27.53
N THR A 227 -0.62 -11.71 28.66
CA THR A 227 -0.25 -11.13 29.96
C THR A 227 1.25 -10.90 29.98
N PRO A 228 1.68 -9.74 30.49
CA PRO A 228 3.12 -9.46 30.59
C PRO A 228 3.83 -10.56 31.36
N ARG A 229 5.03 -10.95 30.92
CA ARG A 229 5.76 -11.98 31.65
C ARG A 229 6.16 -11.41 33.00
N PRO A 230 5.87 -12.17 34.07
CA PRO A 230 6.23 -11.66 35.40
C PRO A 230 7.73 -11.48 35.49
N LYS A 231 8.16 -10.33 36.01
CA LYS A 231 9.56 -10.00 36.08
C LYS A 231 9.75 -8.81 37.01
N LYS A 232 11.00 -8.45 37.22
CA LYS A 232 11.34 -7.30 38.05
C LYS A 232 10.97 -6.02 37.29
N VAL A 233 10.04 -5.25 37.85
CA VAL A 233 9.78 -3.90 37.32
C VAL A 233 9.82 -2.85 38.44
N ILE A 234 10.64 -1.82 38.25
CA ILE A 234 10.87 -0.79 39.25
C ILE A 234 9.78 0.27 39.20
N GLY A 235 9.38 0.76 40.37
CA GLY A 235 8.26 1.68 40.53
C GLY A 235 6.97 1.32 39.83
N TRP A 236 6.51 0.09 40.05
CA TRP A 236 5.20 -0.34 39.55
C TRP A 236 4.63 -1.42 40.46
N MET B 1 -37.02 -1.49 18.06
CA MET B 1 -36.55 -1.35 16.68
C MET B 1 -36.69 -2.69 15.95
N ARG B 2 -36.75 -2.65 14.63
CA ARG B 2 -36.82 -3.87 13.84
C ARG B 2 -35.61 -3.97 12.91
N ILE B 3 -34.93 -5.11 12.96
CA ILE B 3 -33.76 -5.33 12.12
C ILE B 3 -34.06 -6.47 11.18
N LEU B 4 -34.02 -6.18 9.88
CA LEU B 4 -34.20 -7.21 8.88
C LEU B 4 -32.88 -7.95 8.80
N VAL B 5 -32.91 -9.26 8.91
CA VAL B 5 -31.71 -10.08 8.75
C VAL B 5 -31.90 -11.00 7.56
N VAL B 6 -31.22 -10.67 6.47
CA VAL B 6 -31.50 -11.29 5.20
C VAL B 6 -30.44 -12.30 4.81
N ASN B 7 -30.86 -13.56 4.65
CA ASN B 7 -29.99 -14.61 4.13
C ASN B 7 -29.64 -14.25 2.69
N VAL B 8 -28.43 -14.58 2.24
CA VAL B 8 -28.07 -14.27 0.85
C VAL B 8 -28.44 -15.41 -0.08
N ASN B 9 -28.61 -16.60 0.49
CA ASN B 9 -29.04 -17.76 -0.27
C ASN B 9 -30.51 -18.11 -0.03
N THR B 10 -31.01 -19.09 -0.76
CA THR B 10 -32.44 -19.41 -0.74
C THR B 10 -32.80 -20.59 0.15
N THR B 11 -31.82 -21.06 0.92
CA THR B 11 -32.07 -22.17 1.82
C THR B 11 -32.70 -21.65 3.12
N ALA B 12 -34.01 -21.84 3.25
CA ALA B 12 -34.74 -21.27 4.37
C ALA B 12 -34.26 -21.77 5.74
N SER B 13 -33.79 -23.02 5.77
CA SER B 13 -33.33 -23.58 7.04
C SER B 13 -32.12 -22.80 7.56
N ILE B 14 -31.31 -22.29 6.64
CA ILE B 14 -30.18 -21.45 7.01
C ILE B 14 -30.66 -20.08 7.55
N THR B 15 -31.69 -19.51 6.94
CA THR B 15 -32.27 -18.27 7.45
C THR B 15 -32.67 -18.39 8.91
N GLU B 16 -33.36 -19.48 9.29
CA GLU B 16 -33.73 -19.66 10.68
C GLU B 16 -32.54 -19.76 11.60
N THR B 17 -31.55 -20.52 11.16
CA THR B 17 -30.33 -20.67 11.93
C THR B 17 -29.74 -19.30 12.21
N ILE B 18 -29.69 -18.47 11.19
CA ILE B 18 -29.15 -17.12 11.33
C ILE B 18 -30.00 -16.22 12.23
N ALA B 19 -31.31 -16.22 12.00
CA ALA B 19 -32.21 -15.38 12.79
C ALA B 19 -32.21 -15.75 14.27
N GLU B 20 -32.12 -17.05 14.53
CA GLU B 20 -32.12 -17.54 15.90
C GLU B 20 -30.90 -17.00 16.63
N GLN B 21 -29.73 -17.08 16.00
CA GLN B 21 -28.52 -16.52 16.57
C GLN B 21 -28.66 -15.01 16.74
N ALA B 22 -29.27 -14.37 15.76
CA ALA B 22 -29.50 -12.94 15.84
C ALA B 22 -30.44 -12.61 17.01
N ARG B 23 -31.53 -13.35 17.15
CA ARG B 23 -32.47 -13.11 18.24
C ARG B 23 -31.82 -13.31 19.59
N ALA B 24 -30.86 -14.23 19.66
CA ALA B 24 -30.18 -14.53 20.93
C ALA B 24 -29.35 -13.38 21.52
N VAL B 25 -28.84 -12.48 20.67
CA VAL B 25 -28.02 -11.37 21.14
C VAL B 25 -28.75 -10.04 21.05
N ALA B 26 -29.92 -10.05 20.41
CA ALA B 26 -30.70 -8.84 20.20
C ALA B 26 -31.06 -8.20 21.53
N SER B 27 -30.96 -6.87 21.63
CA SER B 27 -31.36 -6.21 22.88
C SER B 27 -32.88 -6.25 23.10
N PRO B 28 -33.32 -6.09 24.37
CA PRO B 28 -34.77 -5.99 24.60
C PRO B 28 -35.37 -4.84 23.79
N GLY B 29 -36.47 -5.13 23.09
CA GLY B 29 -37.11 -4.13 22.26
C GLY B 29 -36.65 -4.19 20.82
N THR B 30 -35.69 -5.06 20.55
CA THR B 30 -35.24 -5.25 19.17
C THR B 30 -35.86 -6.49 18.56
N GLU B 31 -36.63 -6.30 17.49
CA GLU B 31 -37.21 -7.43 16.76
C GLU B 31 -36.33 -7.84 15.61
N ILE B 32 -36.02 -9.13 15.54
CA ILE B 32 -35.29 -9.68 14.41
C ILE B 32 -36.27 -10.32 13.44
N VAL B 33 -36.20 -9.89 12.19
CA VAL B 33 -36.97 -10.50 11.12
C VAL B 33 -36.01 -11.11 10.11
N GLY B 34 -36.03 -12.44 10.05
CA GLY B 34 -35.21 -13.19 9.11
C GLY B 34 -35.92 -13.30 7.78
N LEU B 35 -35.23 -12.93 6.70
CA LEU B 35 -35.81 -12.98 5.36
C LEU B 35 -35.01 -13.88 4.45
N THR B 36 -35.72 -14.66 3.64
CA THR B 36 -35.10 -15.48 2.62
C THR B 36 -35.49 -14.88 1.29
N PRO B 37 -34.49 -14.64 0.42
CA PRO B 37 -34.73 -14.04 -0.91
C PRO B 37 -35.64 -14.94 -1.73
N TYR B 38 -36.35 -14.38 -2.71
CA TYR B 38 -37.32 -15.13 -3.52
C TYR B 38 -36.67 -15.90 -4.67
N PHE B 39 -35.43 -15.55 -4.99
CA PHE B 39 -34.68 -16.28 -6.01
C PHE B 39 -33.20 -16.29 -5.69
N GLY B 40 -32.43 -17.05 -6.46
CA GLY B 40 -31.00 -17.19 -6.24
C GLY B 40 -30.64 -18.61 -5.88
N ALA B 41 -29.35 -18.83 -5.63
CA ALA B 41 -28.86 -20.18 -5.36
C ALA B 41 -29.10 -20.59 -3.93
N GLU B 42 -29.19 -21.90 -3.72
CA GLU B 42 -29.41 -22.43 -2.38
C GLU B 42 -28.21 -22.21 -1.47
N SER B 43 -27.05 -21.99 -2.09
CA SER B 43 -25.84 -21.56 -1.38
C SER B 43 -25.02 -20.69 -2.31
N VAL B 44 -24.44 -19.62 -1.78
CA VAL B 44 -23.70 -18.68 -2.63
C VAL B 44 -22.20 -18.91 -2.57
N GLU B 45 -21.66 -19.48 -3.64
CA GLU B 45 -20.26 -19.92 -3.62
C GLU B 45 -19.51 -19.45 -4.87
N GLY B 46 -19.45 -18.15 -5.10
CA GLY B 46 -18.75 -17.66 -6.28
C GLY B 46 -19.36 -16.38 -6.82
N ASN B 47 -18.74 -15.83 -7.86
CA ASN B 47 -19.11 -14.53 -8.39
C ASN B 47 -20.50 -14.46 -9.01
N PHE B 48 -20.84 -15.43 -9.85
CA PHE B 48 -22.15 -15.36 -10.48
C PHE B 48 -23.26 -15.46 -9.44
N GLU B 49 -23.14 -16.43 -8.56
CA GLU B 49 -24.15 -16.61 -7.51
C GLU B 49 -24.21 -15.39 -6.58
N SER B 50 -23.05 -14.79 -6.31
CA SER B 50 -22.93 -13.62 -5.45
C SER B 50 -23.65 -12.43 -6.06
N TYR B 51 -23.40 -12.17 -7.35
CA TYR B 51 -24.07 -11.06 -8.04
C TYR B 51 -25.57 -11.30 -8.11
N LEU B 52 -25.95 -12.56 -8.29
CA LEU B 52 -27.35 -12.95 -8.28
C LEU B 52 -27.95 -12.68 -6.89
N ALA B 53 -27.20 -13.02 -5.85
CA ALA B 53 -27.66 -12.82 -4.49
C ALA B 53 -27.86 -11.35 -4.19
N ALA B 54 -26.97 -10.52 -4.72
CA ALA B 54 -27.01 -9.10 -4.49
C ALA B 54 -28.38 -8.54 -4.85
N ILE B 55 -28.84 -8.88 -6.04
CA ILE B 55 -30.14 -8.42 -6.52
C ILE B 55 -31.29 -9.10 -5.78
N ALA B 56 -31.15 -10.40 -5.53
CA ALA B 56 -32.15 -11.14 -4.77
C ALA B 56 -32.38 -10.53 -3.39
N VAL B 57 -31.28 -10.17 -2.74
CA VAL B 57 -31.35 -9.56 -1.42
C VAL B 57 -31.99 -8.17 -1.51
N MET B 58 -31.60 -7.38 -2.50
CA MET B 58 -32.24 -6.06 -2.69
C MET B 58 -33.74 -6.18 -2.96
N ASP B 59 -34.11 -7.09 -3.85
CA ASP B 59 -35.52 -7.40 -4.13
C ASP B 59 -36.28 -7.79 -2.88
N ARG B 60 -35.69 -8.69 -2.10
CA ARG B 60 -36.33 -9.21 -0.89
C ARG B 60 -36.58 -8.10 0.13
N VAL B 61 -35.61 -7.21 0.32
CA VAL B 61 -35.77 -6.11 1.26
C VAL B 61 -36.79 -5.09 0.76
N MET B 62 -36.71 -4.78 -0.53
CA MET B 62 -37.66 -3.84 -1.14
C MET B 62 -39.10 -4.33 -1.04
N ALA B 63 -39.31 -5.62 -1.26
CA ALA B 63 -40.65 -6.20 -1.12
C ALA B 63 -41.23 -6.14 0.30
N TYR B 64 -40.38 -5.95 1.31
CA TYR B 64 -40.82 -5.91 2.72
C TYR B 64 -41.62 -4.66 3.08
N ASP B 65 -42.94 -4.77 3.04
CA ASP B 65 -43.84 -3.65 3.37
C ASP B 65 -43.89 -3.11 4.82
N GLN B 66 -43.29 -3.77 5.79
CA GLN B 66 -43.36 -3.26 7.17
C GLN B 66 -42.20 -2.32 7.50
N PRO B 67 -42.40 -1.39 8.46
CA PRO B 67 -41.29 -0.49 8.83
C PRO B 67 -40.11 -1.27 9.40
N PHE B 68 -38.90 -0.77 9.20
CA PHE B 68 -37.71 -1.39 9.80
C PHE B 68 -36.62 -0.36 9.97
N ASP B 69 -35.69 -0.64 10.88
CA ASP B 69 -34.72 0.33 11.31
C ASP B 69 -33.27 0.08 10.90
N ALA B 70 -32.98 -1.14 10.48
CA ALA B 70 -31.66 -1.48 10.00
C ALA B 70 -31.76 -2.79 9.24
N VAL B 71 -30.76 -3.05 8.43
CA VAL B 71 -30.75 -4.25 7.61
C VAL B 71 -29.42 -4.95 7.74
N ILE B 72 -29.49 -6.27 7.96
CA ILE B 72 -28.29 -7.09 7.99
C ILE B 72 -28.25 -8.01 6.80
N GLN B 73 -27.17 -7.93 6.03
CA GLN B 73 -26.94 -8.87 4.96
C GLN B 73 -26.10 -10.02 5.46
N ALA B 74 -26.72 -11.20 5.54
CA ALA B 74 -26.10 -12.32 6.21
C ALA B 74 -25.46 -13.23 5.19
N GLY B 75 -24.42 -12.70 4.56
CA GLY B 75 -23.59 -13.50 3.69
C GLY B 75 -22.17 -12.99 3.75
N TYR B 76 -21.24 -13.93 3.68
CA TYR B 76 -19.82 -13.64 3.75
C TYR B 76 -19.11 -13.52 2.42
N GLY B 77 -18.70 -12.30 2.09
CA GLY B 77 -17.92 -12.05 0.90
C GLY B 77 -18.82 -11.83 -0.27
N GLU B 78 -20.10 -11.58 0.01
CA GLU B 78 -21.04 -11.30 -1.06
C GLU B 78 -21.17 -9.83 -1.37
N HIS B 79 -21.65 -9.57 -2.59
CA HIS B 79 -21.91 -8.22 -3.05
C HIS B 79 -23.27 -7.79 -2.53
N GLY B 80 -23.57 -6.50 -2.66
CA GLY B 80 -24.93 -6.03 -2.49
C GLY B 80 -25.15 -4.99 -1.42
N ARG B 81 -24.29 -4.97 -0.41
CA ARG B 81 -24.41 -3.99 0.69
C ARG B 81 -24.58 -2.59 0.12
N GLU B 82 -23.73 -2.26 -0.86
CA GLU B 82 -23.73 -0.93 -1.44
C GLU B 82 -25.05 -0.59 -2.12
N GLY B 83 -25.70 -1.59 -2.72
CA GLY B 83 -26.99 -1.36 -3.34
C GLY B 83 -28.05 -1.01 -2.33
N LEU B 84 -28.14 -1.81 -1.26
CA LEU B 84 -29.07 -1.55 -0.15
C LEU B 84 -28.80 -0.18 0.45
N GLN B 85 -27.52 0.13 0.65
CA GLN B 85 -27.14 1.42 1.22
C GLN B 85 -27.67 2.60 0.39
N GLU B 86 -27.71 2.43 -0.92
CA GLU B 86 -28.31 3.46 -1.78
C GLU B 86 -29.82 3.49 -1.68
N LEU B 87 -30.43 2.30 -1.69
CA LEU B 87 -31.89 2.17 -1.70
C LEU B 87 -32.48 2.60 -0.37
N LEU B 88 -31.76 2.36 0.72
CA LEU B 88 -32.34 2.53 2.04
C LEU B 88 -31.87 3.78 2.75
N ASN B 89 -32.70 4.24 3.69
CA ASN B 89 -32.32 5.32 4.57
C ASN B 89 -32.22 4.78 6.00
N VAL B 90 -31.80 3.52 6.11
CA VAL B 90 -31.48 2.89 7.39
C VAL B 90 -30.07 2.28 7.30
N PRO B 91 -29.42 2.06 8.46
CA PRO B 91 -28.09 1.44 8.37
C PRO B 91 -28.15 0.02 7.80
N VAL B 92 -27.14 -0.32 7.01
CA VAL B 92 -27.06 -1.68 6.50
C VAL B 92 -25.72 -2.22 6.97
N VAL B 93 -25.71 -3.39 7.61
CA VAL B 93 -24.44 -3.97 7.97
C VAL B 93 -24.26 -5.39 7.47
N ASP B 94 -23.14 -5.61 6.79
CA ASP B 94 -22.85 -6.92 6.28
C ASP B 94 -22.04 -7.68 7.32
N ILE B 95 -22.32 -8.97 7.47
CA ILE B 95 -21.69 -9.77 8.52
C ILE B 95 -20.18 -9.93 8.33
N THR B 96 -19.75 -9.80 7.08
CA THR B 96 -18.34 -9.87 6.74
C THR B 96 -17.59 -8.74 7.42
N GLU B 97 -18.05 -7.53 7.16
CA GLU B 97 -17.43 -6.36 7.76
C GLU B 97 -17.71 -6.31 9.26
N ALA B 98 -18.89 -6.79 9.66
CA ALA B 98 -19.18 -6.86 11.08
C ALA B 98 -18.17 -7.72 11.80
N ALA B 99 -17.93 -8.93 11.28
CA ALA B 99 -16.99 -9.83 11.96
C ALA B 99 -15.57 -9.26 12.01
N ALA B 100 -15.05 -8.78 10.88
CA ALA B 100 -13.68 -8.28 10.83
C ALA B 100 -13.49 -7.07 11.74
N SER B 101 -14.45 -6.16 11.68
CA SER B 101 -14.36 -4.93 12.45
C SER B 101 -14.35 -5.17 13.97
N THR B 102 -15.22 -6.03 14.46
CA THR B 102 -15.20 -6.28 15.91
C THR B 102 -13.98 -7.11 16.32
N ALA B 103 -13.55 -8.03 15.45
CA ALA B 103 -12.34 -8.82 15.68
C ALA B 103 -11.11 -7.94 15.87
N MET B 104 -11.07 -6.82 15.15
CA MET B 104 -9.92 -5.91 15.22
C MET B 104 -9.80 -5.24 16.58
N PHE B 105 -10.90 -5.16 17.32
CA PHE B 105 -10.82 -4.67 18.69
C PHE B 105 -10.21 -5.68 19.65
N LEU B 106 -10.03 -6.91 19.20
CA LEU B 106 -9.69 -8.01 20.11
C LEU B 106 -8.27 -8.54 19.96
N GLY B 107 -7.60 -8.21 18.87
CA GLY B 107 -6.29 -8.80 18.65
C GLY B 107 -5.51 -8.04 17.60
N HIS B 108 -4.23 -8.39 17.47
CA HIS B 108 -3.38 -7.64 16.56
C HIS B 108 -3.72 -7.99 15.12
N ALA B 109 -4.18 -9.22 14.91
CA ALA B 109 -4.53 -9.72 13.59
C ALA B 109 -5.64 -10.75 13.72
N TYR B 110 -6.50 -10.82 12.71
CA TYR B 110 -7.60 -11.79 12.68
C TYR B 110 -7.50 -12.66 11.43
N SER B 111 -8.06 -13.86 11.50
CA SER B 111 -8.21 -14.66 10.27
C SER B 111 -9.67 -15.04 10.09
N VAL B 112 -10.05 -15.15 8.83
CA VAL B 112 -11.39 -15.59 8.49
C VAL B 112 -11.31 -17.04 8.07
N VAL B 113 -12.20 -17.86 8.60
CA VAL B 113 -12.27 -19.23 8.12
C VAL B 113 -13.57 -19.41 7.36
N THR B 114 -13.47 -19.71 6.07
CA THR B 114 -14.66 -19.85 5.26
C THR B 114 -14.79 -21.30 4.85
N THR B 115 -15.67 -21.53 3.89
CA THR B 115 -16.02 -22.85 3.40
C THR B 115 -15.12 -23.29 2.25
N LEU B 116 -15.47 -22.82 1.06
CA LEU B 116 -14.76 -23.22 -0.16
C LEU B 116 -13.60 -22.29 -0.50
N ASP B 117 -12.55 -22.86 -1.06
CA ASP B 117 -11.37 -22.08 -1.44
C ASP B 117 -11.72 -21.01 -2.49
N ARG B 118 -12.68 -21.31 -3.37
CA ARG B 118 -13.01 -20.37 -4.44
C ARG B 118 -13.67 -19.11 -3.93
N THR B 119 -14.17 -19.14 -2.70
CA THR B 119 -14.75 -17.93 -2.11
C THR B 119 -13.70 -17.07 -1.39
N VAL B 120 -12.52 -17.62 -1.16
CA VAL B 120 -11.45 -16.91 -0.44
C VAL B 120 -11.07 -15.57 -1.10
N PRO B 121 -10.83 -15.57 -2.43
CA PRO B 121 -10.53 -14.26 -3.05
C PRO B 121 -11.71 -13.28 -3.01
N LEU B 122 -12.95 -13.78 -3.02
CA LEU B 122 -14.13 -12.91 -2.90
C LEU B 122 -14.16 -12.22 -1.54
N ILE B 123 -13.89 -12.98 -0.50
CA ILE B 123 -13.80 -12.44 0.86
C ILE B 123 -12.63 -11.45 0.98
N GLU B 124 -11.48 -11.85 0.46
CA GLU B 124 -10.30 -10.96 0.44
C GLU B 124 -10.62 -9.62 -0.23
N ASP B 125 -11.28 -9.67 -1.39
CA ASP B 125 -11.64 -8.47 -2.12
C ASP B 125 -12.62 -7.60 -1.33
N ARG B 126 -13.62 -8.22 -0.70
CA ARG B 126 -14.58 -7.46 0.08
C ARG B 126 -13.93 -6.75 1.27
N LEU B 127 -13.03 -7.45 1.94
CA LEU B 127 -12.34 -6.88 3.09
C LEU B 127 -11.44 -5.73 2.64
N LYS B 128 -10.82 -5.88 1.48
CA LYS B 128 -9.98 -4.81 0.92
C LYS B 128 -10.79 -3.57 0.54
N LEU B 129 -11.92 -3.76 -0.12
CA LEU B 129 -12.76 -2.65 -0.50
C LEU B 129 -13.26 -1.95 0.77
N ALA B 130 -13.53 -2.75 1.80
CA ALA B 130 -14.02 -2.21 3.07
C ALA B 130 -12.92 -1.57 3.90
N GLY B 131 -11.66 -1.75 3.48
CA GLY B 131 -10.56 -1.20 4.23
C GLY B 131 -10.41 -1.86 5.59
N LEU B 132 -10.73 -3.14 5.64
CA LEU B 132 -10.60 -3.93 6.87
C LEU B 132 -9.58 -5.03 6.69
N TYR B 133 -8.89 -5.04 5.57
CA TYR B 133 -7.99 -6.15 5.26
C TYR B 133 -6.60 -6.03 5.87
N GLN B 134 -6.18 -4.81 6.18
CA GLN B 134 -4.83 -4.59 6.72
C GLN B 134 -4.49 -5.43 7.95
N ARG B 135 -5.45 -5.62 8.86
CA ARG B 135 -5.18 -6.42 10.04
C ARG B 135 -5.61 -7.88 9.89
N CYS B 136 -5.95 -8.27 8.67
CA CYS B 136 -6.29 -9.66 8.38
C CYS B 136 -5.04 -10.52 8.15
N ALA B 137 -4.82 -11.52 8.99
CA ALA B 137 -3.67 -12.40 8.80
C ALA B 137 -3.86 -13.34 7.62
N SER B 138 -5.10 -13.76 7.39
CA SER B 138 -5.41 -14.68 6.29
C SER B 138 -6.89 -14.93 6.18
N VAL B 139 -7.31 -15.36 5.00
CA VAL B 139 -8.64 -15.90 4.82
C VAL B 139 -8.43 -17.33 4.42
N ARG B 140 -8.96 -18.26 5.21
CA ARG B 140 -8.72 -19.67 4.95
C ARG B 140 -10.01 -20.43 4.70
N ALA B 141 -9.93 -21.41 3.80
CA ALA B 141 -11.08 -22.23 3.48
C ALA B 141 -10.97 -23.56 4.21
N SER B 142 -12.05 -23.98 4.86
CA SER B 142 -12.10 -25.26 5.56
C SER B 142 -12.11 -26.38 4.53
N GLY B 143 -12.63 -26.08 3.35
CA GLY B 143 -12.69 -27.05 2.27
C GLY B 143 -14.02 -27.78 2.22
N MET B 144 -14.98 -27.36 3.04
CA MET B 144 -16.30 -27.97 3.05
C MET B 144 -17.35 -26.97 2.59
N ALA B 145 -18.24 -27.37 1.67
CA ALA B 145 -19.30 -26.49 1.19
C ALA B 145 -20.31 -26.15 2.31
N VAL B 146 -21.00 -25.01 2.14
CA VAL B 146 -21.99 -24.54 3.12
C VAL B 146 -22.98 -25.60 3.55
N LEU B 147 -23.51 -26.34 2.60
CA LEU B 147 -24.56 -27.31 2.89
C LEU B 147 -24.02 -28.51 3.65
N GLU B 148 -22.72 -28.72 3.55
CA GLU B 148 -22.03 -29.82 4.25
C GLU B 148 -21.97 -29.54 5.76
N LEU B 149 -22.21 -28.29 6.13
CA LEU B 149 -22.14 -27.88 7.53
C LEU B 149 -23.22 -28.61 8.31
N GLU B 150 -24.36 -28.81 7.66
CA GLU B 150 -25.48 -29.52 8.26
C GLU B 150 -25.54 -31.03 7.99
N GLU B 151 -24.85 -31.47 6.94
CA GLU B 151 -24.93 -32.85 6.50
C GLU B 151 -23.87 -33.69 7.21
N ASP B 152 -22.70 -33.08 7.42
CA ASP B 152 -21.57 -33.76 8.04
C ASP B 152 -20.89 -32.77 8.98
N PRO B 153 -21.58 -32.42 10.09
CA PRO B 153 -21.13 -31.34 10.99
C PRO B 153 -19.90 -31.68 11.83
N VAL B 154 -19.67 -32.95 12.12
CA VAL B 154 -18.51 -33.30 12.94
C VAL B 154 -17.26 -33.05 12.10
N ALA B 155 -17.30 -33.53 10.86
CA ALA B 155 -16.16 -33.38 9.95
C ALA B 155 -15.99 -31.92 9.55
N ALA B 156 -17.11 -31.22 9.35
CA ALA B 156 -17.09 -29.80 9.02
C ALA B 156 -16.48 -29.01 10.16
N MET B 157 -16.94 -29.28 11.37
CA MET B 157 -16.43 -28.58 12.56
C MET B 157 -14.93 -28.76 12.64
N GLU B 158 -14.50 -30.01 12.51
CA GLU B 158 -13.08 -30.34 12.56
C GLU B 158 -12.31 -29.66 11.43
N ALA B 159 -12.90 -29.59 10.24
CA ALA B 159 -12.24 -28.92 9.11
C ALA B 159 -12.04 -27.43 9.41
N ILE B 160 -13.02 -26.85 10.08
CA ILE B 160 -12.94 -25.45 10.46
C ILE B 160 -11.89 -25.20 11.55
N VAL B 161 -11.93 -25.99 12.64
CA VAL B 161 -10.94 -25.80 13.71
C VAL B 161 -9.52 -26.00 13.20
N ARG B 162 -9.36 -26.95 12.29
CA ARG B 162 -8.07 -27.17 11.66
C ARG B 162 -7.56 -25.91 10.96
N GLN B 163 -8.43 -25.23 10.23
CA GLN B 163 -8.00 -23.99 9.57
C GLN B 163 -7.70 -22.89 10.58
N ALA B 164 -8.50 -22.84 11.64
CA ALA B 164 -8.28 -21.88 12.71
C ALA B 164 -6.93 -22.11 13.36
N GLU B 165 -6.63 -23.39 13.59
CA GLU B 165 -5.36 -23.75 14.21
C GLU B 165 -4.19 -23.34 13.32
N LEU B 166 -4.34 -23.55 12.02
CA LEU B 166 -3.28 -23.15 11.09
C LEU B 166 -3.18 -21.63 11.01
N ALA B 167 -4.34 -20.97 11.09
CA ALA B 167 -4.37 -19.52 11.09
C ALA B 167 -3.56 -18.95 12.25
N ILE B 168 -3.77 -19.53 13.43
CA ILE B 168 -3.07 -19.10 14.63
C ILE B 168 -1.57 -19.40 14.56
N ARG B 169 -1.23 -20.63 14.19
CA ARG B 169 0.17 -21.06 14.19
C ARG B 169 0.99 -20.43 13.07
N GLU B 170 0.50 -20.56 11.85
CA GLU B 170 1.24 -20.10 10.69
C GLU B 170 1.00 -18.65 10.30
N ASP B 171 -0.24 -18.18 10.38
CA ASP B 171 -0.56 -16.82 9.93
C ASP B 171 -0.49 -15.77 11.05
N LYS B 172 -0.30 -16.23 12.29
CA LYS B 172 -0.24 -15.35 13.48
C LYS B 172 -1.56 -14.65 13.78
N ALA B 173 -2.67 -15.28 13.40
CA ALA B 173 -3.99 -14.77 13.74
C ALA B 173 -4.13 -14.80 15.24
N GLU B 174 -4.83 -13.83 15.80
CA GLU B 174 -5.07 -13.83 17.24
C GLU B 174 -6.55 -13.97 17.52
N VAL B 175 -7.36 -13.73 16.49
CA VAL B 175 -8.79 -13.96 16.56
C VAL B 175 -9.31 -14.57 15.26
N ILE B 176 -10.33 -15.41 15.38
CA ILE B 176 -10.92 -16.07 14.24
C ILE B 176 -12.29 -15.47 13.91
N CYS B 177 -12.53 -15.19 12.63
CA CYS B 177 -13.86 -14.82 12.19
C CYS B 177 -14.51 -15.97 11.44
N LEU B 178 -15.75 -16.30 11.81
CA LEU B 178 -16.53 -17.22 10.99
C LEU B 178 -16.74 -16.55 9.63
N GLY B 179 -16.53 -17.31 8.57
CA GLY B 179 -16.57 -16.72 7.24
C GLY B 179 -17.70 -17.29 6.43
N CYS B 180 -18.78 -17.65 7.12
CA CYS B 180 -20.00 -18.07 6.45
C CYS B 180 -21.24 -17.88 7.32
N GLY B 181 -22.32 -17.41 6.72
CA GLY B 181 -23.56 -17.22 7.46
C GLY B 181 -24.06 -18.51 8.08
N GLY B 182 -23.89 -19.61 7.35
CA GLY B 182 -24.29 -20.91 7.86
C GLY B 182 -23.41 -21.43 8.99
N MET B 183 -22.34 -20.70 9.30
CA MET B 183 -21.48 -21.05 10.44
C MET B 183 -21.99 -20.39 11.72
N ALA B 184 -23.03 -19.57 11.60
CA ALA B 184 -23.57 -18.85 12.76
C ALA B 184 -23.76 -19.80 13.95
N GLY B 185 -23.25 -19.39 15.11
CA GLY B 185 -23.45 -20.13 16.34
C GLY B 185 -22.35 -21.13 16.66
N LEU B 186 -21.37 -21.23 15.78
CA LEU B 186 -20.36 -22.25 15.91
C LEU B 186 -19.17 -21.68 16.70
N ASP B 187 -19.26 -20.39 17.02
CA ASP B 187 -18.09 -19.68 17.53
C ASP B 187 -17.60 -20.25 18.84
N GLU B 188 -18.52 -20.62 19.72
CA GLU B 188 -18.15 -21.02 21.07
C GLU B 188 -17.28 -22.29 21.10
N GLN B 189 -17.63 -23.30 20.32
CA GLN B 189 -16.87 -24.54 20.32
C GLN B 189 -15.47 -24.36 19.67
N ILE B 190 -15.39 -23.54 18.62
CA ILE B 190 -14.10 -23.22 18.01
C ILE B 190 -13.22 -22.49 19.03
N ARG B 191 -13.85 -21.60 19.78
CA ARG B 191 -13.18 -20.85 20.85
C ARG B 191 -12.55 -21.78 21.86
N GLN B 192 -13.32 -22.77 22.29
CA GLN B 192 -12.86 -23.74 23.28
C GLN B 192 -11.65 -24.49 22.76
N ARG B 193 -11.67 -24.81 21.47
CA ARG B 193 -10.60 -25.60 20.88
C ARG B 193 -9.34 -24.85 20.47
N THR B 194 -9.45 -23.54 20.25
CA THR B 194 -8.32 -22.77 19.75
C THR B 194 -7.68 -21.96 20.84
N GLY B 195 -8.48 -21.54 21.81
CA GLY B 195 -8.00 -20.67 22.87
C GLY B 195 -7.91 -19.21 22.46
N VAL B 196 -8.59 -18.85 21.37
CA VAL B 196 -8.65 -17.45 20.93
C VAL B 196 -10.11 -17.02 20.77
N PRO B 197 -10.37 -15.70 20.83
CA PRO B 197 -11.75 -15.24 20.58
C PRO B 197 -12.18 -15.61 19.17
N VAL B 198 -13.44 -16.02 19.03
CA VAL B 198 -14.00 -16.33 17.72
C VAL B 198 -15.21 -15.42 17.53
N VAL B 199 -15.25 -14.70 16.41
CA VAL B 199 -16.33 -13.75 16.16
C VAL B 199 -17.32 -14.33 15.14
N ASP B 200 -18.61 -14.30 15.48
CA ASP B 200 -19.68 -14.67 14.56
C ASP B 200 -20.22 -13.39 13.94
N GLY B 201 -20.04 -13.24 12.63
CA GLY B 201 -20.47 -12.04 11.95
C GLY B 201 -21.94 -11.76 12.13
N VAL B 202 -22.75 -12.82 12.22
CA VAL B 202 -24.18 -12.63 12.40
C VAL B 202 -24.46 -11.89 13.69
N THR B 203 -23.92 -12.38 14.80
CA THR B 203 -24.22 -11.72 16.06
C THR B 203 -23.48 -10.41 16.17
N ALA B 204 -22.25 -10.37 15.65
CA ALA B 204 -21.53 -9.10 15.59
C ALA B 204 -22.38 -8.04 14.88
N ALA B 205 -22.92 -8.41 13.73
CA ALA B 205 -23.72 -7.49 12.92
C ALA B 205 -24.94 -6.97 13.66
N VAL B 206 -25.59 -7.84 14.43
CA VAL B 206 -26.74 -7.44 15.23
C VAL B 206 -26.38 -6.31 16.18
N THR B 207 -25.27 -6.48 16.90
CA THR B 207 -24.85 -5.45 17.85
C THR B 207 -24.47 -4.14 17.16
N ILE B 208 -23.82 -4.23 16.01
CA ILE B 208 -23.41 -3.03 15.28
C ILE B 208 -24.64 -2.30 14.75
N ALA B 209 -25.53 -3.06 14.13
CA ALA B 209 -26.79 -2.51 13.60
C ALA B 209 -27.61 -1.84 14.69
N GLU B 210 -27.78 -2.51 15.83
CA GLU B 210 -28.47 -1.91 16.98
C GLU B 210 -27.80 -0.66 17.43
N SER B 211 -26.47 -0.73 17.53
CA SER B 211 -25.69 0.39 17.99
C SER B 211 -25.90 1.60 17.09
N LEU B 212 -25.87 1.40 15.78
CA LEU B 212 -26.07 2.49 14.82
C LEU B 212 -27.43 3.15 15.02
N VAL B 213 -28.48 2.35 15.17
CA VAL B 213 -29.82 2.87 15.44
C VAL B 213 -29.83 3.63 16.76
N ARG B 214 -29.21 3.06 17.80
CA ARG B 214 -29.14 3.72 19.11
C ARG B 214 -28.39 5.04 19.07
N LEU B 215 -27.39 5.14 18.19
CA LEU B 215 -26.57 6.34 18.11
C LEU B 215 -27.20 7.40 17.20
N GLY B 216 -28.35 7.07 16.61
CA GLY B 216 -29.02 7.94 15.66
C GLY B 216 -28.24 8.07 14.36
N LEU B 217 -27.58 6.99 13.96
CA LEU B 217 -26.71 6.99 12.78
C LEU B 217 -27.30 6.18 11.63
N SER B 218 -27.17 6.72 10.43
CA SER B 218 -27.56 5.97 9.24
C SER B 218 -26.60 6.26 8.11
N THR B 219 -26.76 5.51 7.03
CA THR B 219 -25.95 5.64 5.84
C THR B 219 -25.86 7.08 5.36
N SER B 220 -24.65 7.52 5.08
CA SER B 220 -24.46 8.85 4.50
C SER B 220 -25.10 8.89 3.12
N LYS B 221 -25.93 9.89 2.86
CA LYS B 221 -26.63 9.98 1.58
C LYS B 221 -26.01 11.04 0.70
N ILE B 222 -24.83 11.49 1.07
CA ILE B 222 -24.24 12.66 0.44
C ILE B 222 -23.62 12.42 -0.96
N ARG B 223 -23.15 11.20 -1.21
CA ARG B 223 -22.42 10.95 -2.46
C ARG B 223 -22.64 9.55 -2.98
N THR B 224 -21.75 8.66 -2.57
CA THR B 224 -21.73 7.29 -3.08
C THR B 224 -23.06 6.58 -2.87
N TYR B 225 -23.68 6.81 -1.71
CA TYR B 225 -24.90 6.08 -1.35
C TYR B 225 -26.13 6.97 -1.39
N ALA B 226 -26.05 8.05 -2.17
CA ALA B 226 -27.21 8.90 -2.41
C ALA B 226 -28.36 8.06 -2.94
N THR B 227 -29.58 8.53 -2.74
CA THR B 227 -30.75 7.87 -3.32
C THR B 227 -30.50 7.74 -4.82
N PRO B 228 -30.83 6.58 -5.41
CA PRO B 228 -30.63 6.45 -6.86
C PRO B 228 -31.36 7.54 -7.61
N ARG B 229 -30.73 8.03 -8.67
CA ARG B 229 -31.32 9.06 -9.52
C ARG B 229 -32.58 8.53 -10.21
N PRO B 230 -33.68 9.31 -10.17
CA PRO B 230 -34.95 8.84 -10.73
C PRO B 230 -34.83 8.63 -12.22
N LYS B 231 -35.19 7.45 -12.73
CA LYS B 231 -35.01 7.19 -14.14
C LYS B 231 -35.75 5.96 -14.55
N LYS B 232 -35.72 5.68 -15.86
CA LYS B 232 -36.31 4.47 -16.39
C LYS B 232 -35.46 3.30 -15.95
N VAL B 233 -36.01 2.42 -15.12
CA VAL B 233 -35.38 1.12 -14.88
C VAL B 233 -36.43 0.03 -15.09
N ILE B 234 -36.17 -0.80 -16.09
CA ILE B 234 -37.12 -1.76 -16.61
C ILE B 234 -37.00 -3.19 -16.08
N GLY B 235 -38.14 -3.87 -15.92
CA GLY B 235 -38.21 -5.20 -15.35
C GLY B 235 -37.33 -5.45 -14.14
N MET C 1 -13.85 -14.36 -36.06
CA MET C 1 -14.25 -14.47 -34.66
C MET C 1 -15.46 -13.59 -34.41
N ARG C 2 -16.22 -13.91 -33.37
CA ARG C 2 -17.38 -13.11 -32.99
C ARG C 2 -17.26 -12.56 -31.58
N ILE C 3 -17.42 -11.25 -31.43
CA ILE C 3 -17.36 -10.67 -30.10
C ILE C 3 -18.70 -10.05 -29.73
N LEU C 4 -19.25 -10.49 -28.60
CA LEU C 4 -20.45 -9.87 -28.07
C LEU C 4 -19.97 -8.60 -27.39
N VAL C 5 -20.55 -7.45 -27.74
CA VAL C 5 -20.25 -6.21 -27.05
C VAL C 5 -21.52 -5.78 -26.35
N VAL C 6 -21.55 -5.89 -25.03
CA VAL C 6 -22.79 -5.70 -24.27
C VAL C 6 -22.86 -4.37 -23.53
N ASN C 7 -23.85 -3.55 -23.89
CA ASN C 7 -24.16 -2.32 -23.18
C ASN C 7 -24.56 -2.71 -21.77
N VAL C 8 -24.22 -1.90 -20.78
CA VAL C 8 -24.60 -2.21 -19.42
C VAL C 8 -25.97 -1.63 -19.16
N ASN C 9 -26.37 -0.65 -19.97
CA ASN C 9 -27.72 -0.08 -19.82
C ASN C 9 -28.68 -0.53 -20.92
N THR C 10 -29.95 -0.13 -20.77
CA THR C 10 -31.00 -0.66 -21.62
C THR C 10 -31.32 0.25 -22.80
N THR C 11 -30.54 1.32 -22.96
CA THR C 11 -30.77 2.25 -24.05
C THR C 11 -30.10 1.78 -25.34
N ALA C 12 -30.90 1.24 -26.25
CA ALA C 12 -30.39 0.62 -27.49
C ALA C 12 -29.59 1.56 -28.37
N SER C 13 -29.91 2.85 -28.32
CA SER C 13 -29.20 3.82 -29.14
C SER C 13 -27.74 3.92 -28.66
N ILE C 14 -27.53 3.73 -27.36
CA ILE C 14 -26.17 3.72 -26.84
C ILE C 14 -25.43 2.46 -27.30
N THR C 15 -26.11 1.33 -27.26
CA THR C 15 -25.55 0.08 -27.80
C THR C 15 -25.09 0.29 -29.24
N GLU C 16 -25.93 0.96 -30.01
CA GLU C 16 -25.62 1.21 -31.41
C GLU C 16 -24.35 2.06 -31.51
N THR C 17 -24.29 3.14 -30.72
CA THR C 17 -23.10 3.98 -30.70
C THR C 17 -21.86 3.17 -30.33
N ILE C 18 -21.99 2.34 -29.31
CA ILE C 18 -20.89 1.52 -28.86
C ILE C 18 -20.47 0.51 -29.93
N ALA C 19 -21.46 -0.15 -30.52
CA ALA C 19 -21.20 -1.15 -31.55
C ALA C 19 -20.51 -0.57 -32.80
N GLU C 20 -20.89 0.65 -33.19
CA GLU C 20 -20.24 1.32 -34.32
C GLU C 20 -18.76 1.56 -34.08
N GLN C 21 -18.43 2.03 -32.88
CA GLN C 21 -17.04 2.30 -32.54
C GLN C 21 -16.27 1.01 -32.53
N ALA C 22 -16.90 -0.03 -32.01
CA ALA C 22 -16.27 -1.33 -31.95
C ALA C 22 -16.00 -1.86 -33.37
N ARG C 23 -17.01 -1.75 -34.25
CA ARG C 23 -16.86 -2.16 -35.65
C ARG C 23 -15.79 -1.33 -36.36
N ALA C 24 -15.64 -0.08 -35.92
CA ALA C 24 -14.66 0.82 -36.55
C ALA C 24 -13.23 0.34 -36.41
N VAL C 25 -12.92 -0.35 -35.31
CA VAL C 25 -11.54 -0.80 -35.08
C VAL C 25 -11.38 -2.30 -35.25
N ALA C 26 -12.51 -2.99 -35.34
CA ALA C 26 -12.47 -4.45 -35.42
C ALA C 26 -11.64 -4.88 -36.62
N SER C 27 -10.83 -5.90 -36.43
CA SER C 27 -10.00 -6.43 -37.49
C SER C 27 -10.86 -7.11 -38.55
N PRO C 28 -10.34 -7.25 -39.78
CA PRO C 28 -11.09 -8.03 -40.79
C PRO C 28 -11.39 -9.43 -40.24
N GLY C 29 -12.62 -9.91 -40.37
CA GLY C 29 -12.96 -11.22 -39.86
C GLY C 29 -13.53 -11.23 -38.45
N THR C 30 -13.55 -10.08 -37.81
CA THR C 30 -14.17 -9.96 -36.50
C THR C 30 -15.58 -9.45 -36.65
N GLU C 31 -16.57 -10.23 -36.21
CA GLU C 31 -17.93 -9.73 -36.19
C GLU C 31 -18.23 -9.17 -34.81
N ILE C 32 -18.72 -7.94 -34.77
CA ILE C 32 -19.16 -7.29 -33.54
C ILE C 32 -20.66 -7.47 -33.45
N VAL C 33 -21.14 -7.99 -32.32
CA VAL C 33 -22.56 -8.09 -32.05
C VAL C 33 -22.90 -7.23 -30.84
N GLY C 34 -23.60 -6.13 -31.06
CA GLY C 34 -23.96 -5.24 -29.97
C GLY C 34 -25.21 -5.78 -29.33
N LEU C 35 -25.19 -5.97 -28.02
CA LEU C 35 -26.35 -6.50 -27.32
C LEU C 35 -26.82 -5.50 -26.28
N THR C 36 -28.13 -5.36 -26.16
CA THR C 36 -28.71 -4.52 -25.12
C THR C 36 -29.42 -5.48 -24.17
N PRO C 37 -29.14 -5.36 -22.85
CA PRO C 37 -29.79 -6.24 -21.87
C PRO C 37 -31.31 -6.02 -21.89
N TYR C 38 -32.05 -7.04 -21.48
CA TYR C 38 -33.51 -7.02 -21.56
C TYR C 38 -34.17 -6.27 -20.41
N PHE C 39 -33.39 -6.01 -19.37
CA PHE C 39 -33.87 -5.26 -18.20
C PHE C 39 -32.73 -4.48 -17.56
N GLY C 40 -33.05 -3.65 -16.57
CA GLY C 40 -32.07 -2.80 -15.93
C GLY C 40 -32.39 -1.34 -16.17
N ALA C 41 -31.51 -0.46 -15.71
CA ALA C 41 -31.74 0.97 -15.86
C ALA C 41 -31.30 1.49 -17.22
N GLU C 42 -31.93 2.58 -17.68
CA GLU C 42 -31.62 3.20 -18.97
C GLU C 42 -30.24 3.84 -18.98
N SER C 43 -29.73 4.13 -17.79
CA SER C 43 -28.35 4.56 -17.61
C SER C 43 -27.92 4.04 -16.23
N VAL C 44 -26.67 3.60 -16.13
CA VAL C 44 -26.18 3.03 -14.88
C VAL C 44 -25.31 4.01 -14.09
N GLU C 45 -25.89 4.55 -13.03
CA GLU C 45 -25.27 5.62 -12.26
C GLU C 45 -25.38 5.41 -10.76
N GLY C 46 -24.75 4.35 -10.27
CA GLY C 46 -24.78 4.07 -8.86
C GLY C 46 -24.78 2.59 -8.60
N ASN C 47 -24.70 2.23 -7.32
CA ASN C 47 -24.49 0.85 -6.88
C ASN C 47 -25.66 -0.05 -7.22
N PHE C 48 -26.88 0.40 -6.93
CA PHE C 48 -28.06 -0.41 -7.18
C PHE C 48 -28.18 -0.75 -8.65
N GLU C 49 -28.12 0.28 -9.49
CA GLU C 49 -28.23 0.11 -10.93
C GLU C 49 -27.07 -0.72 -11.48
N SER C 50 -25.91 -0.54 -10.88
CA SER C 50 -24.72 -1.26 -11.32
C SER C 50 -24.90 -2.74 -11.05
N TYR C 51 -25.39 -3.06 -9.86
CA TYR C 51 -25.63 -4.46 -9.50
C TYR C 51 -26.73 -5.05 -10.37
N LEU C 52 -27.73 -4.24 -10.66
CA LEU C 52 -28.81 -4.65 -11.54
C LEU C 52 -28.26 -4.93 -12.94
N ALA C 53 -27.41 -4.03 -13.43
CA ALA C 53 -26.82 -4.18 -14.75
C ALA C 53 -25.99 -5.46 -14.83
N ALA C 54 -25.34 -5.83 -13.72
CA ALA C 54 -24.50 -7.03 -13.71
C ALA C 54 -25.28 -8.26 -14.14
N ILE C 55 -26.43 -8.47 -13.52
CA ILE C 55 -27.29 -9.61 -13.80
C ILE C 55 -27.96 -9.49 -15.16
N ALA C 56 -28.41 -8.27 -15.48
CA ALA C 56 -28.99 -8.00 -16.79
C ALA C 56 -28.02 -8.37 -17.89
N VAL C 57 -26.76 -7.97 -17.72
CA VAL C 57 -25.74 -8.27 -18.70
C VAL C 57 -25.48 -9.76 -18.80
N MET C 58 -25.35 -10.41 -17.65
CA MET C 58 -25.15 -11.86 -17.63
C MET C 58 -26.31 -12.58 -18.29
N ASP C 59 -27.52 -12.19 -17.93
CA ASP C 59 -28.74 -12.74 -18.54
C ASP C 59 -28.71 -12.61 -20.04
N ARG C 60 -28.32 -11.42 -20.52
CA ARG C 60 -28.30 -11.12 -21.95
C ARG C 60 -27.30 -11.99 -22.72
N VAL C 61 -26.13 -12.23 -22.11
CA VAL C 61 -25.12 -13.05 -22.75
C VAL C 61 -25.57 -14.51 -22.80
N MET C 62 -26.15 -14.99 -21.70
CA MET C 62 -26.65 -16.36 -21.66
C MET C 62 -27.78 -16.64 -22.66
N ALA C 63 -28.63 -15.64 -22.87
CA ALA C 63 -29.68 -15.75 -23.87
C ALA C 63 -29.16 -15.86 -25.30
N TYR C 64 -27.91 -15.47 -25.52
CA TYR C 64 -27.37 -15.48 -26.88
C TYR C 64 -27.13 -16.92 -27.36
N ASP C 65 -27.72 -17.25 -28.51
CA ASP C 65 -27.76 -18.61 -29.08
C ASP C 65 -26.70 -18.99 -30.12
N GLN C 66 -25.95 -18.01 -30.61
CA GLN C 66 -24.89 -18.29 -31.57
C GLN C 66 -23.57 -18.47 -30.83
N PRO C 67 -22.63 -19.23 -31.40
CA PRO C 67 -21.29 -19.31 -30.79
C PRO C 67 -20.62 -17.93 -30.82
N PHE C 68 -19.75 -17.67 -29.85
CA PHE C 68 -19.00 -16.40 -29.80
C PHE C 68 -17.67 -16.64 -29.11
N ASP C 69 -16.69 -15.77 -29.37
CA ASP C 69 -15.31 -16.02 -28.93
C ASP C 69 -14.78 -15.15 -27.78
N ALA C 70 -15.49 -14.08 -27.48
CA ALA C 70 -15.12 -13.17 -26.40
C ALA C 70 -16.31 -12.28 -26.09
N VAL C 71 -16.30 -11.65 -24.94
CA VAL C 71 -17.38 -10.76 -24.56
C VAL C 71 -16.82 -9.46 -24.01
N ILE C 72 -17.37 -8.35 -24.49
CA ILE C 72 -17.01 -7.05 -23.97
C ILE C 72 -18.17 -6.49 -23.18
N GLN C 73 -17.88 -6.16 -21.93
CA GLN C 73 -18.83 -5.46 -21.07
C GLN C 73 -18.60 -3.99 -21.21
N ALA C 74 -19.55 -3.31 -21.83
CA ALA C 74 -19.32 -1.93 -22.23
C ALA C 74 -19.95 -1.02 -21.22
N GLY C 75 -19.39 -1.04 -20.02
CA GLY C 75 -19.77 -0.10 -19.00
C GLY C 75 -18.56 0.28 -18.19
N TYR C 76 -18.53 1.54 -17.78
CA TYR C 76 -17.41 2.05 -17.02
C TYR C 76 -17.63 2.10 -15.52
N GLY C 77 -16.92 1.22 -14.81
CA GLY C 77 -16.96 1.21 -13.36
C GLY C 77 -18.14 0.40 -12.87
N GLU C 78 -18.69 -0.41 -13.76
CA GLU C 78 -19.81 -1.28 -13.41
C GLU C 78 -19.38 -2.65 -12.91
N HIS C 79 -20.28 -3.31 -12.18
CA HIS C 79 -20.06 -4.66 -11.73
C HIS C 79 -20.36 -5.67 -12.83
N GLY C 80 -19.98 -6.93 -12.60
CA GLY C 80 -20.46 -8.03 -13.41
C GLY C 80 -19.45 -8.87 -14.16
N ARG C 81 -18.30 -8.28 -14.50
CA ARG C 81 -17.26 -8.99 -15.24
C ARG C 81 -16.94 -10.36 -14.62
N GLU C 82 -16.77 -10.38 -13.30
CA GLU C 82 -16.44 -11.61 -12.58
C GLU C 82 -17.52 -12.68 -12.73
N GLY C 83 -18.78 -12.27 -12.82
CA GLY C 83 -19.88 -13.19 -13.06
C GLY C 83 -19.80 -13.83 -14.45
N LEU C 84 -19.54 -13.00 -15.45
CA LEU C 84 -19.34 -13.46 -16.82
C LEU C 84 -18.18 -14.43 -16.90
N GLN C 85 -17.06 -14.07 -16.25
CA GLN C 85 -15.87 -14.90 -16.27
C GLN C 85 -16.11 -16.32 -15.75
N GLU C 86 -17.02 -16.46 -14.78
CA GLU C 86 -17.40 -17.77 -14.24
C GLU C 86 -18.30 -18.54 -15.21
N LEU C 87 -19.28 -17.84 -15.74
CA LEU C 87 -20.27 -18.45 -16.64
C LEU C 87 -19.66 -18.86 -17.98
N LEU C 88 -18.67 -18.09 -18.42
CA LEU C 88 -18.17 -18.23 -19.77
C LEU C 88 -16.82 -18.94 -19.81
N ASN C 89 -16.57 -19.60 -20.94
CA ASN C 89 -15.24 -20.11 -21.23
C ASN C 89 -14.62 -19.39 -22.40
N VAL C 90 -14.95 -18.11 -22.56
CA VAL C 90 -14.29 -17.24 -23.50
C VAL C 90 -13.83 -16.02 -22.73
N PRO C 91 -12.85 -15.27 -23.24
CA PRO C 91 -12.39 -14.08 -22.49
C PRO C 91 -13.49 -13.02 -22.32
N VAL C 92 -13.45 -12.36 -21.18
CA VAL C 92 -14.38 -11.28 -20.91
C VAL C 92 -13.55 -10.01 -20.66
N VAL C 93 -13.85 -8.93 -21.37
CA VAL C 93 -13.12 -7.69 -21.11
C VAL C 93 -14.02 -6.48 -20.90
N ASP C 94 -13.79 -5.83 -19.77
CA ASP C 94 -14.57 -4.68 -19.39
C ASP C 94 -13.83 -3.46 -19.91
N ILE C 95 -14.57 -2.49 -20.42
CA ILE C 95 -13.95 -1.33 -21.04
C ILE C 95 -13.17 -0.45 -20.05
N THR C 96 -13.56 -0.54 -18.78
CA THR C 96 -12.89 0.18 -17.69
C THR C 96 -11.46 -0.28 -17.61
N GLU C 97 -11.29 -1.59 -17.45
CA GLU C 97 -9.96 -2.16 -17.36
C GLU C 97 -9.23 -2.07 -18.68
N ALA C 98 -9.96 -2.21 -19.79
CA ALA C 98 -9.31 -2.07 -21.10
C ALA C 98 -8.70 -0.68 -21.25
N ALA C 99 -9.46 0.35 -20.89
CA ALA C 99 -8.99 1.72 -21.02
C ALA C 99 -7.75 1.97 -20.17
N ALA C 100 -7.81 1.60 -18.90
CA ALA C 100 -6.71 1.86 -17.98
C ALA C 100 -5.46 1.10 -18.40
N SER C 101 -5.66 -0.18 -18.69
CA SER C 101 -4.55 -1.04 -19.07
C SER C 101 -3.83 -0.53 -20.32
N THR C 102 -4.58 -0.12 -21.35
CA THR C 102 -3.89 0.38 -22.54
C THR C 102 -3.30 1.77 -22.32
N ALA C 103 -4.00 2.61 -21.56
CA ALA C 103 -3.49 3.93 -21.20
C ALA C 103 -2.14 3.87 -20.50
N MET C 104 -1.97 2.82 -19.69
CA MET C 104 -0.74 2.64 -18.93
C MET C 104 0.49 2.37 -19.79
N PHE C 105 0.27 1.87 -21.01
CA PHE C 105 1.40 1.71 -21.93
C PHE C 105 1.87 3.03 -22.53
N LEU C 106 1.11 4.11 -22.32
CA LEU C 106 1.32 5.36 -23.04
C LEU C 106 1.89 6.51 -22.20
N GLY C 107 1.79 6.41 -20.88
CA GLY C 107 2.21 7.51 -20.02
C GLY C 107 2.43 7.13 -18.57
N HIS C 108 2.96 8.04 -17.78
CA HIS C 108 3.32 7.73 -16.40
C HIS C 108 2.08 7.61 -15.52
N ALA C 109 1.03 8.32 -15.91
CA ALA C 109 -0.21 8.33 -15.16
C ALA C 109 -1.37 8.61 -16.09
N TYR C 110 -2.52 8.02 -15.77
CA TYR C 110 -3.71 8.27 -16.56
C TYR C 110 -4.83 8.82 -15.66
N SER C 111 -5.76 9.57 -16.24
CA SER C 111 -6.95 9.95 -15.47
C SER C 111 -8.16 9.53 -16.24
N VAL C 112 -9.21 9.20 -15.49
CA VAL C 112 -10.46 8.83 -16.10
C VAL C 112 -11.42 9.98 -16.00
N VAL C 113 -12.09 10.31 -17.10
CA VAL C 113 -13.13 11.33 -17.02
C VAL C 113 -14.47 10.64 -17.18
N THR C 114 -15.29 10.70 -16.14
CA THR C 114 -16.55 10.01 -16.21
C THR C 114 -17.69 11.01 -16.22
N THR C 115 -18.90 10.50 -16.02
CA THR C 115 -20.08 11.33 -16.10
C THR C 115 -20.37 11.99 -14.75
N LEU C 116 -21.07 11.28 -13.88
CA LEU C 116 -21.50 11.84 -12.60
C LEU C 116 -20.47 11.60 -11.51
N ASP C 117 -20.36 12.55 -10.59
CA ASP C 117 -19.45 12.44 -9.46
C ASP C 117 -19.72 11.21 -8.61
N ARG C 118 -21.00 10.83 -8.51
CA ARG C 118 -21.33 9.69 -7.66
C ARG C 118 -20.80 8.38 -8.22
N THR C 119 -20.39 8.39 -9.50
CA THR C 119 -19.83 7.19 -10.11
C THR C 119 -18.31 7.07 -9.90
N VAL C 120 -17.64 8.15 -9.50
CA VAL C 120 -16.19 8.04 -9.34
C VAL C 120 -15.68 7.00 -8.33
N PRO C 121 -16.27 6.96 -7.11
CA PRO C 121 -15.80 5.93 -6.16
C PRO C 121 -16.05 4.51 -6.65
N LEU C 122 -17.10 4.33 -7.45
CA LEU C 122 -17.36 3.05 -8.08
C LEU C 122 -16.24 2.70 -9.05
N ILE C 123 -15.89 3.67 -9.89
CA ILE C 123 -14.79 3.50 -10.83
C ILE C 123 -13.47 3.30 -10.10
N GLU C 124 -13.21 4.14 -9.10
CA GLU C 124 -12.02 4.01 -8.27
C GLU C 124 -11.91 2.60 -7.67
N ASP C 125 -13.02 2.12 -7.12
CA ASP C 125 -13.04 0.77 -6.54
C ASP C 125 -12.78 -0.34 -7.58
N ARG C 126 -13.40 -0.22 -8.75
CA ARG C 126 -13.18 -1.22 -9.79
C ARG C 126 -11.72 -1.26 -10.21
N LEU C 127 -11.11 -0.09 -10.35
CA LEU C 127 -9.72 -0.05 -10.79
C LEU C 127 -8.79 -0.63 -9.74
N LYS C 128 -9.08 -0.35 -8.47
CA LYS C 128 -8.30 -0.88 -7.37
C LYS C 128 -8.38 -2.40 -7.29
N LEU C 129 -9.59 -2.92 -7.44
CA LEU C 129 -9.83 -4.35 -7.41
C LEU C 129 -9.13 -5.02 -8.59
N ALA C 130 -9.07 -4.29 -9.71
CA ALA C 130 -8.45 -4.79 -10.93
C ALA C 130 -6.92 -4.68 -10.85
N GLY C 131 -6.42 -4.00 -9.83
CA GLY C 131 -4.99 -3.77 -9.70
C GLY C 131 -4.44 -2.82 -10.76
N LEU C 132 -5.27 -1.87 -11.17
CA LEU C 132 -4.89 -0.89 -12.18
C LEU C 132 -4.89 0.54 -11.65
N TYR C 133 -5.07 0.70 -10.34
CA TYR C 133 -5.22 2.05 -9.81
C TYR C 133 -3.91 2.76 -9.46
N GLN C 134 -2.83 2.00 -9.27
CA GLN C 134 -1.54 2.56 -8.86
C GLN C 134 -1.12 3.72 -9.79
N ARG C 135 -1.42 3.59 -11.09
CA ARG C 135 -1.04 4.60 -12.06
C ARG C 135 -2.15 5.53 -12.44
N CYS C 136 -3.24 5.48 -11.70
CA CYS C 136 -4.34 6.38 -11.95
C CYS C 136 -4.11 7.70 -11.24
N ALA C 137 -3.95 8.77 -12.00
CA ALA C 137 -3.75 10.08 -11.39
C ALA C 137 -5.02 10.55 -10.71
N SER C 138 -6.16 10.23 -11.32
CA SER C 138 -7.47 10.64 -10.79
C SER C 138 -8.60 10.10 -11.61
N VAL C 139 -9.76 10.05 -10.99
CA VAL C 139 -11.00 9.85 -11.70
C VAL C 139 -11.81 11.10 -11.45
N ARG C 140 -12.18 11.76 -12.54
CA ARG C 140 -12.91 13.03 -12.47
C ARG C 140 -14.24 12.90 -13.17
N ALA C 141 -15.25 13.63 -12.67
CA ALA C 141 -16.58 13.63 -13.25
C ALA C 141 -16.84 14.87 -14.08
N SER C 142 -17.41 14.70 -15.28
CA SER C 142 -17.76 15.86 -16.09
C SER C 142 -18.94 16.61 -15.48
N GLY C 143 -19.83 15.88 -14.81
CA GLY C 143 -20.99 16.49 -14.21
C GLY C 143 -22.18 16.39 -15.14
N MET C 144 -22.01 15.64 -16.22
CA MET C 144 -23.08 15.42 -17.19
C MET C 144 -23.53 13.99 -17.18
N ALA C 145 -24.84 13.77 -17.07
CA ALA C 145 -25.37 12.42 -17.10
C ALA C 145 -25.14 11.78 -18.46
N VAL C 146 -25.07 10.45 -18.47
CA VAL C 146 -24.83 9.69 -19.70
C VAL C 146 -25.83 10.06 -20.79
N LEU C 147 -27.11 10.10 -20.41
CA LEU C 147 -28.20 10.31 -21.36
C LEU C 147 -28.22 11.75 -21.92
N GLU C 148 -27.57 12.66 -21.20
CA GLU C 148 -27.46 14.06 -21.61
C GLU C 148 -26.44 14.33 -22.73
N LEU C 149 -25.56 13.36 -23.00
CA LEU C 149 -24.45 13.58 -23.93
C LEU C 149 -24.78 13.87 -25.40
N GLU C 150 -25.82 13.24 -25.94
CA GLU C 150 -26.08 13.37 -27.38
C GLU C 150 -26.96 14.57 -27.72
N GLU C 151 -27.43 15.29 -26.70
CA GLU C 151 -28.38 16.38 -26.91
C GLU C 151 -27.65 17.66 -27.28
N ASP C 152 -26.50 17.88 -26.66
CA ASP C 152 -25.66 19.03 -26.95
C ASP C 152 -24.20 18.61 -26.92
N PRO C 153 -23.74 18.02 -28.03
CA PRO C 153 -22.39 17.43 -28.06
C PRO C 153 -21.32 18.50 -27.82
N VAL C 154 -21.65 19.75 -28.08
CA VAL C 154 -20.72 20.84 -27.85
C VAL C 154 -20.57 21.02 -26.33
N ALA C 155 -21.69 21.08 -25.63
CA ALA C 155 -21.65 21.26 -24.18
C ALA C 155 -21.06 20.05 -23.48
N ALA C 156 -21.40 18.86 -23.98
CA ALA C 156 -20.87 17.63 -23.41
C ALA C 156 -19.36 17.61 -23.53
N MET C 157 -18.89 17.92 -24.74
CA MET C 157 -17.46 17.94 -25.01
C MET C 157 -16.75 18.96 -24.12
N GLU C 158 -17.36 20.13 -23.95
CA GLU C 158 -16.77 21.19 -23.16
C GLU C 158 -16.59 20.74 -21.70
N ALA C 159 -17.62 20.07 -21.19
CA ALA C 159 -17.59 19.57 -19.83
C ALA C 159 -16.51 18.51 -19.64
N ILE C 160 -16.37 17.63 -20.62
CA ILE C 160 -15.36 16.58 -20.55
C ILE C 160 -13.98 17.18 -20.63
N VAL C 161 -13.77 18.05 -21.61
CA VAL C 161 -12.47 18.70 -21.80
C VAL C 161 -11.98 19.47 -20.58
N ARG C 162 -12.88 20.18 -19.90
CA ARG C 162 -12.47 20.93 -18.71
C ARG C 162 -11.89 19.98 -17.64
N GLN C 163 -12.53 18.82 -17.45
CA GLN C 163 -12.02 17.85 -16.47
C GLN C 163 -10.68 17.26 -16.91
N ALA C 164 -10.57 17.01 -18.22
CA ALA C 164 -9.31 16.50 -18.77
C ALA C 164 -8.17 17.49 -18.54
N GLU C 165 -8.44 18.77 -18.75
CA GLU C 165 -7.44 19.83 -18.55
C GLU C 165 -6.99 19.88 -17.10
N LEU C 166 -7.93 19.74 -16.18
CA LEU C 166 -7.63 19.74 -14.75
C LEU C 166 -6.86 18.50 -14.37
N ALA C 167 -7.28 17.37 -14.92
CA ALA C 167 -6.60 16.12 -14.64
C ALA C 167 -5.14 16.25 -15.06
N ILE C 168 -4.94 16.78 -16.25
CA ILE C 168 -3.60 16.96 -16.78
C ILE C 168 -2.81 17.97 -15.92
N ARG C 169 -3.41 19.14 -15.66
CA ARG C 169 -2.72 20.25 -14.96
C ARG C 169 -2.49 20.01 -13.46
N GLU C 170 -3.55 19.63 -12.75
CA GLU C 170 -3.48 19.42 -11.30
C GLU C 170 -3.06 18.00 -10.90
N ASP C 171 -3.61 16.98 -11.57
CA ASP C 171 -3.37 15.59 -11.16
C ASP C 171 -2.19 14.96 -11.88
N LYS C 172 -1.64 15.70 -12.84
CA LYS C 172 -0.49 15.22 -13.61
C LYS C 172 -0.81 13.99 -14.47
N ALA C 173 -2.06 13.90 -14.93
CA ALA C 173 -2.46 12.89 -15.90
C ALA C 173 -1.67 13.12 -17.19
N GLU C 174 -1.31 12.04 -17.88
CA GLU C 174 -0.61 12.16 -19.14
C GLU C 174 -1.44 11.52 -20.27
N VAL C 175 -2.44 10.75 -19.84
CA VAL C 175 -3.36 10.09 -20.74
C VAL C 175 -4.73 10.18 -20.12
N ILE C 176 -5.75 10.34 -20.95
CA ILE C 176 -7.14 10.40 -20.50
C ILE C 176 -7.86 9.14 -20.94
N CYS C 177 -8.58 8.50 -20.03
CA CYS C 177 -9.48 7.39 -20.39
C CYS C 177 -10.91 7.87 -20.41
N LEU C 178 -11.66 7.54 -21.46
CA LEU C 178 -13.10 7.81 -21.43
C LEU C 178 -13.74 6.96 -20.35
N GLY C 179 -14.57 7.54 -19.51
CA GLY C 179 -15.05 6.82 -18.34
C GLY C 179 -16.53 6.58 -18.44
N CYS C 180 -17.00 6.41 -19.67
CA CYS C 180 -18.36 5.99 -19.91
C CYS C 180 -18.50 5.38 -21.31
N GLY C 181 -19.26 4.29 -21.42
CA GLY C 181 -19.50 3.66 -22.70
C GLY C 181 -20.18 4.58 -23.70
N GLY C 182 -21.07 5.43 -23.21
CA GLY C 182 -21.74 6.37 -24.10
C GLY C 182 -20.86 7.50 -24.60
N MET C 183 -19.62 7.56 -24.12
CA MET C 183 -18.65 8.53 -24.60
C MET C 183 -17.87 7.96 -25.78
N ALA C 184 -18.19 6.72 -26.16
CA ALA C 184 -17.46 6.04 -27.21
C ALA C 184 -17.29 6.92 -28.44
N GLY C 185 -16.06 7.03 -28.93
CA GLY C 185 -15.79 7.76 -30.16
C GLY C 185 -15.44 9.21 -29.96
N LEU C 186 -15.41 9.65 -28.71
CA LEU C 186 -15.22 11.06 -28.42
C LEU C 186 -13.74 11.33 -28.22
N ASP C 187 -12.94 10.26 -28.26
CA ASP C 187 -11.53 10.36 -27.85
C ASP C 187 -10.71 11.26 -28.75
N GLU C 188 -10.93 11.17 -30.07
CA GLU C 188 -10.08 11.90 -31.01
C GLU C 188 -10.24 13.40 -30.75
N GLN C 189 -11.50 13.79 -30.54
CA GLN C 189 -11.87 15.19 -30.32
C GLN C 189 -11.28 15.72 -29.02
N ILE C 190 -11.38 14.92 -27.95
CA ILE C 190 -10.79 15.28 -26.67
C ILE C 190 -9.28 15.37 -26.81
N ARG C 191 -8.70 14.41 -27.52
CA ARG C 191 -7.26 14.47 -27.81
C ARG C 191 -6.89 15.76 -28.52
N GLN C 192 -7.69 16.14 -29.52
CA GLN C 192 -7.40 17.36 -30.26
C GLN C 192 -7.34 18.53 -29.32
N ARG C 193 -8.27 18.55 -28.38
CA ARG C 193 -8.36 19.68 -27.47
C ARG C 193 -7.51 19.64 -26.21
N THR C 194 -6.96 18.47 -25.85
CA THR C 194 -6.14 18.36 -24.62
C THR C 194 -4.64 18.20 -24.87
N GLY C 195 -4.28 17.65 -26.02
CA GLY C 195 -2.89 17.40 -26.36
C GLY C 195 -2.26 16.17 -25.75
N VAL C 196 -3.11 15.28 -25.23
CA VAL C 196 -2.65 14.01 -24.70
C VAL C 196 -3.40 12.87 -25.35
N PRO C 197 -2.81 11.66 -25.32
CA PRO C 197 -3.54 10.51 -25.86
C PRO C 197 -4.82 10.29 -25.06
N VAL C 198 -5.89 9.99 -25.78
CA VAL C 198 -7.14 9.72 -25.11
C VAL C 198 -7.59 8.34 -25.53
N VAL C 199 -7.88 7.52 -24.53
CA VAL C 199 -8.26 6.14 -24.77
C VAL C 199 -9.76 5.95 -24.62
N ASP C 200 -10.38 5.38 -25.66
CA ASP C 200 -11.76 4.97 -25.59
C ASP C 200 -11.74 3.50 -25.20
N GLY C 201 -12.28 3.20 -24.02
CA GLY C 201 -12.32 1.84 -23.52
C GLY C 201 -13.02 0.85 -24.45
N VAL C 202 -14.01 1.32 -25.20
CA VAL C 202 -14.71 0.48 -26.14
C VAL C 202 -13.78 -0.04 -27.24
N THR C 203 -13.05 0.85 -27.90
CA THR C 203 -12.17 0.39 -28.96
C THR C 203 -10.95 -0.32 -28.37
N ALA C 204 -10.48 0.17 -27.23
CA ALA C 204 -9.41 -0.53 -26.51
C ALA C 204 -9.79 -1.98 -26.25
N ALA C 205 -11.00 -2.17 -25.76
CA ALA C 205 -11.49 -3.51 -25.41
C ALA C 205 -11.57 -4.46 -26.61
N VAL C 206 -12.03 -3.94 -27.75
CA VAL C 206 -12.11 -4.77 -28.95
C VAL C 206 -10.73 -5.33 -29.28
N THR C 207 -9.72 -4.48 -29.25
CA THR C 207 -8.37 -4.92 -29.60
C THR C 207 -7.86 -5.96 -28.60
N ILE C 208 -8.21 -5.76 -27.32
CA ILE C 208 -7.75 -6.69 -26.29
C ILE C 208 -8.46 -8.04 -26.41
N ALA C 209 -9.78 -7.99 -26.58
CA ALA C 209 -10.58 -9.18 -26.79
C ALA C 209 -10.10 -9.95 -28.03
N GLU C 210 -9.85 -9.22 -29.12
CA GLU C 210 -9.32 -9.86 -30.33
C GLU C 210 -7.97 -10.52 -30.06
N SER C 211 -7.11 -9.82 -29.33
CA SER C 211 -5.77 -10.30 -29.02
C SER C 211 -5.83 -11.59 -28.20
N LEU C 212 -6.69 -11.61 -27.20
CA LEU C 212 -6.82 -12.78 -26.35
C LEU C 212 -7.22 -13.98 -27.20
N VAL C 213 -8.22 -13.79 -28.05
CA VAL C 213 -8.67 -14.85 -28.96
C VAL C 213 -7.55 -15.28 -29.88
N ARG C 214 -6.88 -14.31 -30.47
CA ARG C 214 -5.77 -14.62 -31.37
C ARG C 214 -4.66 -15.38 -30.69
N LEU C 215 -4.45 -15.09 -29.40
CA LEU C 215 -3.37 -15.69 -28.62
C LEU C 215 -3.78 -17.04 -28.06
N GLY C 216 -5.03 -17.42 -28.31
CA GLY C 216 -5.59 -18.68 -27.80
C GLY C 216 -5.75 -18.68 -26.29
N LEU C 217 -6.06 -17.51 -25.74
CA LEU C 217 -6.12 -17.35 -24.30
C LEU C 217 -7.56 -17.18 -23.86
N SER C 218 -7.91 -17.82 -22.76
CA SER C 218 -9.23 -17.61 -22.16
C SER C 218 -9.12 -17.52 -20.65
N THR C 219 -10.22 -17.16 -20.03
CA THR C 219 -10.31 -17.05 -18.58
C THR C 219 -9.80 -18.31 -17.93
N SER C 220 -8.95 -18.16 -16.91
CA SER C 220 -8.52 -19.30 -16.12
C SER C 220 -9.69 -19.89 -15.34
N LYS C 221 -9.90 -21.19 -15.45
CA LYS C 221 -11.03 -21.82 -14.75
C LYS C 221 -10.55 -22.52 -13.50
N ILE C 222 -9.32 -22.21 -13.06
CA ILE C 222 -8.69 -22.99 -12.01
C ILE C 222 -9.23 -22.68 -10.61
N ARG C 223 -9.69 -21.46 -10.36
CA ARG C 223 -10.08 -21.12 -8.98
C ARG C 223 -11.24 -20.16 -8.93
N THR C 224 -10.91 -18.87 -8.84
CA THR C 224 -11.89 -17.80 -8.66
C THR C 224 -12.98 -17.81 -9.73
N TYR C 225 -12.59 -18.12 -10.96
CA TYR C 225 -13.52 -18.10 -12.09
C TYR C 225 -13.89 -19.48 -12.63
N ALA C 226 -13.73 -20.51 -11.80
CA ALA C 226 -14.21 -21.84 -12.16
C ALA C 226 -15.71 -21.80 -12.46
N THR C 227 -16.16 -22.74 -13.27
CA THR C 227 -17.60 -22.89 -13.55
C THR C 227 -18.33 -23.00 -12.22
N PRO C 228 -19.51 -22.35 -12.08
CA PRO C 228 -20.24 -22.48 -10.81
C PRO C 228 -20.57 -23.95 -10.51
N ARG C 229 -20.45 -24.35 -9.25
CA ARG C 229 -20.76 -25.73 -8.86
C ARG C 229 -22.26 -25.92 -9.08
N PRO C 230 -22.64 -27.01 -9.76
CA PRO C 230 -24.06 -27.27 -10.04
C PRO C 230 -24.81 -27.42 -8.72
N LYS C 231 -25.93 -26.74 -8.59
CA LYS C 231 -26.70 -26.71 -7.35
C LYS C 231 -28.06 -26.15 -7.68
N LYS C 232 -28.98 -26.15 -6.71
CA LYS C 232 -30.30 -25.55 -6.96
C LYS C 232 -30.21 -24.03 -6.97
N VAL C 233 -30.59 -23.45 -8.10
CA VAL C 233 -30.74 -22.00 -8.16
C VAL C 233 -32.11 -21.63 -8.71
N ILE C 234 -32.82 -20.81 -7.94
CA ILE C 234 -34.18 -20.41 -8.26
C ILE C 234 -34.13 -19.23 -9.21
N GLY C 235 -34.97 -19.28 -10.23
CA GLY C 235 -34.89 -18.31 -11.30
C GLY C 235 -33.70 -18.69 -12.17
N TRP C 236 -33.24 -17.74 -12.98
CA TRP C 236 -32.09 -17.94 -13.86
C TRP C 236 -32.29 -19.14 -14.80
N MET D 1 1.99 -2.02 -41.19
CA MET D 1 2.80 -1.39 -40.15
C MET D 1 4.08 -2.19 -39.91
N ARG D 2 5.08 -1.53 -39.35
CA ARG D 2 6.32 -2.23 -38.97
C ARG D 2 6.61 -2.13 -37.48
N ILE D 3 6.80 -3.27 -36.84
CA ILE D 3 7.12 -3.28 -35.42
C ILE D 3 8.52 -3.82 -35.24
N LEU D 4 9.36 -3.03 -34.57
CA LEU D 4 10.70 -3.47 -34.23
C LEU D 4 10.60 -4.37 -33.01
N VAL D 5 11.17 -5.56 -33.08
CA VAL D 5 11.21 -6.41 -31.88
C VAL D 5 12.65 -6.57 -31.44
N VAL D 6 13.00 -5.92 -30.34
CA VAL D 6 14.41 -5.88 -29.99
C VAL D 6 14.81 -6.71 -28.77
N ASN D 7 15.71 -7.65 -29.03
CA ASN D 7 16.28 -8.48 -27.99
C ASN D 7 17.04 -7.56 -27.04
N VAL D 8 17.04 -7.85 -25.74
CA VAL D 8 17.78 -7.02 -24.78
C VAL D 8 19.20 -7.55 -24.67
N ASN D 9 19.39 -8.80 -25.09
CA ASN D 9 20.74 -9.38 -25.08
C ASN D 9 21.32 -9.45 -26.48
N THR D 10 22.58 -9.81 -26.58
CA THR D 10 23.30 -9.77 -27.85
C THR D 10 23.40 -11.10 -28.58
N THR D 11 22.65 -12.09 -28.08
CA THR D 11 22.64 -13.41 -28.69
C THR D 11 21.68 -13.37 -29.85
N ALA D 12 22.22 -13.30 -31.06
CA ALA D 12 21.40 -13.15 -32.26
C ALA D 12 20.43 -14.30 -32.43
N SER D 13 20.79 -15.50 -31.96
CA SER D 13 19.91 -16.66 -32.13
C SER D 13 18.63 -16.48 -31.32
N ILE D 14 18.73 -15.80 -30.18
CA ILE D 14 17.55 -15.52 -29.40
C ILE D 14 16.66 -14.53 -30.14
N THR D 15 17.28 -13.53 -30.76
CA THR D 15 16.53 -12.56 -31.56
C THR D 15 15.70 -13.25 -32.62
N GLU D 16 16.28 -14.22 -33.32
CA GLU D 16 15.51 -14.96 -34.33
C GLU D 16 14.33 -15.70 -33.73
N THR D 17 14.56 -16.37 -32.62
CA THR D 17 13.48 -17.11 -31.95
C THR D 17 12.34 -16.16 -31.58
N ILE D 18 12.71 -15.01 -31.04
CA ILE D 18 11.73 -14.02 -30.62
C ILE D 18 10.97 -13.48 -31.83
N ALA D 19 11.70 -13.11 -32.89
CA ALA D 19 11.08 -12.58 -34.10
C ALA D 19 10.15 -13.61 -34.75
N GLU D 20 10.58 -14.87 -34.77
CA GLU D 20 9.78 -15.95 -35.34
C GLU D 20 8.48 -16.10 -34.56
N GLN D 21 8.59 -16.10 -33.24
CA GLN D 21 7.42 -16.19 -32.37
C GLN D 21 6.52 -14.98 -32.60
N ALA D 22 7.13 -13.83 -32.80
CA ALA D 22 6.35 -12.61 -33.05
C ALA D 22 5.62 -12.72 -34.39
N ARG D 23 6.31 -13.21 -35.41
CA ARG D 23 5.71 -13.34 -36.73
C ARG D 23 4.54 -14.34 -36.74
N ALA D 24 4.59 -15.34 -35.87
CA ALA D 24 3.51 -16.31 -35.80
C ALA D 24 2.15 -15.70 -35.41
N VAL D 25 2.13 -14.59 -34.67
CA VAL D 25 0.85 -14.01 -34.26
C VAL D 25 0.54 -12.69 -34.95
N ALA D 26 1.51 -12.15 -35.64
CA ALA D 26 1.35 -10.85 -36.28
C ALA D 26 0.18 -10.87 -37.26
N SER D 27 -0.62 -9.82 -37.22
CA SER D 27 -1.75 -9.70 -38.14
C SER D 27 -1.24 -9.48 -39.57
N PRO D 28 -2.09 -9.80 -40.56
CA PRO D 28 -1.75 -9.46 -41.96
C PRO D 28 -1.42 -7.97 -42.06
N GLY D 29 -0.35 -7.65 -42.79
CA GLY D 29 0.03 -6.27 -42.95
C GLY D 29 1.03 -5.78 -41.91
N THR D 30 1.29 -6.63 -40.92
CA THR D 30 2.30 -6.30 -39.89
C THR D 30 3.63 -6.95 -40.18
N GLU D 31 4.66 -6.14 -40.35
CA GLU D 31 6.01 -6.66 -40.49
C GLU D 31 6.76 -6.62 -39.17
N ILE D 32 7.36 -7.75 -38.81
CA ILE D 32 8.21 -7.82 -37.63
C ILE D 32 9.67 -7.69 -38.04
N VAL D 33 10.39 -6.76 -37.42
CA VAL D 33 11.83 -6.69 -37.62
C VAL D 33 12.49 -7.01 -36.29
N GLY D 34 13.18 -8.15 -36.22
CA GLY D 34 13.90 -8.53 -35.02
C GLY D 34 15.27 -7.90 -34.99
N LEU D 35 15.61 -7.20 -33.91
CA LEU D 35 16.90 -6.53 -33.81
C LEU D 35 17.76 -7.00 -32.63
N THR D 36 19.05 -7.14 -32.86
CA THR D 36 20.00 -7.46 -31.81
C THR D 36 20.86 -6.24 -31.50
N PRO D 37 20.95 -5.85 -30.23
CA PRO D 37 21.77 -4.67 -29.92
C PRO D 37 23.22 -4.94 -30.27
N TYR D 38 23.97 -3.88 -30.57
CA TYR D 38 25.34 -4.02 -31.03
C TYR D 38 26.29 -4.27 -29.88
N PHE D 39 25.83 -3.98 -28.67
CA PHE D 39 26.66 -4.25 -27.51
C PHE D 39 25.85 -4.70 -26.30
N GLY D 40 26.53 -5.16 -25.27
CA GLY D 40 25.85 -5.65 -24.09
C GLY D 40 26.09 -7.13 -23.87
N ALA D 41 25.47 -7.66 -22.82
CA ALA D 41 25.70 -9.03 -22.43
C ALA D 41 24.93 -10.00 -23.32
N GLU D 42 25.43 -11.22 -23.44
CA GLU D 42 24.79 -12.27 -24.24
C GLU D 42 23.50 -12.77 -23.59
N SER D 43 23.40 -12.53 -22.30
CA SER D 43 22.20 -12.81 -21.54
C SER D 43 22.15 -11.75 -20.45
N VAL D 44 20.97 -11.24 -20.18
CA VAL D 44 20.85 -10.19 -19.19
C VAL D 44 20.35 -10.77 -17.88
N GLU D 45 21.23 -10.86 -16.90
CA GLU D 45 20.90 -11.53 -15.64
C GLU D 45 21.33 -10.73 -14.43
N GLY D 46 20.80 -9.52 -14.26
CA GLY D 46 21.17 -8.71 -13.12
C GLY D 46 21.16 -7.24 -13.47
N ASN D 47 21.37 -6.41 -12.46
CA ASN D 47 21.21 -4.97 -12.59
C ASN D 47 22.16 -4.35 -13.58
N PHE D 48 23.44 -4.71 -13.47
CA PHE D 48 24.44 -4.14 -14.33
C PHE D 48 24.15 -4.46 -15.79
N GLU D 49 23.89 -5.73 -16.08
CA GLU D 49 23.58 -6.14 -17.45
C GLU D 49 22.29 -5.47 -17.93
N SER D 50 21.34 -5.30 -17.03
CA SER D 50 20.06 -4.67 -17.35
C SER D 50 20.24 -3.21 -17.73
N TYR D 51 20.99 -2.47 -16.92
CA TYR D 51 21.25 -1.07 -17.23
C TYR D 51 22.03 -0.93 -18.52
N LEU D 52 22.99 -1.85 -18.73
CA LEU D 52 23.76 -1.86 -19.96
C LEU D 52 22.84 -2.13 -21.15
N ALA D 53 21.93 -3.10 -21.02
CA ALA D 53 20.99 -3.40 -22.09
C ALA D 53 20.05 -2.24 -22.39
N ALA D 54 19.66 -1.49 -21.36
CA ALA D 54 18.73 -0.38 -21.58
C ALA D 54 19.30 0.54 -22.66
N ILE D 55 20.57 0.91 -22.51
CA ILE D 55 21.21 1.80 -23.47
C ILE D 55 21.49 1.10 -24.80
N ALA D 56 21.89 -0.16 -24.72
CA ALA D 56 22.14 -0.97 -25.93
C ALA D 56 20.92 -0.99 -26.85
N VAL D 57 19.76 -1.19 -26.24
CA VAL D 57 18.49 -1.23 -26.95
C VAL D 57 18.15 0.13 -27.57
N MET D 58 18.28 1.19 -26.78
CA MET D 58 18.06 2.55 -27.27
C MET D 58 18.99 2.86 -28.43
N ASP D 59 20.26 2.52 -28.25
CA ASP D 59 21.26 2.64 -29.30
C ASP D 59 20.82 1.89 -30.55
N ARG D 60 20.35 0.65 -30.39
CA ARG D 60 19.97 -0.20 -31.54
C ARG D 60 18.80 0.38 -32.31
N VAL D 61 17.80 0.87 -31.57
CA VAL D 61 16.62 1.45 -32.20
C VAL D 61 17.01 2.75 -32.92
N MET D 62 17.84 3.56 -32.25
CA MET D 62 18.45 4.71 -32.89
C MET D 62 19.27 4.03 -33.97
N ALA D 63 19.59 4.68 -35.07
CA ALA D 63 20.46 3.98 -36.05
C ALA D 63 19.73 2.87 -36.82
N TYR D 64 18.52 2.48 -36.41
CA TYR D 64 17.77 1.60 -37.28
C TYR D 64 17.41 2.32 -38.60
N ASP D 65 17.01 3.57 -38.56
CA ASP D 65 16.83 4.34 -39.82
C ASP D 65 15.84 3.91 -40.94
N GLN D 66 15.22 2.75 -40.83
CA GLN D 66 14.03 2.53 -41.64
C GLN D 66 12.84 2.95 -40.78
N PRO D 67 11.73 3.36 -41.42
CA PRO D 67 10.52 3.75 -40.69
C PRO D 67 9.92 2.60 -39.89
N PHE D 68 9.33 2.92 -38.75
CA PHE D 68 8.65 1.90 -37.95
C PHE D 68 7.55 2.52 -37.11
N ASP D 69 6.57 1.72 -36.72
CA ASP D 69 5.34 2.21 -36.10
C ASP D 69 5.21 1.90 -34.60
N ALA D 70 6.05 0.99 -34.12
CA ALA D 70 6.06 0.61 -32.72
C ALA D 70 7.33 -0.16 -32.39
N VAL D 71 7.65 -0.22 -31.11
CA VAL D 71 8.83 -0.95 -30.68
C VAL D 71 8.49 -1.84 -29.51
N ILE D 72 8.94 -3.08 -29.61
CA ILE D 72 8.81 -4.03 -28.52
C ILE D 72 10.19 -4.28 -27.93
N GLN D 73 10.32 -4.08 -26.62
CA GLN D 73 11.55 -4.43 -25.92
C GLN D 73 11.39 -5.83 -25.34
N ALA D 74 12.21 -6.76 -25.81
CA ALA D 74 12.03 -8.17 -25.53
C ALA D 74 12.93 -8.67 -24.44
N GLY D 75 12.70 -8.24 -23.21
CA GLY D 75 13.38 -8.82 -22.07
C GLY D 75 12.44 -8.80 -20.87
N TYR D 76 12.60 -9.75 -19.96
CA TYR D 76 11.79 -9.74 -18.74
C TYR D 76 12.50 -9.12 -17.55
N GLY D 77 11.99 -7.99 -17.10
CA GLY D 77 12.50 -7.35 -15.90
C GLY D 77 13.70 -6.45 -16.15
N GLU D 78 13.96 -6.15 -17.43
CA GLU D 78 15.04 -5.21 -17.73
C GLU D 78 14.58 -3.77 -17.80
N HIS D 79 15.56 -2.88 -17.63
CA HIS D 79 15.35 -1.45 -17.67
C HIS D 79 15.28 -0.94 -19.10
N GLY D 80 14.84 0.32 -19.23
CA GLY D 80 15.03 1.02 -20.49
C GLY D 80 13.77 1.52 -21.17
N ARG D 81 12.64 0.87 -20.89
CA ARG D 81 11.36 1.22 -21.51
C ARG D 81 11.10 2.72 -21.54
N GLU D 82 11.35 3.36 -20.40
CA GLU D 82 11.09 4.78 -20.26
C GLU D 82 11.97 5.66 -21.16
N GLY D 83 13.20 5.19 -21.39
CA GLY D 83 14.11 5.89 -22.29
C GLY D 83 13.61 5.87 -23.71
N LEU D 84 13.22 4.68 -24.17
CA LEU D 84 12.61 4.55 -25.50
C LEU D 84 11.41 5.44 -25.65
N GLN D 85 10.55 5.42 -24.62
CA GLN D 85 9.34 6.24 -24.64
C GLN D 85 9.68 7.73 -24.81
N GLU D 86 10.79 8.18 -24.24
CA GLU D 86 11.19 9.57 -24.42
C GLU D 86 11.75 9.82 -25.80
N LEU D 87 12.61 8.91 -26.24
CA LEU D 87 13.29 9.07 -27.51
C LEU D 87 12.31 8.95 -28.68
N LEU D 88 11.27 8.14 -28.52
CA LEU D 88 10.43 7.80 -29.66
C LEU D 88 9.06 8.48 -29.69
N ASN D 89 8.50 8.60 -30.88
CA ASN D 89 7.13 9.07 -31.03
C ASN D 89 6.21 7.98 -31.56
N VAL D 90 6.56 6.74 -31.25
CA VAL D 90 5.69 5.60 -31.51
C VAL D 90 5.55 4.79 -30.22
N PRO D 91 4.49 3.96 -30.12
CA PRO D 91 4.34 3.15 -28.90
C PRO D 91 5.51 2.19 -28.66
N VAL D 92 5.81 2.02 -27.38
CA VAL D 92 6.83 1.11 -26.92
C VAL D 92 6.12 0.15 -25.99
N VAL D 93 6.28 -1.14 -26.19
CA VAL D 93 5.74 -2.10 -25.24
C VAL D 93 6.77 -3.12 -24.81
N ASP D 94 6.94 -3.21 -23.50
CA ASP D 94 7.88 -4.15 -22.97
C ASP D 94 7.16 -5.47 -22.71
N ILE D 95 7.79 -6.59 -23.05
CA ILE D 95 7.12 -7.88 -22.94
C ILE D 95 6.75 -8.23 -21.49
N THR D 96 7.49 -7.67 -20.53
CA THR D 96 7.20 -7.88 -19.11
C THR D 96 5.83 -7.36 -18.78
N GLU D 97 5.63 -6.08 -19.08
CA GLU D 97 4.36 -5.43 -18.82
C GLU D 97 3.29 -5.97 -19.75
N ALA D 98 3.67 -6.32 -20.98
CA ALA D 98 2.72 -6.91 -21.90
C ALA D 98 2.16 -8.20 -21.33
N ALA D 99 3.01 -9.10 -20.84
CA ALA D 99 2.53 -10.37 -20.29
C ALA D 99 1.63 -10.19 -19.07
N ALA D 100 2.09 -9.37 -18.11
CA ALA D 100 1.32 -9.19 -16.88
C ALA D 100 -0.02 -8.56 -17.19
N SER D 101 0.01 -7.54 -18.05
CA SER D 101 -1.20 -6.82 -18.39
C SER D 101 -2.22 -7.73 -19.04
N THR D 102 -1.80 -8.56 -19.98
CA THR D 102 -2.75 -9.46 -20.60
C THR D 102 -3.15 -10.59 -19.64
N ALA D 103 -2.21 -11.09 -18.85
CA ALA D 103 -2.56 -12.11 -17.85
C ALA D 103 -3.67 -11.63 -16.87
N MET D 104 -3.65 -10.35 -16.56
CA MET D 104 -4.63 -9.79 -15.63
C MET D 104 -6.05 -9.83 -16.15
N PHE D 105 -6.22 -9.93 -17.47
CA PHE D 105 -7.56 -10.07 -18.04
C PHE D 105 -8.12 -11.47 -17.87
N LEU D 106 -7.26 -12.40 -17.45
CA LEU D 106 -7.55 -13.83 -17.52
C LEU D 106 -7.78 -14.55 -16.18
N GLY D 107 -7.40 -13.92 -15.07
CA GLY D 107 -7.52 -14.59 -13.79
C GLY D 107 -7.38 -13.63 -12.63
N HIS D 108 -7.65 -14.10 -11.41
CA HIS D 108 -7.65 -13.22 -10.25
C HIS D 108 -6.23 -12.77 -9.87
N ALA D 109 -5.25 -13.61 -10.19
CA ALA D 109 -3.85 -13.33 -9.89
C ALA D 109 -2.98 -14.07 -10.90
N TYR D 110 -1.80 -13.52 -11.18
CA TYR D 110 -0.86 -14.18 -12.07
C TYR D 110 0.49 -14.35 -11.36
N SER D 111 1.26 -15.34 -11.79
CA SER D 111 2.64 -15.45 -11.35
C SER D 111 3.53 -15.50 -12.57
N VAL D 112 4.72 -14.92 -12.46
CA VAL D 112 5.64 -15.03 -13.57
C VAL D 112 6.72 -16.01 -13.16
N VAL D 113 7.07 -16.90 -14.09
CA VAL D 113 8.15 -17.83 -13.83
C VAL D 113 9.35 -17.43 -14.65
N THR D 114 10.42 -17.09 -13.96
CA THR D 114 11.61 -16.62 -14.66
C THR D 114 12.76 -17.61 -14.54
N THR D 115 13.95 -17.14 -14.86
CA THR D 115 15.12 -17.97 -14.92
C THR D 115 15.83 -18.08 -13.59
N LEU D 116 16.69 -17.10 -13.33
CA LEU D 116 17.53 -17.09 -12.14
C LEU D 116 16.87 -16.38 -10.97
N ASP D 117 17.16 -16.87 -9.76
CA ASP D 117 16.60 -16.25 -8.59
C ASP D 117 17.01 -14.79 -8.46
N ARG D 118 18.20 -14.45 -8.94
CA ARG D 118 18.70 -13.08 -8.82
C ARG D 118 17.95 -12.08 -9.73
N THR D 119 17.20 -12.58 -10.71
CA THR D 119 16.43 -11.67 -11.57
C THR D 119 15.05 -11.40 -10.99
N VAL D 120 14.67 -12.18 -9.98
CA VAL D 120 13.34 -12.06 -9.41
C VAL D 120 13.06 -10.65 -8.90
N PRO D 121 13.96 -10.07 -8.08
CA PRO D 121 13.66 -8.72 -7.60
C PRO D 121 13.61 -7.65 -8.69
N LEU D 122 14.35 -7.84 -9.79
CA LEU D 122 14.29 -6.92 -10.94
C LEU D 122 12.91 -6.93 -11.59
N ILE D 123 12.39 -8.13 -11.82
CA ILE D 123 11.07 -8.30 -12.37
C ILE D 123 10.02 -7.72 -11.44
N GLU D 124 10.13 -8.05 -10.15
CA GLU D 124 9.23 -7.49 -9.14
C GLU D 124 9.23 -5.96 -9.21
N ASP D 125 10.43 -5.38 -9.27
CA ASP D 125 10.59 -3.94 -9.31
C ASP D 125 9.99 -3.33 -10.57
N ARG D 126 10.22 -4.00 -11.72
CA ARG D 126 9.65 -3.51 -12.97
C ARG D 126 8.12 -3.55 -12.94
N LEU D 127 7.55 -4.62 -12.40
CA LEU D 127 6.09 -4.74 -12.30
C LEU D 127 5.53 -3.69 -11.34
N LYS D 128 6.25 -3.46 -10.24
CA LYS D 128 5.86 -2.41 -9.30
C LYS D 128 5.90 -1.03 -9.96
N LEU D 129 6.96 -0.77 -10.72
CA LEU D 129 7.13 0.50 -11.40
C LEU D 129 5.99 0.70 -12.39
N ALA D 130 5.59 -0.42 -13.00
CA ALA D 130 4.56 -0.40 -14.03
C ALA D 130 3.16 -0.31 -13.46
N GLY D 131 3.05 -0.46 -12.14
CA GLY D 131 1.75 -0.48 -11.51
C GLY D 131 0.99 -1.73 -11.87
N LEU D 132 1.70 -2.84 -12.07
CA LEU D 132 1.05 -4.07 -12.46
C LEU D 132 1.26 -5.17 -11.43
N TYR D 133 1.83 -4.82 -10.29
CA TYR D 133 2.22 -5.83 -9.31
C TYR D 133 1.13 -6.28 -8.33
N GLN D 134 0.10 -5.47 -8.13
CA GLN D 134 -1.00 -5.78 -7.22
C GLN D 134 -1.59 -7.18 -7.45
N ARG D 135 -1.74 -7.55 -8.71
CA ARG D 135 -2.36 -8.84 -8.98
C ARG D 135 -1.35 -9.93 -9.23
N CYS D 136 -0.08 -9.63 -8.98
CA CYS D 136 0.96 -10.64 -9.11
C CYS D 136 1.05 -11.48 -7.82
N ALA D 137 0.73 -12.76 -7.95
CA ALA D 137 0.81 -13.66 -6.81
C ALA D 137 2.26 -13.95 -6.40
N SER D 138 3.16 -13.99 -7.38
CA SER D 138 4.57 -14.24 -7.14
C SER D 138 5.37 -14.17 -8.43
N VAL D 139 6.67 -13.93 -8.26
CA VAL D 139 7.64 -14.10 -9.31
C VAL D 139 8.57 -15.19 -8.81
N ARG D 140 8.67 -16.27 -9.59
CA ARG D 140 9.43 -17.44 -9.16
C ARG D 140 10.51 -17.76 -10.17
N ALA D 141 11.64 -18.23 -9.68
CA ALA D 141 12.73 -18.58 -10.57
C ALA D 141 12.76 -20.09 -10.74
N SER D 142 12.90 -20.52 -11.98
CA SER D 142 13.00 -21.94 -12.28
C SER D 142 14.35 -22.50 -11.83
N GLY D 143 15.38 -21.64 -11.78
CA GLY D 143 16.71 -22.05 -11.37
C GLY D 143 17.66 -22.33 -12.53
N MET D 144 17.23 -21.98 -13.73
CA MET D 144 18.02 -22.17 -14.95
C MET D 144 18.46 -20.86 -15.59
N ALA D 145 19.73 -20.79 -15.97
CA ALA D 145 20.23 -19.59 -16.65
C ALA D 145 19.55 -19.41 -18.01
N VAL D 146 19.56 -18.18 -18.51
CA VAL D 146 18.95 -17.84 -19.80
C VAL D 146 19.42 -18.80 -20.88
N LEU D 147 20.74 -18.98 -20.96
CA LEU D 147 21.33 -19.84 -21.99
C LEU D 147 21.13 -21.32 -21.70
N GLU D 148 20.83 -21.62 -20.44
CA GLU D 148 20.62 -23.02 -20.04
C GLU D 148 19.32 -23.54 -20.63
N LEU D 149 18.44 -22.62 -21.04
CA LEU D 149 17.13 -22.98 -21.57
C LEU D 149 17.24 -23.73 -22.89
N GLU D 150 18.20 -23.30 -23.72
CA GLU D 150 18.41 -23.92 -25.03
C GLU D 150 19.41 -25.07 -25.04
N GLU D 151 20.13 -25.30 -23.93
CA GLU D 151 21.09 -26.39 -23.88
C GLU D 151 20.18 -27.56 -23.73
N ASP D 152 19.28 -27.34 -22.78
CA ASP D 152 18.64 -28.42 -22.06
C ASP D 152 17.18 -28.04 -21.87
N PRO D 153 16.38 -28.16 -22.94
CA PRO D 153 14.96 -27.75 -22.94
C PRO D 153 14.03 -28.64 -22.13
N VAL D 154 14.34 -29.92 -21.96
CA VAL D 154 13.48 -30.84 -21.20
C VAL D 154 13.52 -30.53 -19.70
N ALA D 155 14.72 -30.39 -19.17
CA ALA D 155 14.92 -30.09 -17.75
C ALA D 155 14.41 -28.70 -17.43
N ALA D 156 14.66 -27.77 -18.35
CA ALA D 156 14.16 -26.41 -18.21
C ALA D 156 12.65 -26.45 -18.14
N MET D 157 12.03 -27.21 -19.02
CA MET D 157 10.57 -27.33 -19.02
C MET D 157 10.07 -27.87 -17.69
N GLU D 158 10.73 -28.92 -17.21
CA GLU D 158 10.37 -29.54 -15.94
C GLU D 158 10.53 -28.55 -14.78
N ALA D 159 11.63 -27.81 -14.80
CA ALA D 159 11.94 -26.80 -13.78
C ALA D 159 10.91 -25.67 -13.77
N ILE D 160 10.48 -25.27 -14.96
CA ILE D 160 9.50 -24.21 -15.12
C ILE D 160 8.12 -24.67 -14.66
N VAL D 161 7.72 -25.86 -15.11
CA VAL D 161 6.44 -26.41 -14.68
C VAL D 161 6.37 -26.55 -13.19
N ARG D 162 7.48 -27.00 -12.61
CA ARG D 162 7.54 -27.17 -11.18
C ARG D 162 7.26 -25.83 -10.46
N GLN D 163 7.86 -24.74 -10.95
CA GLN D 163 7.57 -23.43 -10.34
C GLN D 163 6.14 -22.98 -10.59
N ALA D 164 5.65 -23.24 -11.80
CA ALA D 164 4.26 -22.92 -12.13
C ALA D 164 3.29 -23.65 -11.20
N GLU D 165 3.57 -24.93 -10.94
CA GLU D 165 2.72 -25.71 -10.06
C GLU D 165 2.67 -25.15 -8.64
N LEU D 166 3.83 -24.70 -8.15
CA LEU D 166 3.93 -24.11 -6.82
C LEU D 166 3.24 -22.76 -6.78
N ALA D 167 3.39 -22.01 -7.85
CA ALA D 167 2.76 -20.69 -7.96
C ALA D 167 1.25 -20.84 -7.87
N ILE D 168 0.72 -21.81 -8.59
CA ILE D 168 -0.71 -22.10 -8.59
C ILE D 168 -1.17 -22.58 -7.21
N ARG D 169 -0.45 -23.57 -6.68
CA ARG D 169 -0.91 -24.21 -5.44
C ARG D 169 -0.64 -23.37 -4.20
N GLU D 170 0.59 -22.88 -4.05
CA GLU D 170 0.97 -22.13 -2.86
C GLU D 170 0.65 -20.64 -2.96
N ASP D 171 0.89 -20.04 -4.12
CA ASP D 171 0.74 -18.58 -4.25
C ASP D 171 -0.63 -18.19 -4.75
N LYS D 172 -1.39 -19.19 -5.18
CA LYS D 172 -2.75 -19.00 -5.70
C LYS D 172 -2.78 -18.24 -7.04
N ALA D 173 -1.73 -18.41 -7.82
CA ALA D 173 -1.72 -17.89 -9.18
C ALA D 173 -2.80 -18.58 -9.99
N GLU D 174 -3.44 -17.87 -10.91
CA GLU D 174 -4.42 -18.50 -11.78
C GLU D 174 -3.97 -18.47 -13.23
N VAL D 175 -2.97 -17.65 -13.53
CA VAL D 175 -2.35 -17.69 -14.85
C VAL D 175 -0.84 -17.49 -14.69
N ILE D 176 -0.09 -18.10 -15.60
CA ILE D 176 1.37 -18.07 -15.59
C ILE D 176 1.87 -17.18 -16.71
N CYS D 177 2.81 -16.30 -16.40
CA CYS D 177 3.53 -15.55 -17.42
C CYS D 177 4.93 -16.11 -17.57
N LEU D 178 5.34 -16.37 -18.81
CA LEU D 178 6.74 -16.71 -19.10
C LEU D 178 7.60 -15.55 -18.64
N GLY D 179 8.71 -15.86 -17.96
CA GLY D 179 9.53 -14.81 -17.39
C GLY D 179 10.91 -14.78 -18.01
N CYS D 180 11.01 -15.21 -19.26
CA CYS D 180 12.23 -14.99 -20.04
C CYS D 180 11.89 -14.88 -21.52
N GLY D 181 12.50 -13.89 -22.20
CA GLY D 181 12.26 -13.67 -23.62
C GLY D 181 12.60 -14.91 -24.40
N GLY D 182 13.66 -15.58 -23.96
CA GLY D 182 14.10 -16.84 -24.52
C GLY D 182 13.22 -18.03 -24.14
N MET D 183 12.16 -17.78 -23.38
CA MET D 183 11.19 -18.83 -23.08
C MET D 183 10.06 -18.84 -24.12
N ALA D 184 10.07 -17.89 -25.06
CA ALA D 184 9.01 -17.78 -26.08
C ALA D 184 8.71 -19.11 -26.78
N GLY D 185 7.42 -19.49 -26.81
CA GLY D 185 6.93 -20.71 -27.45
C GLY D 185 6.72 -21.91 -26.54
N LEU D 186 6.99 -21.76 -25.24
CA LEU D 186 6.95 -22.89 -24.29
C LEU D 186 5.62 -22.99 -23.52
N ASP D 187 4.71 -22.06 -23.82
CA ASP D 187 3.47 -21.89 -23.06
C ASP D 187 2.54 -23.11 -23.12
N GLU D 188 2.51 -23.76 -24.27
CA GLU D 188 1.53 -24.82 -24.53
C GLU D 188 1.76 -25.98 -23.57
N GLN D 189 3.02 -26.34 -23.39
CA GLN D 189 3.40 -27.43 -22.52
C GLN D 189 3.05 -27.13 -21.08
N ILE D 190 3.36 -25.90 -20.65
CA ILE D 190 3.02 -25.51 -19.30
C ILE D 190 1.52 -25.53 -19.13
N ARG D 191 0.82 -24.99 -20.13
CA ARG D 191 -0.63 -24.96 -20.10
C ARG D 191 -1.17 -26.39 -19.97
N GLN D 192 -0.63 -27.30 -20.79
CA GLN D 192 -1.08 -28.68 -20.77
C GLN D 192 -0.88 -29.31 -19.39
N ARG D 193 0.23 -28.98 -18.74
CA ARG D 193 0.49 -29.60 -17.43
C ARG D 193 -0.21 -28.95 -16.25
N THR D 194 -0.57 -27.68 -16.39
CA THR D 194 -1.15 -26.95 -15.28
C THR D 194 -2.64 -26.78 -15.41
N GLY D 195 -3.14 -26.70 -16.63
CA GLY D 195 -4.55 -26.44 -16.83
C GLY D 195 -4.94 -25.00 -16.64
N VAL D 196 -3.95 -24.09 -16.67
CA VAL D 196 -4.20 -22.65 -16.62
C VAL D 196 -3.62 -21.95 -17.84
N PRO D 197 -4.15 -20.76 -18.18
CA PRO D 197 -3.59 -20.00 -19.30
C PRO D 197 -2.14 -19.63 -19.04
N VAL D 198 -1.31 -19.71 -20.07
CA VAL D 198 0.07 -19.28 -19.93
C VAL D 198 0.26 -18.18 -20.96
N VAL D 199 0.77 -17.04 -20.49
CA VAL D 199 0.96 -15.89 -21.33
C VAL D 199 2.44 -15.72 -21.69
N ASP D 200 2.67 -15.64 -22.99
CA ASP D 200 3.99 -15.35 -23.54
C ASP D 200 4.08 -13.86 -23.84
N GLY D 201 4.94 -13.15 -23.12
CA GLY D 201 5.06 -11.72 -23.29
C GLY D 201 5.38 -11.29 -24.72
N VAL D 202 6.19 -12.08 -25.41
CA VAL D 202 6.53 -11.74 -26.78
C VAL D 202 5.29 -11.65 -27.66
N THR D 203 4.46 -12.68 -27.64
CA THR D 203 3.27 -12.67 -28.49
C THR D 203 2.22 -11.69 -27.98
N ALA D 204 2.08 -11.61 -26.66
CA ALA D 204 1.23 -10.60 -26.04
C ALA D 204 1.61 -9.18 -26.51
N ALA D 205 2.91 -8.89 -26.48
CA ALA D 205 3.44 -7.57 -26.85
C ALA D 205 3.14 -7.18 -28.29
N VAL D 206 3.24 -8.15 -29.18
CA VAL D 206 2.89 -7.94 -30.59
C VAL D 206 1.44 -7.49 -30.72
N THR D 207 0.53 -8.20 -30.06
CA THR D 207 -0.87 -7.83 -30.18
C THR D 207 -1.14 -6.43 -29.60
N ILE D 208 -0.47 -6.11 -28.50
CA ILE D 208 -0.66 -4.81 -27.88
C ILE D 208 -0.08 -3.67 -28.74
N ALA D 209 1.14 -3.87 -29.21
CA ALA D 209 1.80 -2.90 -30.08
C ALA D 209 0.95 -2.65 -31.33
N GLU D 210 0.50 -3.72 -31.95
CA GLU D 210 -0.40 -3.61 -33.10
C GLU D 210 -1.65 -2.86 -32.73
N SER D 211 -2.21 -3.24 -31.59
CA SER D 211 -3.44 -2.64 -31.14
C SER D 211 -3.26 -1.12 -30.98
N LEU D 212 -2.17 -0.72 -30.33
CA LEU D 212 -1.91 0.70 -30.11
C LEU D 212 -1.80 1.44 -31.44
N VAL D 213 -1.08 0.85 -32.39
CA VAL D 213 -1.02 1.42 -33.74
C VAL D 213 -2.41 1.49 -34.36
N ARG D 214 -3.20 0.42 -34.25
CA ARG D 214 -4.54 0.40 -34.81
C ARG D 214 -5.42 1.46 -34.19
N LEU D 215 -5.19 1.72 -32.91
CA LEU D 215 -6.02 2.66 -32.16
C LEU D 215 -5.56 4.11 -32.34
N GLY D 216 -4.46 4.31 -33.08
CA GLY D 216 -3.91 5.64 -33.28
C GLY D 216 -3.36 6.23 -32.00
N LEU D 217 -2.83 5.36 -31.14
CA LEU D 217 -2.34 5.75 -29.81
C LEU D 217 -0.82 5.67 -29.79
N SER D 218 -0.19 6.66 -29.17
CA SER D 218 1.25 6.59 -28.93
C SER D 218 1.58 7.18 -27.58
N THR D 219 2.84 7.04 -27.18
CA THR D 219 3.32 7.56 -25.93
C THR D 219 2.92 9.02 -25.73
N SER D 220 2.40 9.36 -24.55
CA SER D 220 2.11 10.76 -24.22
C SER D 220 3.41 11.54 -24.11
N LYS D 221 3.51 12.67 -24.82
CA LYS D 221 4.75 13.43 -24.75
C LYS D 221 4.58 14.65 -23.83
N ILE D 222 3.53 14.63 -23.02
CA ILE D 222 3.16 15.83 -22.25
C ILE D 222 4.08 16.12 -21.06
N ARG D 223 4.68 15.08 -20.48
CA ARG D 223 5.42 15.30 -19.24
C ARG D 223 6.62 14.38 -19.06
N THR D 224 6.37 13.27 -18.39
CA THR D 224 7.43 12.32 -18.04
C THR D 224 8.20 11.83 -19.28
N TYR D 225 7.50 11.58 -20.37
CA TYR D 225 8.14 11.01 -21.55
C TYR D 225 8.26 12.01 -22.69
N ALA D 226 8.22 13.30 -22.35
CA ALA D 226 8.49 14.33 -23.34
C ALA D 226 9.83 14.10 -23.99
N THR D 227 9.97 14.64 -25.19
CA THR D 227 11.22 14.60 -25.92
C THR D 227 12.30 15.15 -25.02
N PRO D 228 13.47 14.47 -24.97
CA PRO D 228 14.52 15.01 -24.11
C PRO D 228 14.88 16.43 -24.49
N ARG D 229 15.17 17.25 -23.49
CA ARG D 229 15.54 18.65 -23.67
C ARG D 229 16.86 18.77 -24.41
N PRO D 230 16.92 19.67 -25.42
CA PRO D 230 18.14 19.84 -26.22
C PRO D 230 19.26 20.36 -25.33
N LYS D 231 20.41 19.71 -25.36
CA LYS D 231 21.52 20.07 -24.52
C LYS D 231 22.75 19.34 -25.00
N LYS D 232 23.88 19.64 -24.38
CA LYS D 232 25.12 18.96 -24.70
C LYS D 232 25.09 17.53 -24.15
N VAL D 233 25.11 16.55 -25.04
CA VAL D 233 25.27 15.16 -24.62
C VAL D 233 26.35 14.40 -25.38
N ILE D 234 27.27 13.79 -24.62
CA ILE D 234 28.35 13.01 -25.19
C ILE D 234 27.85 11.58 -25.40
N GLY D 235 28.14 11.00 -26.57
CA GLY D 235 27.58 9.73 -27.03
C GLY D 235 27.39 8.58 -26.05
N TRP D 236 28.39 7.68 -26.03
CA TRP D 236 28.44 6.54 -25.12
C TRP D 236 29.72 5.74 -25.39
N MET E 1 40.36 6.80 4.61
CA MET E 1 39.52 6.11 3.64
C MET E 1 39.36 7.00 2.43
N ARG E 2 39.07 6.40 1.29
CA ARG E 2 38.80 7.16 0.07
C ARG E 2 37.39 6.90 -0.44
N ILE E 3 36.64 7.98 -0.65
CA ILE E 3 35.28 7.88 -1.17
C ILE E 3 35.21 8.60 -2.50
N LEU E 4 34.78 7.87 -3.54
CA LEU E 4 34.49 8.48 -4.83
C LEU E 4 33.12 9.12 -4.75
N VAL E 5 33.05 10.36 -5.21
CA VAL E 5 31.81 11.08 -5.30
C VAL E 5 31.60 11.38 -6.77
N VAL E 6 30.65 10.67 -7.40
CA VAL E 6 30.54 10.69 -8.84
C VAL E 6 29.36 11.51 -9.31
N ASN E 7 29.64 12.54 -10.08
CA ASN E 7 28.61 13.36 -10.69
C ASN E 7 27.86 12.46 -11.68
N VAL E 8 26.57 12.67 -11.86
CA VAL E 8 25.84 11.84 -12.81
C VAL E 8 25.92 12.49 -14.18
N ASN E 9 26.20 13.79 -14.19
CA ASN E 9 26.33 14.51 -15.45
C ASN E 9 27.78 14.80 -15.80
N THR E 10 27.99 15.38 -16.98
CA THR E 10 29.35 15.58 -17.48
C THR E 10 29.90 17.00 -17.30
N THR E 11 29.20 17.81 -16.52
CA THR E 11 29.64 19.17 -16.26
C THR E 11 30.62 19.17 -15.09
N ALA E 12 31.91 19.30 -15.40
CA ALA E 12 32.95 19.17 -14.38
C ALA E 12 32.84 20.22 -13.28
N SER E 13 32.31 21.40 -13.61
CA SER E 13 32.16 22.44 -12.58
C SER E 13 31.17 21.98 -11.52
N ILE E 14 30.18 21.20 -11.92
CA ILE E 14 29.25 20.66 -10.96
C ILE E 14 29.92 19.60 -10.07
N THR E 15 30.75 18.77 -10.68
CA THR E 15 31.55 17.79 -9.92
C THR E 15 32.38 18.47 -8.84
N GLU E 16 32.96 19.61 -9.19
CA GLU E 16 33.79 20.37 -8.27
C GLU E 16 32.97 20.93 -7.10
N THR E 17 31.81 21.50 -7.43
CA THR E 17 30.91 22.02 -6.41
C THR E 17 30.51 20.90 -5.45
N ILE E 18 30.14 19.76 -6.02
CA ILE E 18 29.72 18.62 -5.22
C ILE E 18 30.88 18.15 -4.35
N ALA E 19 32.06 18.06 -4.97
CA ALA E 19 33.24 17.61 -4.25
C ALA E 19 33.66 18.54 -3.12
N GLU E 20 33.54 19.86 -3.34
CA GLU E 20 33.89 20.80 -2.26
C GLU E 20 32.99 20.54 -1.05
N GLN E 21 31.71 20.41 -1.32
CA GLN E 21 30.74 20.18 -0.26
C GLN E 21 31.01 18.89 0.49
N ALA E 22 31.40 17.86 -0.26
CA ALA E 22 31.69 16.57 0.35
C ALA E 22 32.89 16.74 1.28
N ARG E 23 33.90 17.44 0.78
CA ARG E 23 35.10 17.69 1.57
C ARG E 23 34.84 18.51 2.82
N ALA E 24 33.86 19.41 2.76
CA ALA E 24 33.54 20.26 3.89
C ALA E 24 33.06 19.47 5.11
N VAL E 25 32.47 18.31 4.90
CA VAL E 25 31.97 17.56 6.05
C VAL E 25 32.77 16.30 6.31
N ALA E 26 33.64 15.92 5.37
CA ALA E 26 34.38 14.67 5.51
C ALA E 26 35.23 14.67 6.79
N SER E 27 35.23 13.54 7.49
CA SER E 27 36.00 13.38 8.71
C SER E 27 37.49 13.37 8.42
N PRO E 28 38.30 13.71 9.44
CA PRO E 28 39.75 13.56 9.27
C PRO E 28 40.06 12.13 8.87
N GLY E 29 40.92 12.00 7.86
CA GLY E 29 41.30 10.71 7.35
C GLY E 29 40.45 10.29 6.16
N THR E 30 39.43 11.07 5.85
CA THR E 30 38.60 10.78 4.69
C THR E 30 39.00 11.62 3.50
N GLU E 31 39.42 10.95 2.43
CA GLU E 31 39.74 11.64 1.19
C GLU E 31 38.56 11.57 0.23
N ILE E 32 38.16 12.72 -0.30
CA ILE E 32 37.10 12.77 -1.29
C ILE E 32 37.68 12.86 -2.70
N VAL E 33 37.26 11.96 -3.57
CA VAL E 33 37.65 12.07 -4.97
C VAL E 33 36.44 12.27 -5.86
N GLY E 34 36.32 13.45 -6.43
CA GLY E 34 35.21 13.76 -7.31
C GLY E 34 35.46 13.29 -8.72
N LEU E 35 34.52 12.53 -9.26
CA LEU E 35 34.66 12.01 -10.62
C LEU E 35 33.56 12.50 -11.54
N THR E 36 33.95 12.84 -12.77
CA THR E 36 33.01 13.20 -13.82
C THR E 36 33.01 12.06 -14.83
N PRO E 37 31.82 11.55 -15.20
CA PRO E 37 31.77 10.44 -16.17
C PRO E 37 32.39 10.82 -17.50
N TYR E 38 32.86 9.84 -18.28
CA TYR E 38 33.53 10.13 -19.54
C TYR E 38 32.52 10.48 -20.63
N PHE E 39 31.25 10.14 -20.39
CA PHE E 39 30.19 10.50 -21.33
C PHE E 39 28.85 10.73 -20.61
N GLY E 40 27.84 11.11 -21.39
CA GLY E 40 26.53 11.44 -20.85
C GLY E 40 26.11 12.87 -21.10
N ALA E 41 24.96 13.25 -20.56
CA ALA E 41 24.42 14.60 -20.76
C ALA E 41 25.05 15.59 -19.77
N GLU E 42 25.09 16.88 -20.12
CA GLU E 42 25.69 17.86 -19.23
C GLU E 42 24.82 18.11 -18.01
N SER E 43 23.55 17.76 -18.14
CA SER E 43 22.63 17.75 -17.02
C SER E 43 21.63 16.64 -17.29
N VAL E 44 21.24 15.95 -16.22
CA VAL E 44 20.33 14.81 -16.36
C VAL E 44 18.89 15.16 -16.04
N GLU E 45 18.06 15.28 -17.07
CA GLU E 45 16.70 15.77 -16.87
C GLU E 45 15.69 14.88 -17.60
N GLY E 46 15.64 13.62 -17.22
CA GLY E 46 14.73 12.68 -17.85
C GLY E 46 15.25 11.26 -17.91
N ASN E 47 14.38 10.37 -18.42
CA ASN E 47 14.64 8.95 -18.41
C ASN E 47 15.83 8.56 -19.28
N PHE E 48 15.86 9.09 -20.50
CA PHE E 48 16.95 8.73 -21.42
C PHE E 48 18.27 9.16 -20.80
N GLU E 49 18.34 10.42 -20.37
CA GLU E 49 19.58 10.94 -19.77
C GLU E 49 19.93 10.19 -18.48
N SER E 50 18.92 9.79 -17.71
CA SER E 50 19.15 9.06 -16.47
C SER E 50 19.74 7.69 -16.73
N TYR E 51 19.16 6.97 -17.70
CA TYR E 51 19.68 5.67 -18.10
C TYR E 51 21.09 5.80 -18.67
N LEU E 52 21.29 6.87 -19.44
CA LEU E 52 22.61 7.18 -19.95
C LEU E 52 23.57 7.45 -18.81
N ALA E 53 23.13 8.22 -17.83
CA ALA E 53 24.00 8.50 -16.71
C ALA E 53 24.33 7.22 -15.92
N ALA E 54 23.36 6.30 -15.79
CA ALA E 54 23.61 5.06 -15.05
C ALA E 54 24.83 4.33 -15.55
N ILE E 55 24.88 4.12 -16.86
CA ILE E 55 25.99 3.40 -17.49
C ILE E 55 27.27 4.20 -17.44
N ALA E 56 27.14 5.50 -17.68
CA ALA E 56 28.28 6.40 -17.65
C ALA E 56 28.97 6.35 -16.29
N VAL E 57 28.17 6.41 -15.22
CA VAL E 57 28.71 6.41 -13.86
C VAL E 57 29.40 5.09 -13.57
N MET E 58 28.73 3.99 -13.92
CA MET E 58 29.30 2.65 -13.75
C MET E 58 30.63 2.53 -14.49
N ASP E 59 30.63 2.99 -15.74
CA ASP E 59 31.83 3.05 -16.56
C ASP E 59 32.97 3.83 -15.87
N ARG E 60 32.64 5.01 -15.38
CA ARG E 60 33.62 5.91 -14.76
C ARG E 60 34.25 5.32 -13.52
N VAL E 61 33.41 4.66 -12.72
CA VAL E 61 33.88 4.05 -11.48
C VAL E 61 34.75 2.84 -11.75
N MET E 62 34.34 2.03 -12.72
CA MET E 62 35.12 0.85 -13.11
C MET E 62 36.47 1.25 -13.73
N ALA E 63 36.48 2.37 -14.43
CA ALA E 63 37.73 2.91 -14.99
C ALA E 63 38.69 3.48 -13.93
N TYR E 64 38.19 3.74 -12.72
CA TYR E 64 39.05 4.29 -11.66
C TYR E 64 40.01 3.23 -11.15
N ASP E 65 41.31 3.51 -11.27
CA ASP E 65 42.37 2.53 -10.97
C ASP E 65 43.03 2.56 -9.59
N GLN E 66 42.76 3.59 -8.80
CA GLN E 66 43.29 3.64 -7.44
C GLN E 66 42.28 3.08 -6.42
N PRO E 67 42.78 2.64 -5.25
CA PRO E 67 41.90 2.07 -4.23
C PRO E 67 40.84 3.04 -3.70
N PHE E 68 39.68 2.51 -3.31
CA PHE E 68 38.62 3.31 -2.70
C PHE E 68 37.73 2.43 -1.79
N ASP E 69 37.08 3.06 -0.82
CA ASP E 69 36.40 2.32 0.23
C ASP E 69 34.89 2.42 0.16
N ALA E 70 34.40 3.37 -0.63
CA ALA E 70 32.99 3.59 -0.79
C ALA E 70 32.79 4.46 -2.01
N VAL E 71 31.57 4.47 -2.52
CA VAL E 71 31.23 5.29 -3.68
C VAL E 71 29.92 6.00 -3.42
N ILE E 72 29.90 7.30 -3.72
CA ILE E 72 28.68 8.08 -3.64
C ILE E 72 28.24 8.47 -5.03
N GLN E 73 27.01 8.16 -5.38
CA GLN E 73 26.45 8.62 -6.64
C GLN E 73 25.71 9.93 -6.40
N ALA E 74 26.26 11.00 -6.97
CA ALA E 74 25.81 12.35 -6.65
C ALA E 74 24.88 12.86 -7.72
N GLY E 75 23.71 12.24 -7.81
CA GLY E 75 22.67 12.75 -8.68
C GLY E 75 21.36 12.44 -7.99
N TYR E 76 20.38 13.31 -8.17
CA TYR E 76 19.10 13.09 -7.51
C TYR E 76 18.04 12.45 -8.41
N GLY E 77 17.67 11.21 -8.09
CA GLY E 77 16.58 10.53 -8.78
C GLY E 77 17.01 9.83 -10.05
N GLU E 78 18.31 9.60 -10.22
CA GLU E 78 18.81 8.84 -11.36
C GLU E 78 18.97 7.35 -11.11
N HIS E 79 19.01 6.62 -12.21
CA HIS E 79 19.22 5.19 -12.16
C HIS E 79 20.69 4.89 -11.97
N GLY E 80 20.98 3.64 -11.66
CA GLY E 80 22.34 3.12 -11.72
C GLY E 80 22.92 2.55 -10.44
N ARG E 81 22.42 3.01 -9.29
CA ARG E 81 22.96 2.57 -8.01
C ARG E 81 23.08 1.04 -7.91
N GLU E 82 22.02 0.34 -8.31
CA GLU E 82 21.97 -1.11 -8.19
C GLU E 82 23.07 -1.77 -9.00
N GLY E 83 23.39 -1.18 -10.15
CA GLY E 83 24.46 -1.69 -10.99
C GLY E 83 25.80 -1.57 -10.31
N LEU E 84 26.07 -0.40 -9.74
CA LEU E 84 27.30 -0.21 -8.96
C LEU E 84 27.39 -1.25 -7.85
N GLN E 85 26.26 -1.47 -7.17
CA GLN E 85 26.22 -2.44 -6.06
C GLN E 85 26.60 -3.85 -6.48
N GLU E 86 26.25 -4.23 -7.70
CA GLU E 86 26.66 -5.55 -8.21
C GLU E 86 28.13 -5.53 -8.54
N LEU E 87 28.54 -4.45 -9.21
CA LEU E 87 29.91 -4.33 -9.69
C LEU E 87 30.92 -4.23 -8.56
N LEU E 88 30.52 -3.59 -7.46
CA LEU E 88 31.48 -3.24 -6.40
C LEU E 88 31.34 -4.11 -5.15
N ASN E 89 32.43 -4.23 -4.38
CA ASN E 89 32.40 -4.82 -3.06
C ASN E 89 32.67 -3.78 -1.98
N VAL E 90 32.28 -2.55 -2.25
CA VAL E 90 32.31 -1.48 -1.27
C VAL E 90 30.95 -0.81 -1.23
N PRO E 91 30.62 -0.14 -0.12
CA PRO E 91 29.31 0.50 -0.05
C PRO E 91 29.11 1.56 -1.13
N VAL E 92 27.88 1.60 -1.63
CA VAL E 92 27.47 2.59 -2.61
C VAL E 92 26.30 3.36 -2.00
N VAL E 93 26.38 4.68 -2.00
CA VAL E 93 25.24 5.45 -1.53
C VAL E 93 24.85 6.55 -2.49
N ASP E 94 23.57 6.56 -2.84
CA ASP E 94 23.07 7.56 -3.74
C ASP E 94 22.55 8.71 -2.90
N ILE E 95 22.82 9.94 -3.33
CA ILE E 95 22.47 11.11 -2.52
C ILE E 95 20.96 11.24 -2.32
N THR E 96 20.21 10.62 -3.23
CA THR E 96 18.75 10.59 -3.16
C THR E 96 18.30 9.92 -1.88
N GLU E 97 18.73 8.69 -1.70
CA GLU E 97 18.36 7.92 -0.53
C GLU E 97 19.06 8.44 0.70
N ALA E 98 20.30 8.88 0.54
CA ALA E 98 21.00 9.50 1.66
C ALA E 98 20.17 10.66 2.21
N ALA E 99 19.73 11.56 1.32
CA ALA E 99 18.95 12.72 1.79
C ALA E 99 17.64 12.30 2.46
N ALA E 100 16.87 11.42 1.83
CA ALA E 100 15.58 11.02 2.37
C ALA E 100 15.75 10.30 3.69
N SER E 101 16.70 9.36 3.72
CA SER E 101 16.94 8.59 4.92
C SER E 101 17.38 9.44 6.12
N THR E 102 18.29 10.40 5.92
CA THR E 102 18.64 11.21 7.08
C THR E 102 17.54 12.20 7.45
N ALA E 103 16.83 12.75 6.48
CA ALA E 103 15.70 13.65 6.78
C ALA E 103 14.64 12.94 7.64
N MET E 104 14.49 11.64 7.43
CA MET E 104 13.51 10.87 8.18
C MET E 104 13.83 10.77 9.68
N PHE E 105 15.09 11.00 10.05
CA PHE E 105 15.43 11.07 11.46
C PHE E 105 15.04 12.40 12.10
N LEU E 106 14.67 13.37 11.27
CA LEU E 106 14.55 14.76 11.73
C LEU E 106 13.12 15.28 11.81
N GLY E 107 12.17 14.58 11.21
CA GLY E 107 10.80 15.05 11.17
C GLY E 107 9.81 13.99 10.77
N HIS E 108 8.52 14.30 10.91
CA HIS E 108 7.49 13.32 10.63
C HIS E 108 7.34 13.07 9.13
N ALA E 109 7.65 14.09 8.33
CA ALA E 109 7.54 13.99 6.88
C ALA E 109 8.57 14.90 6.23
N TYR E 110 9.10 14.50 5.08
CA TYR E 110 10.06 15.32 4.33
C TYR E 110 9.52 15.63 2.94
N SER E 111 9.98 16.72 2.35
CA SER E 111 9.69 17.00 0.94
C SER E 111 10.98 17.20 0.18
N VAL E 112 10.94 16.85 -1.09
CA VAL E 112 12.08 17.04 -1.94
C VAL E 112 11.80 18.20 -2.88
N VAL E 113 12.73 19.13 -2.99
CA VAL E 113 12.60 20.19 -3.97
C VAL E 113 13.59 19.93 -5.08
N THR E 114 13.09 19.70 -6.28
CA THR E 114 14.00 19.41 -7.38
C THR E 114 13.97 20.56 -8.39
N THR E 115 14.52 20.29 -9.56
CA THR E 115 14.68 21.26 -10.64
C THR E 115 13.45 21.34 -11.52
N LEU E 116 13.40 20.43 -12.50
CA LEU E 116 12.32 20.40 -13.47
C LEU E 116 11.16 19.49 -13.07
N ASP E 117 9.97 19.88 -13.49
CA ASP E 117 8.77 19.11 -13.23
C ASP E 117 8.89 17.70 -13.80
N ARG E 118 9.56 17.56 -14.94
CA ARG E 118 9.64 16.27 -15.58
C ARG E 118 10.51 15.27 -14.84
N THR E 119 11.31 15.78 -13.89
CA THR E 119 12.17 14.92 -13.10
C THR E 119 11.46 14.42 -11.85
N VAL E 120 10.34 15.06 -11.50
CA VAL E 120 9.59 14.72 -10.29
C VAL E 120 9.13 13.25 -10.25
N PRO E 121 8.50 12.76 -11.33
CA PRO E 121 8.10 11.35 -11.25
C PRO E 121 9.28 10.38 -11.17
N LEU E 122 10.42 10.77 -11.73
CA LEU E 122 11.63 9.95 -11.65
C LEU E 122 12.06 9.82 -10.17
N ILE E 123 12.08 10.95 -9.46
CA ILE E 123 12.43 10.95 -8.04
C ILE E 123 11.41 10.16 -7.22
N GLU E 124 10.13 10.39 -7.49
CA GLU E 124 9.07 9.64 -6.84
C GLU E 124 9.30 8.14 -7.03
N ASP E 125 9.61 7.73 -8.25
CA ASP E 125 9.84 6.31 -8.52
C ASP E 125 11.06 5.74 -7.76
N ARG E 126 12.17 6.48 -7.73
CA ARG E 126 13.37 6.02 -7.02
C ARG E 126 13.16 5.91 -5.50
N LEU E 127 12.44 6.86 -4.92
CA LEU E 127 12.14 6.85 -3.49
C LEU E 127 11.22 5.69 -3.11
N LYS E 128 10.25 5.41 -3.98
CA LYS E 128 9.36 4.27 -3.78
C LYS E 128 10.11 2.95 -3.82
N LEU E 129 10.96 2.81 -4.82
CA LEU E 129 11.75 1.60 -4.99
C LEU E 129 12.69 1.41 -3.80
N ALA E 130 13.21 2.52 -3.28
CA ALA E 130 14.13 2.46 -2.14
C ALA E 130 13.38 2.22 -0.83
N GLY E 131 12.06 2.27 -0.86
CA GLY E 131 11.27 2.11 0.34
C GLY E 131 11.40 3.29 1.27
N LEU E 132 11.58 4.48 0.69
CA LEU E 132 11.75 5.69 1.49
C LEU E 132 10.69 6.73 1.19
N TYR E 133 9.69 6.35 0.42
CA TYR E 133 8.66 7.30 -0.01
C TYR E 133 7.50 7.50 0.97
N GLN E 134 7.29 6.56 1.89
CA GLN E 134 6.20 6.65 2.84
C GLN E 134 6.19 7.95 3.65
N ARG E 135 7.35 8.44 4.03
CA ARG E 135 7.40 9.67 4.82
C ARG E 135 7.65 10.89 3.95
N CYS E 136 7.55 10.71 2.64
CA CYS E 136 7.70 11.84 1.75
C CYS E 136 6.38 12.60 1.60
N ALA E 137 6.35 13.85 2.03
CA ALA E 137 5.15 14.68 1.89
C ALA E 137 4.91 15.11 0.44
N SER E 138 5.99 15.30 -0.30
CA SER E 138 5.90 15.70 -1.71
C SER E 138 7.29 15.79 -2.34
N VAL E 139 7.30 15.70 -3.66
CA VAL E 139 8.46 16.05 -4.45
C VAL E 139 8.05 17.22 -5.32
N ARG E 140 8.73 18.34 -5.15
CA ARG E 140 8.34 19.55 -5.86
C ARG E 140 9.45 20.09 -6.73
N ALA E 141 9.06 20.64 -7.87
CA ALA E 141 10.02 21.21 -8.80
C ALA E 141 10.08 22.72 -8.68
N SER E 142 11.27 23.28 -8.62
CA SER E 142 11.43 24.72 -8.58
C SER E 142 11.08 25.32 -9.94
N GLY E 143 11.26 24.55 -11.01
CA GLY E 143 10.96 25.02 -12.36
C GLY E 143 12.19 25.58 -13.05
N MET E 144 13.34 25.40 -12.43
CA MET E 144 14.60 25.88 -12.99
C MET E 144 15.46 24.69 -13.36
N ALA E 145 16.06 24.73 -14.55
CA ALA E 145 16.94 23.65 -14.98
C ALA E 145 18.19 23.60 -14.12
N VAL E 146 18.83 22.42 -14.09
CA VAL E 146 20.04 22.21 -13.28
C VAL E 146 21.11 23.28 -13.51
N LEU E 147 21.40 23.59 -14.77
CA LEU E 147 22.48 24.53 -15.07
C LEU E 147 22.11 25.97 -14.72
N GLU E 148 20.82 26.22 -14.61
CA GLU E 148 20.32 27.55 -14.29
C GLU E 148 20.64 27.90 -12.83
N LEU E 149 21.01 26.88 -12.05
CA LEU E 149 21.28 27.11 -10.64
C LEU E 149 22.51 27.98 -10.49
N GLU E 150 23.52 27.75 -11.32
CA GLU E 150 24.74 28.52 -11.18
C GLU E 150 24.78 29.77 -12.07
N GLU E 151 23.95 29.83 -13.10
CA GLU E 151 23.96 30.99 -13.99
C GLU E 151 22.86 32.02 -13.68
N ASP E 152 21.83 31.59 -12.96
CA ASP E 152 20.79 32.51 -12.51
C ASP E 152 20.48 32.14 -11.05
N PRO E 153 21.48 32.27 -10.17
CA PRO E 153 21.39 31.74 -8.81
C PRO E 153 20.46 32.50 -7.89
N VAL E 154 20.25 33.79 -8.14
CA VAL E 154 19.34 34.53 -7.28
C VAL E 154 17.93 34.02 -7.55
N ALA E 155 17.60 33.92 -8.84
CA ALA E 155 16.29 33.44 -9.23
C ALA E 155 16.12 31.97 -8.84
N ALA E 156 17.19 31.20 -8.99
CA ALA E 156 17.16 29.78 -8.66
C ALA E 156 16.85 29.56 -7.19
N MET E 157 17.58 30.26 -6.33
CA MET E 157 17.42 30.14 -4.90
C MET E 157 15.99 30.51 -4.48
N GLU E 158 15.48 31.60 -5.03
CA GLU E 158 14.12 32.02 -4.74
C GLU E 158 13.07 30.98 -5.17
N ALA E 159 13.23 30.41 -6.35
CA ALA E 159 12.29 29.40 -6.84
C ALA E 159 12.29 28.17 -5.94
N ILE E 160 13.48 27.79 -5.47
CA ILE E 160 13.62 26.67 -4.57
C ILE E 160 12.95 27.00 -3.24
N VAL E 161 13.25 28.18 -2.69
CA VAL E 161 12.63 28.62 -1.43
C VAL E 161 11.12 28.61 -1.52
N ARG E 162 10.56 29.09 -2.64
CA ARG E 162 9.10 29.10 -2.77
C ARG E 162 8.51 27.70 -2.70
N GLN E 163 9.14 26.73 -3.37
CA GLN E 163 8.64 25.35 -3.32
C GLN E 163 8.77 24.77 -1.92
N ALA E 164 9.88 25.08 -1.26
CA ALA E 164 10.07 24.63 0.12
C ALA E 164 8.97 25.19 1.04
N GLU E 165 8.66 26.48 0.84
CA GLU E 165 7.62 27.11 1.65
C GLU E 165 6.26 26.45 1.39
N LEU E 166 5.99 26.12 0.13
CA LEU E 166 4.74 25.47 -0.22
C LEU E 166 4.68 24.05 0.36
N ALA E 167 5.81 23.37 0.31
CA ALA E 167 5.91 22.03 0.84
C ALA E 167 5.58 22.02 2.34
N ILE E 168 6.14 22.98 3.06
CA ILE E 168 5.89 23.09 4.49
C ILE E 168 4.43 23.43 4.77
N ARG E 169 3.95 24.47 4.11
CA ARG E 169 2.60 24.97 4.37
C ARG E 169 1.50 24.04 3.88
N GLU E 170 1.59 23.64 2.61
CA GLU E 170 0.55 22.84 1.99
C GLU E 170 0.73 21.33 2.16
N ASP E 171 1.96 20.85 2.04
CA ASP E 171 2.20 19.42 2.09
C ASP E 171 2.55 18.91 3.49
N LYS E 172 2.74 19.84 4.44
CA LYS E 172 3.13 19.48 5.82
C LYS E 172 4.52 18.85 5.93
N ALA E 173 5.41 19.24 5.03
CA ALA E 173 6.80 18.83 5.14
C ALA E 173 7.36 19.43 6.43
N GLU E 174 8.25 18.69 7.08
CA GLU E 174 8.89 19.20 8.27
C GLU E 174 10.37 19.33 8.04
N VAL E 175 10.81 18.69 6.96
CA VAL E 175 12.20 18.74 6.54
C VAL E 175 12.25 18.90 5.03
N ILE E 176 13.23 19.66 4.56
CA ILE E 176 13.41 19.81 3.12
C ILE E 176 14.65 19.06 2.68
N CYS E 177 14.52 18.29 1.61
CA CYS E 177 15.69 17.70 0.96
C CYS E 177 15.99 18.41 -0.34
N LEU E 178 17.25 18.78 -0.54
CA LEU E 178 17.69 19.27 -1.84
C LEU E 178 17.54 18.15 -2.86
N GLY E 179 16.95 18.46 -4.01
CA GLY E 179 16.61 17.41 -4.96
C GLY E 179 17.38 17.53 -6.24
N CYS E 180 18.61 18.02 -6.11
CA CYS E 180 19.58 18.04 -7.21
C CYS E 180 21.02 18.09 -6.68
N GLY E 181 21.92 17.34 -7.32
CA GLY E 181 23.32 17.34 -6.93
C GLY E 181 23.93 18.72 -7.02
N GLY E 182 23.52 19.48 -8.03
CA GLY E 182 24.00 20.85 -8.23
C GLY E 182 23.44 21.82 -7.21
N MET E 183 22.57 21.33 -6.33
CA MET E 183 22.08 22.18 -5.24
C MET E 183 22.97 22.06 -4.00
N ALA E 184 24.00 21.21 -4.08
CA ALA E 184 24.88 20.99 -2.93
C ALA E 184 25.33 22.31 -2.30
N GLY E 185 25.19 22.40 -0.97
CA GLY E 185 25.69 23.52 -0.19
C GLY E 185 24.67 24.62 0.03
N LEU E 186 23.50 24.45 -0.55
CA LEU E 186 22.51 25.51 -0.59
C LEU E 186 21.55 25.39 0.59
N ASP E 187 21.76 24.36 1.41
CA ASP E 187 20.80 24.01 2.45
C ASP E 187 20.68 25.08 3.51
N GLU E 188 21.83 25.65 3.87
CA GLU E 188 21.88 26.56 5.00
C GLU E 188 21.02 27.80 4.71
N GLN E 189 21.12 28.31 3.50
CA GLN E 189 20.35 29.49 3.13
C GLN E 189 18.85 29.19 3.13
N ILE E 190 18.48 28.01 2.61
CA ILE E 190 17.08 27.57 2.59
C ILE E 190 16.55 27.34 4.00
N ARG E 191 17.38 26.74 4.85
CA ARG E 191 17.02 26.55 6.27
C ARG E 191 16.69 27.87 6.93
N GLN E 192 17.58 28.85 6.75
CA GLN E 192 17.41 30.17 7.32
C GLN E 192 16.15 30.83 6.80
N ARG E 193 15.86 30.57 5.53
CA ARG E 193 14.73 31.18 4.84
C ARG E 193 13.39 30.46 5.16
N THR E 194 13.47 29.18 5.56
CA THR E 194 12.25 28.39 5.86
C THR E 194 11.99 28.08 7.34
N GLY E 195 13.06 27.97 8.14
CA GLY E 195 12.93 27.59 9.53
C GLY E 195 12.77 26.10 9.83
N VAL E 196 13.10 25.25 8.86
CA VAL E 196 13.09 23.79 9.04
C VAL E 196 14.46 23.19 8.67
N PRO E 197 14.79 21.99 9.17
CA PRO E 197 16.05 21.37 8.74
C PRO E 197 16.08 21.12 7.23
N VAL E 198 17.22 21.39 6.60
CA VAL E 198 17.34 21.13 5.17
C VAL E 198 18.48 20.17 4.97
N VAL E 199 18.22 19.08 4.26
CA VAL E 199 19.25 18.07 4.08
C VAL E 199 19.86 18.15 2.69
N ASP E 200 21.18 18.20 2.65
CA ASP E 200 21.94 18.16 1.41
C ASP E 200 22.37 16.72 1.23
N GLY E 201 21.84 16.07 0.20
CA GLY E 201 22.12 14.67 -0.06
C GLY E 201 23.61 14.41 -0.22
N VAL E 202 24.33 15.38 -0.76
CA VAL E 202 25.76 15.19 -0.92
C VAL E 202 26.47 14.99 0.43
N THR E 203 26.26 15.91 1.36
CA THR E 203 26.93 15.83 2.64
C THR E 203 26.33 14.75 3.50
N ALA E 204 25.02 14.55 3.38
CA ALA E 204 24.40 13.42 4.03
C ALA E 204 25.08 12.12 3.60
N ALA E 205 25.24 11.96 2.29
CA ALA E 205 25.81 10.73 1.74
C ALA E 205 27.22 10.48 2.22
N VAL E 206 28.00 11.56 2.33
CA VAL E 206 29.37 11.43 2.82
C VAL E 206 29.39 10.78 4.18
N THR E 207 28.57 11.29 5.09
CA THR E 207 28.54 10.77 6.45
C THR E 207 28.07 9.32 6.46
N ILE E 208 27.11 9.02 5.59
CA ILE E 208 26.59 7.66 5.53
C ILE E 208 27.68 6.71 5.02
N ALA E 209 28.34 7.08 3.93
CA ALA E 209 29.43 6.24 3.40
C ALA E 209 30.54 6.03 4.42
N GLU E 210 30.96 7.10 5.09
CA GLU E 210 31.99 6.99 6.14
C GLU E 210 31.52 6.05 7.21
N SER E 211 30.24 6.19 7.58
CA SER E 211 29.66 5.37 8.63
C SER E 211 29.72 3.89 8.27
N LEU E 212 29.32 3.57 7.05
CA LEU E 212 29.30 2.18 6.57
C LEU E 212 30.70 1.59 6.60
N VAL E 213 31.69 2.36 6.13
CA VAL E 213 33.07 1.92 6.19
C VAL E 213 33.49 1.71 7.64
N ARG E 214 33.20 2.70 8.50
CA ARG E 214 33.57 2.60 9.92
C ARG E 214 32.98 1.40 10.63
N LEU E 215 31.77 1.03 10.21
CA LEU E 215 31.03 -0.07 10.84
C LEU E 215 31.42 -1.41 10.23
N GLY E 216 32.31 -1.37 9.23
CA GLY E 216 32.73 -2.59 8.55
C GLY E 216 31.62 -3.21 7.72
N LEU E 217 30.78 -2.36 7.13
CA LEU E 217 29.62 -2.82 6.38
C LEU E 217 29.78 -2.57 4.87
N SER E 218 29.36 -3.55 4.07
CA SER E 218 29.32 -3.35 2.62
C SER E 218 28.11 -4.00 2.00
N THR E 219 27.90 -3.75 0.70
CA THR E 219 26.78 -4.31 -0.03
C THR E 219 26.67 -5.82 0.16
N SER E 220 25.48 -6.31 0.42
CA SER E 220 25.26 -7.75 0.48
C SER E 220 25.44 -8.37 -0.89
N LYS E 221 26.24 -9.43 -0.98
CA LYS E 221 26.50 -10.05 -2.28
C LYS E 221 25.73 -11.34 -2.43
N ILE E 222 24.72 -11.54 -1.58
CA ILE E 222 24.01 -12.82 -1.50
C ILE E 222 22.99 -13.06 -2.62
N ARG E 223 22.38 -12.01 -3.16
CA ARG E 223 21.30 -12.26 -4.12
C ARG E 223 21.27 -11.21 -5.20
N THR E 224 20.47 -10.17 -4.98
CA THR E 224 20.23 -9.13 -5.97
C THR E 224 21.53 -8.48 -6.45
N TYR E 225 22.45 -8.25 -5.51
CA TYR E 225 23.67 -7.50 -5.82
C TYR E 225 24.92 -8.38 -5.86
N ALA E 226 24.71 -9.66 -6.10
CA ALA E 226 25.81 -10.58 -6.33
C ALA E 226 26.66 -10.09 -7.50
N THR E 227 27.92 -10.51 -7.53
CA THR E 227 28.82 -10.20 -8.64
C THR E 227 28.15 -10.57 -9.96
N PRO E 228 28.26 -9.71 -11.00
CA PRO E 228 27.66 -10.17 -12.25
C PRO E 228 28.25 -11.51 -12.66
N ARG E 229 27.41 -12.39 -13.18
CA ARG E 229 27.85 -13.70 -13.68
C ARG E 229 28.74 -13.50 -14.91
N PRO E 230 29.93 -14.13 -14.92
CA PRO E 230 30.84 -13.97 -16.07
C PRO E 230 30.28 -14.57 -17.35
N LYS E 231 30.32 -13.79 -18.41
CA LYS E 231 29.72 -14.18 -19.67
C LYS E 231 30.23 -13.27 -20.75
N LYS E 232 29.85 -13.57 -21.99
CA LYS E 232 30.26 -12.77 -23.11
C LYS E 232 29.51 -11.44 -23.02
N VAL E 233 30.24 -10.34 -22.86
CA VAL E 233 29.57 -9.06 -23.02
C VAL E 233 30.34 -8.15 -23.98
N ILE E 234 29.64 -7.74 -25.04
CA ILE E 234 30.22 -6.96 -26.13
C ILE E 234 30.20 -5.46 -25.87
N GLY E 235 31.26 -4.80 -26.29
CA GLY E 235 31.47 -3.37 -26.05
C GLY E 235 31.44 -2.94 -24.59
N TRP E 236 32.19 -3.63 -23.75
CA TRP E 236 32.35 -3.25 -22.36
C TRP E 236 33.68 -3.83 -21.86
N PRO E 237 34.49 -3.02 -21.17
CA PRO E 237 34.21 -1.66 -20.71
C PRO E 237 34.48 -0.62 -21.79
N MET F 1 31.71 16.08 21.12
CA MET F 1 30.27 16.00 21.29
C MET F 1 29.92 14.95 22.33
N ARG F 2 28.76 15.10 22.97
CA ARG F 2 28.31 14.09 23.91
C ARG F 2 26.99 13.46 23.47
N ILE F 3 26.98 12.14 23.42
CA ILE F 3 25.77 11.42 23.03
C ILE F 3 25.32 10.55 24.18
N LEU F 4 24.08 10.73 24.63
CA LEU F 4 23.49 9.81 25.59
C LEU F 4 23.03 8.55 24.88
N VAL F 5 23.41 7.41 25.44
CA VAL F 5 22.91 6.15 24.95
C VAL F 5 22.07 5.58 26.07
N VAL F 6 20.76 5.60 25.89
CA VAL F 6 19.86 5.32 27.00
C VAL F 6 19.29 3.94 26.83
N ASN F 7 19.59 3.09 27.81
CA ASN F 7 19.00 1.77 27.88
C ASN F 7 17.51 1.92 28.09
N VAL F 8 16.76 0.99 27.54
CA VAL F 8 15.32 1.03 27.60
C VAL F 8 14.79 0.28 28.84
N ASN F 9 15.60 -0.66 29.33
CA ASN F 9 15.29 -1.40 30.55
C ASN F 9 16.13 -0.94 31.72
N THR F 10 15.88 -1.50 32.89
CA THR F 10 16.54 -1.04 34.11
C THR F 10 17.72 -1.94 34.51
N THR F 11 18.10 -2.85 33.63
CA THR F 11 19.24 -3.73 33.88
C THR F 11 20.52 -2.97 33.57
N ALA F 12 21.21 -2.51 34.62
CA ALA F 12 22.37 -1.65 34.48
C ALA F 12 23.54 -2.31 33.72
N SER F 13 23.62 -3.63 33.81
CA SER F 13 24.69 -4.35 33.12
C SER F 13 24.51 -4.28 31.61
N ILE F 14 23.27 -4.28 31.17
CA ILE F 14 22.97 -4.15 29.74
C ILE F 14 23.35 -2.75 29.26
N THR F 15 23.07 -1.74 30.07
CA THR F 15 23.48 -0.38 29.77
C THR F 15 24.97 -0.24 29.50
N GLU F 16 25.78 -0.83 30.37
CA GLU F 16 27.23 -0.77 30.19
C GLU F 16 27.66 -1.51 28.93
N THR F 17 27.06 -2.68 28.71
CA THR F 17 27.32 -3.45 27.51
C THR F 17 27.02 -2.59 26.27
N ILE F 18 25.86 -1.94 26.27
CA ILE F 18 25.44 -1.10 25.15
C ILE F 18 26.39 0.06 24.99
N ALA F 19 26.70 0.70 26.11
CA ALA F 19 27.55 1.86 26.14
C ALA F 19 28.94 1.52 25.61
N GLU F 20 29.40 0.33 25.99
CA GLU F 20 30.70 -0.19 25.56
C GLU F 20 30.70 -0.34 24.05
N GLN F 21 29.63 -0.94 23.53
CA GLN F 21 29.47 -1.14 22.09
C GLN F 21 29.46 0.19 21.36
N ALA F 22 28.80 1.18 21.93
CA ALA F 22 28.77 2.51 21.35
C ALA F 22 30.16 3.15 21.34
N ARG F 23 30.86 3.03 22.46
CA ARG F 23 32.21 3.61 22.56
C ARG F 23 33.19 3.02 21.56
N ALA F 24 33.01 1.74 21.24
CA ALA F 24 33.91 1.07 20.29
C ALA F 24 33.91 1.69 18.88
N VAL F 25 32.80 2.26 18.44
CA VAL F 25 32.75 2.86 17.10
C VAL F 25 32.74 4.37 17.15
N ALA F 26 32.59 4.94 18.35
CA ALA F 26 32.49 6.39 18.48
C ALA F 26 33.73 7.05 17.89
N SER F 27 33.54 8.13 17.13
CA SER F 27 34.65 8.87 16.55
C SER F 27 35.46 9.59 17.63
N PRO F 28 36.72 9.91 17.34
CA PRO F 28 37.47 10.73 18.30
C PRO F 28 36.70 12.03 18.56
N GLY F 29 36.56 12.42 19.82
CA GLY F 29 35.84 13.64 20.17
C GLY F 29 34.38 13.40 20.52
N THR F 30 33.94 12.17 20.34
CA THR F 30 32.59 11.79 20.70
C THR F 30 32.59 11.13 22.07
N GLU F 31 31.87 11.72 23.02
CA GLU F 31 31.73 11.09 24.34
C GLU F 31 30.41 10.32 24.42
N ILE F 32 30.49 9.08 24.88
CA ILE F 32 29.31 8.25 25.10
C ILE F 32 28.97 8.21 26.59
N VAL F 33 27.72 8.54 26.93
CA VAL F 33 27.21 8.37 28.28
C VAL F 33 26.03 7.40 28.29
N GLY F 34 26.24 6.21 28.87
CA GLY F 34 25.18 5.22 28.98
C GLY F 34 24.32 5.53 30.20
N LEU F 35 23.01 5.59 30.01
CA LEU F 35 22.08 5.89 31.09
C LEU F 35 21.09 4.76 31.27
N THR F 36 20.82 4.42 32.53
CA THR F 36 19.81 3.42 32.90
C THR F 36 18.64 4.20 33.49
N PRO F 37 17.42 3.96 33.00
CA PRO F 37 16.25 4.67 33.52
C PRO F 37 16.05 4.38 35.00
N TYR F 38 15.39 5.29 35.72
CA TYR F 38 15.19 5.16 37.16
C TYR F 38 14.04 4.22 37.50
N PHE F 39 13.19 3.92 36.53
CA PHE F 39 12.12 2.95 36.76
C PHE F 39 11.80 2.16 35.49
N GLY F 40 10.98 1.11 35.64
CA GLY F 40 10.61 0.25 34.52
C GLY F 40 11.06 -1.19 34.68
N ALA F 41 10.79 -2.00 33.67
CA ALA F 41 11.05 -3.43 33.74
C ALA F 41 12.52 -3.74 33.47
N GLU F 42 12.99 -4.87 34.01
CA GLU F 42 14.38 -5.28 33.81
C GLU F 42 14.64 -5.70 32.36
N SER F 43 13.56 -6.06 31.66
CA SER F 43 13.61 -6.32 30.23
C SER F 43 12.29 -5.90 29.62
N VAL F 44 12.34 -5.30 28.44
CA VAL F 44 11.10 -4.82 27.83
C VAL F 44 10.56 -5.77 26.79
N GLU F 45 9.47 -6.46 27.13
CA GLU F 45 8.96 -7.53 26.30
C GLU F 45 7.46 -7.39 26.02
N GLY F 46 7.06 -6.29 25.41
CA GLY F 46 5.65 -6.09 25.14
C GLY F 46 5.22 -4.66 25.29
N ASN F 47 3.95 -4.40 24.96
CA ASN F 47 3.44 -3.03 24.93
C ASN F 47 3.49 -2.33 26.29
N PHE F 48 3.04 -3.00 27.34
CA PHE F 48 3.00 -2.35 28.65
C PHE F 48 4.41 -1.94 29.09
N GLU F 49 5.35 -2.87 29.02
CA GLU F 49 6.74 -2.55 29.39
C GLU F 49 7.32 -1.47 28.48
N SER F 50 6.93 -1.51 27.21
CA SER F 50 7.39 -0.55 26.21
C SER F 50 6.90 0.86 26.46
N TYR F 51 5.61 0.98 26.76
CA TYR F 51 5.03 2.29 27.09
C TYR F 51 5.63 2.82 28.37
N LEU F 52 5.87 1.92 29.30
CA LEU F 52 6.55 2.27 30.54
C LEU F 52 7.98 2.74 30.27
N ALA F 53 8.68 2.02 29.39
CA ALA F 53 10.05 2.38 29.06
C ALA F 53 10.15 3.76 28.41
N ALA F 54 9.17 4.10 27.59
CA ALA F 54 9.16 5.40 26.90
C ALA F 54 9.29 6.58 27.85
N ILE F 55 8.45 6.59 28.89
CA ILE F 55 8.48 7.66 29.91
C ILE F 55 9.72 7.53 30.76
N ALA F 56 10.06 6.28 31.09
CA ALA F 56 11.27 5.97 31.86
C ALA F 56 12.48 6.57 31.15
N VAL F 57 12.54 6.38 29.84
CA VAL F 57 13.63 6.93 29.04
C VAL F 57 13.57 8.46 29.03
N MET F 58 12.38 8.97 28.75
CA MET F 58 12.15 10.42 28.77
C MET F 58 12.49 11.03 30.12
N ASP F 59 12.00 10.40 31.19
CA ASP F 59 12.33 10.85 32.55
C ASP F 59 13.84 10.86 32.74
N ARG F 60 14.50 9.78 32.34
CA ARG F 60 15.94 9.62 32.57
C ARG F 60 16.73 10.69 31.83
N VAL F 61 16.33 10.99 30.61
CA VAL F 61 17.03 11.98 29.81
C VAL F 61 16.81 13.37 30.38
N MET F 62 15.58 13.67 30.77
CA MET F 62 15.30 14.96 31.36
C MET F 62 16.10 15.14 32.66
N ALA F 63 16.04 14.16 33.54
CA ALA F 63 16.89 14.15 34.74
C ALA F 63 18.40 14.37 34.49
N TYR F 64 18.89 14.09 33.29
CA TYR F 64 20.33 14.25 33.00
C TYR F 64 20.65 15.73 33.00
N ASP F 65 21.67 16.12 33.76
CA ASP F 65 21.96 17.53 33.97
C ASP F 65 23.15 18.12 33.23
N GLN F 66 23.93 17.27 32.56
CA GLN F 66 25.06 17.77 31.77
C GLN F 66 24.62 18.03 30.32
N PRO F 67 25.29 18.98 29.65
CA PRO F 67 24.95 19.25 28.26
C PRO F 67 25.14 18.01 27.38
N PHE F 68 24.39 17.92 26.29
CA PHE F 68 24.55 16.80 25.35
C PHE F 68 24.10 17.19 23.95
N ASP F 69 24.63 16.48 22.95
CA ASP F 69 24.45 16.87 21.56
C ASP F 69 23.51 15.96 20.77
N ALA F 70 23.24 14.78 21.34
CA ALA F 70 22.31 13.84 20.71
C ALA F 70 21.95 12.78 21.71
N VAL F 71 20.85 12.09 21.41
CA VAL F 71 20.37 11.01 22.24
C VAL F 71 20.07 9.79 21.40
N ILE F 72 20.56 8.65 21.87
CA ILE F 72 20.24 7.37 21.28
C ILE F 72 19.33 6.60 22.22
N GLN F 73 18.17 6.20 21.72
CA GLN F 73 17.30 5.32 22.49
C GLN F 73 17.63 3.90 22.08
N ALA F 74 18.15 3.14 23.04
CA ALA F 74 18.77 1.85 22.78
C ALA F 74 17.88 0.69 23.12
N GLY F 75 16.78 0.54 22.40
CA GLY F 75 15.96 -0.64 22.54
C GLY F 75 15.38 -0.99 21.18
N TYR F 76 15.11 -2.26 20.94
CA TYR F 76 14.52 -2.59 19.67
C TYR F 76 12.98 -2.73 19.69
N GLY F 77 12.32 -1.75 19.09
CA GLY F 77 10.88 -1.77 18.92
C GLY F 77 10.03 -1.21 20.04
N GLU F 78 10.63 -0.49 20.99
CA GLU F 78 9.83 0.18 22.01
C GLU F 78 9.44 1.57 21.58
N HIS F 79 8.49 2.12 22.33
CA HIS F 79 7.98 3.46 22.10
C HIS F 79 8.87 4.55 22.72
N GLY F 80 8.60 5.80 22.35
CA GLY F 80 9.15 6.94 23.06
C GLY F 80 9.95 7.94 22.26
N ARG F 81 10.52 7.50 21.13
CA ARG F 81 11.36 8.37 20.30
C ARG F 81 10.72 9.73 20.02
N GLU F 82 9.46 9.67 19.61
CA GLU F 82 8.71 10.88 19.29
C GLU F 82 8.59 11.79 20.49
N GLY F 83 8.53 11.21 21.70
CA GLY F 83 8.48 12.00 22.91
C GLY F 83 9.78 12.73 23.14
N LEU F 84 10.89 12.01 23.05
CA LEU F 84 12.21 12.63 23.15
C LEU F 84 12.33 13.72 22.11
N GLN F 85 11.89 13.44 20.89
CA GLN F 85 11.99 14.43 19.81
C GLN F 85 11.27 15.75 20.13
N GLU F 86 10.13 15.69 20.81
CA GLU F 86 9.41 16.92 21.22
C GLU F 86 10.17 17.62 22.34
N LEU F 87 10.63 16.83 23.31
CA LEU F 87 11.32 17.36 24.49
C LEU F 87 12.69 17.96 24.19
N LEU F 88 13.39 17.41 23.20
CA LEU F 88 14.79 17.79 22.95
C LEU F 88 14.92 18.66 21.73
N ASN F 89 15.96 19.49 21.72
CA ASN F 89 16.34 20.26 20.54
C ASN F 89 17.66 19.75 20.01
N VAL F 90 17.90 18.45 20.23
CA VAL F 90 19.03 17.73 19.66
C VAL F 90 18.49 16.50 18.94
N PRO F 91 19.24 15.98 17.95
CA PRO F 91 18.76 14.79 17.26
C PRO F 91 18.57 13.58 18.18
N VAL F 92 17.53 12.81 17.88
CA VAL F 92 17.24 11.58 18.61
C VAL F 92 17.29 10.43 17.62
N VAL F 93 18.06 9.38 17.91
CA VAL F 93 17.99 8.23 17.03
C VAL F 93 17.79 6.93 17.79
N ASP F 94 16.78 6.19 17.34
CA ASP F 94 16.46 4.95 17.96
C ASP F 94 17.20 3.85 17.21
N ILE F 95 17.73 2.87 17.95
CA ILE F 95 18.56 1.85 17.32
C ILE F 95 17.77 1.00 16.32
N THR F 96 16.46 0.93 16.53
CA THR F 96 15.59 0.21 15.63
C THR F 96 15.61 0.79 14.23
N GLU F 97 15.30 2.08 14.13
CA GLU F 97 15.31 2.78 12.87
C GLU F 97 16.73 2.94 12.34
N ALA F 98 17.68 3.11 13.25
CA ALA F 98 19.09 3.17 12.85
C ALA F 98 19.51 1.88 12.16
N ALA F 99 19.18 0.73 12.73
CA ALA F 99 19.52 -0.54 12.11
C ALA F 99 18.87 -0.74 10.73
N ALA F 100 17.56 -0.52 10.66
CA ALA F 100 16.83 -0.73 9.42
C ALA F 100 17.29 0.25 8.34
N SER F 101 17.44 1.50 8.71
CA SER F 101 17.86 2.52 7.74
C SER F 101 19.25 2.22 7.15
N THR F 102 20.22 1.85 7.98
CA THR F 102 21.53 1.59 7.38
C THR F 102 21.53 0.29 6.60
N ALA F 103 20.79 -0.72 7.07
CA ALA F 103 20.69 -1.98 6.34
C ALA F 103 20.14 -1.76 4.94
N MET F 104 19.25 -0.78 4.80
CA MET F 104 18.65 -0.54 3.50
C MET F 104 19.66 -0.04 2.47
N PHE F 105 20.79 0.48 2.92
CA PHE F 105 21.88 0.85 2.00
C PHE F 105 22.68 -0.37 1.50
N LEU F 106 22.46 -1.53 2.11
CA LEU F 106 23.34 -2.69 1.90
C LEU F 106 22.76 -3.83 1.08
N GLY F 107 21.44 -3.84 0.87
CA GLY F 107 20.80 -4.95 0.18
C GLY F 107 19.38 -4.63 -0.25
N HIS F 108 18.78 -5.52 -1.03
CA HIS F 108 17.46 -5.25 -1.60
C HIS F 108 16.37 -5.34 -0.53
N ALA F 109 16.63 -6.15 0.49
CA ALA F 109 15.68 -6.37 1.58
C ALA F 109 16.47 -6.73 2.82
N TYR F 110 15.94 -6.32 3.98
CA TYR F 110 16.59 -6.65 5.24
C TYR F 110 15.63 -7.40 6.14
N SER F 111 16.16 -8.20 7.07
CA SER F 111 15.31 -8.78 8.11
C SER F 111 15.80 -8.42 9.49
N VAL F 112 14.88 -8.31 10.44
CA VAL F 112 15.31 -8.16 11.82
C VAL F 112 15.05 -9.44 12.60
N VAL F 113 16.05 -9.87 13.34
CA VAL F 113 15.94 -11.06 14.15
C VAL F 113 15.87 -10.61 15.60
N THR F 114 14.77 -10.93 16.25
CA THR F 114 14.60 -10.52 17.63
C THR F 114 14.52 -11.71 18.57
N THR F 115 14.15 -11.41 19.79
CA THR F 115 14.13 -12.36 20.88
C THR F 115 12.82 -13.11 20.92
N LEU F 116 11.82 -12.47 21.53
CA LEU F 116 10.51 -13.08 21.71
C LEU F 116 9.56 -12.84 20.55
N ASP F 117 8.74 -13.84 20.29
CA ASP F 117 7.70 -13.76 19.27
C ASP F 117 6.72 -12.60 19.52
N ARG F 118 6.40 -12.34 20.77
CA ARG F 118 5.42 -11.31 21.12
C ARG F 118 5.93 -9.88 20.88
N THR F 119 7.25 -9.74 20.73
CA THR F 119 7.84 -8.46 20.42
C THR F 119 7.88 -8.22 18.91
N VAL F 120 7.64 -9.27 18.13
CA VAL F 120 7.68 -9.15 16.67
C VAL F 120 6.71 -8.10 16.14
N PRO F 121 5.42 -8.18 16.54
CA PRO F 121 4.48 -7.17 16.02
C PRO F 121 4.82 -5.74 16.46
N LEU F 122 5.48 -5.59 17.61
CA LEU F 122 5.94 -4.29 18.08
C LEU F 122 7.02 -3.70 17.17
N ILE F 123 8.03 -4.51 16.84
CA ILE F 123 9.07 -4.06 15.93
C ILE F 123 8.47 -3.71 14.56
N GLU F 124 7.61 -4.60 14.08
CA GLU F 124 6.89 -4.37 12.82
C GLU F 124 6.16 -3.04 12.85
N ASP F 125 5.45 -2.79 13.95
CA ASP F 125 4.71 -1.55 14.07
C ASP F 125 5.61 -0.32 14.08
N ARG F 126 6.74 -0.41 14.79
CA ARG F 126 7.69 0.72 14.81
C ARG F 126 8.29 1.00 13.42
N LEU F 127 8.66 -0.05 12.69
CA LEU F 127 9.26 0.14 11.37
C LEU F 127 8.28 0.74 10.37
N LYS F 128 7.03 0.29 10.46
CA LYS F 128 5.97 0.81 9.61
C LYS F 128 5.72 2.29 9.88
N LEU F 129 5.66 2.65 11.16
CA LEU F 129 5.43 4.03 11.56
C LEU F 129 6.60 4.88 11.11
N ALA F 130 7.81 4.32 11.18
CA ALA F 130 9.01 5.04 10.80
C ALA F 130 9.17 5.13 9.28
N GLY F 131 8.29 4.45 8.56
CA GLY F 131 8.34 4.40 7.11
C GLY F 131 9.53 3.61 6.60
N LEU F 132 9.93 2.58 7.34
CA LEU F 132 11.09 1.76 6.97
C LEU F 132 10.75 0.27 6.73
N TYR F 133 9.46 -0.07 6.73
CA TYR F 133 9.07 -1.47 6.63
C TYR F 133 9.00 -1.98 5.18
N GLN F 134 8.91 -1.07 4.22
CA GLN F 134 8.79 -1.48 2.82
C GLN F 134 9.88 -2.45 2.39
N ARG F 135 11.11 -2.18 2.82
CA ARG F 135 12.22 -3.05 2.44
C ARG F 135 12.55 -4.12 3.48
N CYS F 136 11.68 -4.26 4.47
CA CYS F 136 11.84 -5.31 5.48
C CYS F 136 11.24 -6.62 5.00
N ALA F 137 12.09 -7.63 4.83
CA ALA F 137 11.62 -8.95 4.38
C ALA F 137 10.83 -9.68 5.47
N SER F 138 11.21 -9.47 6.74
CA SER F 138 10.56 -10.10 7.87
C SER F 138 11.16 -9.60 9.19
N VAL F 139 10.37 -9.71 10.25
CA VAL F 139 10.87 -9.60 11.61
C VAL F 139 10.63 -10.97 12.21
N ARG F 140 11.71 -11.61 12.63
CA ARG F 140 11.64 -12.99 13.10
C ARG F 140 12.10 -13.09 14.55
N ALA F 141 11.47 -13.99 15.29
CA ALA F 141 11.84 -14.21 16.68
C ALA F 141 12.67 -15.46 16.82
N SER F 142 13.74 -15.35 17.59
CA SER F 142 14.59 -16.47 17.92
C SER F 142 13.87 -17.43 18.86
N GLY F 143 13.02 -16.88 19.72
CA GLY F 143 12.30 -17.68 20.71
C GLY F 143 12.94 -17.64 22.07
N MET F 144 13.96 -16.80 22.23
CA MET F 144 14.65 -16.62 23.51
C MET F 144 14.48 -15.19 24.01
N ALA F 145 14.04 -15.03 25.25
CA ALA F 145 13.84 -13.70 25.85
C ALA F 145 15.14 -12.90 26.03
N VAL F 146 15.01 -11.58 26.17
CA VAL F 146 16.16 -10.68 26.31
C VAL F 146 17.17 -11.17 27.36
N LEU F 147 16.67 -11.54 28.54
CA LEU F 147 17.55 -11.98 29.62
C LEU F 147 18.13 -13.38 29.44
N GLU F 148 17.49 -14.22 28.63
CA GLU F 148 18.01 -15.57 28.41
C GLU F 148 19.26 -15.56 27.52
N LEU F 149 19.50 -14.46 26.82
CA LEU F 149 20.66 -14.34 25.94
C LEU F 149 21.91 -14.39 26.78
N GLU F 150 21.85 -13.71 27.93
CA GLU F 150 22.94 -13.68 28.89
C GLU F 150 22.77 -14.79 29.92
N GLU F 151 21.92 -15.78 29.64
CA GLU F 151 21.83 -16.98 30.48
C GLU F 151 22.50 -18.18 29.80
N ASP F 152 22.31 -18.26 28.49
CA ASP F 152 22.83 -19.36 27.68
C ASP F 152 23.22 -18.81 26.31
N PRO F 153 24.41 -18.21 26.21
CA PRO F 153 24.75 -17.48 24.99
C PRO F 153 24.88 -18.40 23.77
N VAL F 154 25.22 -19.67 23.98
CA VAL F 154 25.38 -20.61 22.86
C VAL F 154 24.05 -21.02 22.18
N ALA F 155 23.06 -21.45 22.95
CA ALA F 155 21.79 -21.88 22.37
C ALA F 155 21.01 -20.73 21.75
N ALA F 156 21.06 -19.57 22.42
CA ALA F 156 20.41 -18.37 21.92
C ALA F 156 21.06 -17.91 20.62
N MET F 157 22.39 -17.90 20.61
CA MET F 157 23.12 -17.53 19.40
C MET F 157 22.72 -18.48 18.28
N GLU F 158 22.66 -19.77 18.57
CA GLU F 158 22.25 -20.75 17.58
C GLU F 158 20.82 -20.48 17.08
N ALA F 159 19.93 -20.17 18.02
CA ALA F 159 18.56 -19.86 17.67
C ALA F 159 18.52 -18.62 16.78
N ILE F 160 19.38 -17.65 17.08
CA ILE F 160 19.42 -16.43 16.29
C ILE F 160 19.95 -16.63 14.87
N VAL F 161 21.08 -17.32 14.69
CA VAL F 161 21.58 -17.56 13.32
C VAL F 161 20.58 -18.35 12.50
N ARG F 162 19.89 -19.27 13.16
CA ARG F 162 18.88 -20.06 12.50
C ARG F 162 17.80 -19.16 11.91
N GLN F 163 17.36 -18.19 12.70
CA GLN F 163 16.36 -17.25 12.21
C GLN F 163 16.94 -16.38 11.09
N ALA F 164 18.20 -15.97 11.22
CA ALA F 164 18.86 -15.21 10.16
C ALA F 164 18.95 -16.06 8.88
N GLU F 165 19.29 -17.33 9.02
CA GLU F 165 19.34 -18.22 7.88
C GLU F 165 17.99 -18.34 7.20
N LEU F 166 16.94 -18.46 8.00
CA LEU F 166 15.60 -18.60 7.45
C LEU F 166 15.12 -17.29 6.82
N ALA F 167 15.47 -16.18 7.45
CA ALA F 167 15.15 -14.87 6.88
C ALA F 167 15.76 -14.74 5.49
N ILE F 168 16.99 -15.23 5.34
CA ILE F 168 17.66 -15.19 4.05
C ILE F 168 17.04 -16.12 3.02
N ARG F 169 16.85 -17.37 3.43
CA ARG F 169 16.41 -18.43 2.54
C ARG F 169 14.93 -18.33 2.17
N GLU F 170 14.08 -18.17 3.17
CA GLU F 170 12.63 -18.13 2.94
C GLU F 170 12.10 -16.73 2.66
N ASP F 171 12.59 -15.74 3.40
CA ASP F 171 12.03 -14.38 3.30
C ASP F 171 12.79 -13.49 2.30
N LYS F 172 13.94 -13.97 1.83
CA LYS F 172 14.79 -13.24 0.88
C LYS F 172 15.46 -12.00 1.48
N ALA F 173 15.73 -12.03 2.79
CA ALA F 173 16.56 -11.01 3.40
C ALA F 173 17.95 -11.10 2.80
N GLU F 174 18.61 -9.95 2.67
CA GLU F 174 19.99 -9.89 2.18
C GLU F 174 20.90 -9.28 3.23
N VAL F 175 20.28 -8.67 4.24
CA VAL F 175 21.04 -8.16 5.39
C VAL F 175 20.22 -8.41 6.67
N ILE F 176 20.93 -8.67 7.75
CA ILE F 176 20.26 -8.98 9.02
C ILE F 176 20.43 -7.83 10.00
N CYS F 177 19.35 -7.41 10.62
CA CYS F 177 19.45 -6.48 11.74
C CYS F 177 19.23 -7.21 13.07
N LEU F 178 20.13 -7.00 14.02
CA LEU F 178 19.92 -7.49 15.39
C LEU F 178 18.67 -6.82 15.96
N GLY F 179 17.82 -7.61 16.60
CA GLY F 179 16.53 -7.12 17.06
C GLY F 179 16.39 -7.10 18.56
N CYS F 180 17.50 -6.86 19.24
CA CYS F 180 17.45 -6.56 20.66
C CYS F 180 18.68 -5.74 21.05
N GLY F 181 18.47 -4.73 21.89
CA GLY F 181 19.54 -3.86 22.32
C GLY F 181 20.64 -4.69 22.95
N GLY F 182 20.22 -5.73 23.68
CA GLY F 182 21.11 -6.68 24.31
C GLY F 182 21.78 -7.68 23.38
N MET F 183 21.49 -7.62 22.09
CA MET F 183 22.18 -8.49 21.14
C MET F 183 23.44 -7.83 20.60
N ALA F 184 23.63 -6.57 20.96
CA ALA F 184 24.75 -5.76 20.47
C ALA F 184 26.10 -6.49 20.56
N GLY F 185 26.84 -6.47 19.46
CA GLY F 185 28.18 -7.05 19.39
C GLY F 185 28.24 -8.47 18.84
N LEU F 186 27.08 -9.01 18.46
CA LEU F 186 26.98 -10.42 18.10
C LEU F 186 26.99 -10.72 16.58
N ASP F 187 27.19 -9.67 15.77
CA ASP F 187 27.01 -9.75 14.32
C ASP F 187 27.89 -10.76 13.58
N GLU F 188 29.07 -10.98 14.13
CA GLU F 188 30.16 -11.68 13.46
C GLU F 188 29.94 -13.14 13.07
N GLN F 189 29.38 -13.94 13.99
CA GLN F 189 29.15 -15.34 13.69
C GLN F 189 28.10 -15.52 12.61
N ILE F 190 27.04 -14.70 12.69
CA ILE F 190 25.99 -14.72 11.70
C ILE F 190 26.59 -14.43 10.35
N ARG F 191 27.47 -13.42 10.31
CA ARG F 191 28.06 -13.03 9.04
C ARG F 191 28.78 -14.19 8.38
N GLN F 192 29.65 -14.85 9.15
CA GLN F 192 30.43 -15.98 8.61
C GLN F 192 29.56 -17.11 8.11
N ARG F 193 28.48 -17.38 8.82
CA ARG F 193 27.61 -18.49 8.46
C ARG F 193 26.61 -18.15 7.37
N THR F 194 26.29 -16.87 7.22
CA THR F 194 25.29 -16.45 6.25
C THR F 194 25.94 -15.83 5.02
N GLY F 195 27.06 -15.16 5.23
CA GLY F 195 27.68 -14.43 4.15
C GLY F 195 26.95 -13.13 3.86
N VAL F 196 26.16 -12.64 4.81
CA VAL F 196 25.47 -11.36 4.62
C VAL F 196 25.87 -10.35 5.68
N PRO F 197 25.78 -9.04 5.35
CA PRO F 197 26.06 -8.00 6.34
C PRO F 197 25.08 -8.09 7.50
N VAL F 198 25.56 -7.84 8.69
CA VAL F 198 24.72 -7.82 9.86
C VAL F 198 24.85 -6.46 10.51
N VAL F 199 23.72 -5.82 10.73
CA VAL F 199 23.71 -4.47 11.25
C VAL F 199 23.38 -4.50 12.73
N ASP F 200 24.22 -3.84 13.52
CA ASP F 200 23.97 -3.62 14.93
C ASP F 200 23.43 -2.21 15.08
N GLY F 201 22.18 -2.11 15.50
CA GLY F 201 21.52 -0.82 15.68
C GLY F 201 22.24 0.12 16.63
N VAL F 202 22.89 -0.44 17.64
CA VAL F 202 23.62 0.41 18.59
C VAL F 202 24.74 1.15 17.89
N THR F 203 25.59 0.41 17.20
CA THR F 203 26.73 1.03 16.53
C THR F 203 26.29 1.85 15.33
N ALA F 204 25.29 1.37 14.61
CA ALA F 204 24.66 2.16 13.56
C ALA F 204 24.18 3.50 14.09
N ALA F 205 23.47 3.46 15.23
CA ALA F 205 22.88 4.68 15.81
C ALA F 205 23.93 5.70 16.18
N VAL F 206 25.06 5.21 16.68
CA VAL F 206 26.17 6.09 17.02
C VAL F 206 26.60 6.91 15.81
N THR F 207 26.80 6.23 14.69
CA THR F 207 27.26 6.91 13.48
C THR F 207 26.24 7.91 12.95
N ILE F 208 24.96 7.56 13.05
CA ILE F 208 23.92 8.45 12.56
C ILE F 208 23.81 9.67 13.48
N ALA F 209 23.77 9.43 14.79
CA ALA F 209 23.73 10.53 15.75
C ALA F 209 24.90 11.47 15.53
N GLU F 210 26.09 10.89 15.41
CA GLU F 210 27.30 11.66 15.11
C GLU F 210 27.19 12.46 13.83
N SER F 211 26.67 11.82 12.78
CA SER F 211 26.55 12.45 11.49
C SER F 211 25.64 13.66 11.54
N LEU F 212 24.50 13.49 12.21
CA LEU F 212 23.53 14.55 12.31
C LEU F 212 24.15 15.80 12.98
N VAL F 213 24.88 15.59 14.06
CA VAL F 213 25.59 16.68 14.75
C VAL F 213 26.60 17.32 13.81
N ARG F 214 27.38 16.48 13.13
CA ARG F 214 28.37 16.95 12.16
C ARG F 214 27.71 17.73 11.02
N LEU F 215 26.49 17.35 10.67
CA LEU F 215 25.79 18.00 9.57
C LEU F 215 25.03 19.25 10.05
N GLY F 216 25.08 19.50 11.35
CA GLY F 216 24.38 20.63 11.93
C GLY F 216 22.88 20.44 11.84
N LEU F 217 22.45 19.19 11.93
CA LEU F 217 21.03 18.85 11.77
C LEU F 217 20.41 18.48 13.11
N SER F 218 19.20 18.96 13.35
CA SER F 218 18.44 18.56 14.52
C SER F 218 16.98 18.39 14.19
N THR F 219 16.24 17.84 15.15
CA THR F 219 14.81 17.60 14.99
C THR F 219 14.07 18.84 14.54
N SER F 220 13.24 18.69 13.52
CA SER F 220 12.36 19.77 13.07
C SER F 220 11.33 20.09 14.14
N LYS F 221 11.21 21.37 14.48
CA LYS F 221 10.31 21.79 15.54
C LYS F 221 9.11 22.49 14.92
N ILE F 222 8.94 22.32 13.62
CA ILE F 222 7.92 23.09 12.91
C ILE F 222 6.50 22.58 13.19
N ARG F 223 6.35 21.29 13.49
CA ARG F 223 5.00 20.72 13.60
C ARG F 223 4.88 19.59 14.61
N THR F 224 5.03 18.36 14.12
CA THR F 224 4.81 17.19 14.96
C THR F 224 5.68 17.17 16.21
N TYR F 225 6.92 17.61 16.06
CA TYR F 225 7.86 17.51 17.17
C TYR F 225 8.19 18.85 17.79
N ALA F 226 7.32 19.83 17.60
CA ALA F 226 7.48 21.13 18.26
C ALA F 226 7.53 20.91 19.76
N THR F 227 8.17 21.85 20.46
CA THR F 227 8.23 21.79 21.92
C THR F 227 6.82 21.69 22.48
N PRO F 228 6.64 20.85 23.50
CA PRO F 228 5.30 20.78 24.07
C PRO F 228 4.84 22.15 24.56
N ARG F 229 3.57 22.44 24.32
CA ARG F 229 2.96 23.68 24.76
C ARG F 229 2.92 23.66 26.29
N PRO F 230 3.37 24.75 26.93
CA PRO F 230 3.42 24.84 28.40
C PRO F 230 2.03 24.79 29.03
N LYS F 231 1.87 23.95 30.04
CA LYS F 231 0.55 23.72 30.65
C LYS F 231 0.73 23.01 31.97
N LYS F 232 -0.36 22.83 32.71
CA LYS F 232 -0.29 22.11 33.96
C LYS F 232 -0.06 20.64 33.66
N VAL F 233 1.09 20.12 34.08
CA VAL F 233 1.32 18.68 34.00
C VAL F 233 1.85 18.08 35.31
N ILE F 234 1.15 17.07 35.81
CA ILE F 234 1.50 16.40 37.06
C ILE F 234 2.46 15.22 36.90
N GLY F 235 3.38 15.08 37.87
CA GLY F 235 4.37 14.01 37.92
C GLY F 235 5.02 13.54 36.63
#